data_9IHA
# 
_entry.id   9IHA 
# 
_audit_conform.dict_name       mmcif_pdbx.dic 
_audit_conform.dict_version    5.404 
_audit_conform.dict_location   http://mmcif.pdb.org/dictionaries/ascii/mmcif_pdbx.dic 
# 
loop_
_database_2.database_id 
_database_2.database_code 
_database_2.pdbx_database_accession 
_database_2.pdbx_DOI 
PDB   9IHA         pdb_00009iha 10.2210/pdb9iha/pdb 
WWPDB D_1292145668 ?            ?                   
# 
loop_
_pdbx_audit_revision_history.ordinal 
_pdbx_audit_revision_history.data_content_type 
_pdbx_audit_revision_history.major_revision 
_pdbx_audit_revision_history.minor_revision 
_pdbx_audit_revision_history.revision_date 
_pdbx_audit_revision_history.part_number 
1 'Structure model' 1 0 2025-08-06 ? 
2 'Structure model' 1 1 2025-08-13 ? 
# 
_pdbx_audit_revision_details.ordinal             1 
_pdbx_audit_revision_details.revision_ordinal    1 
_pdbx_audit_revision_details.data_content_type   'Structure model' 
_pdbx_audit_revision_details.provider            repository 
_pdbx_audit_revision_details.type                'Initial release' 
_pdbx_audit_revision_details.description         ? 
_pdbx_audit_revision_details.details             ? 
# 
_pdbx_audit_revision_group.ordinal             1 
_pdbx_audit_revision_group.revision_ordinal    2 
_pdbx_audit_revision_group.data_content_type   'Structure model' 
_pdbx_audit_revision_group.group               'Database references' 
# 
loop_
_pdbx_audit_revision_category.ordinal 
_pdbx_audit_revision_category.revision_ordinal 
_pdbx_audit_revision_category.data_content_type 
_pdbx_audit_revision_category.category 
1 2 'Structure model' citation        
2 2 'Structure model' citation_author 
# 
loop_
_pdbx_audit_revision_item.ordinal 
_pdbx_audit_revision_item.revision_ordinal 
_pdbx_audit_revision_item.data_content_type 
_pdbx_audit_revision_item.item 
1 2 'Structure model' '_citation.journal_volume'          
2 2 'Structure model' '_citation.page_first'              
3 2 'Structure model' '_citation.page_last'               
4 2 'Structure model' '_citation.pdbx_database_id_PubMed' 
# 
_pdbx_database_status.status_code                     REL 
_pdbx_database_status.status_code_sf                  REL 
_pdbx_database_status.status_code_mr                  ? 
_pdbx_database_status.entry_id                        9IHA 
_pdbx_database_status.recvd_initial_deposition_date   2025-02-20 
_pdbx_database_status.SG_entry                        N 
_pdbx_database_status.deposit_site                    PDBE 
_pdbx_database_status.process_site                    PDBE 
_pdbx_database_status.status_code_cs                  ? 
_pdbx_database_status.status_code_nmr_data            ? 
_pdbx_database_status.methods_development_category    ? 
_pdbx_database_status.pdb_format_compatible           N 
# 
loop_
_pdbx_contact_author.id 
_pdbx_contact_author.email 
_pdbx_contact_author.name_first 
_pdbx_contact_author.name_last 
_pdbx_contact_author.name_mi 
_pdbx_contact_author.role 
_pdbx_contact_author.identifier_ORCID 
4 ifrcri@ibmb.csic.es Ignacio Fita    ? 'principal investigator/group leader' 0000-0002-7521-2679 
5 luis.serrano@crg.eu Luis    Serrano ? 'principal investigator/group leader' 0000-0002-5276-1392 
# 
loop_
_audit_author.name 
_audit_author.pdbx_ordinal 
_audit_author.identifier_ORCID 
'Vizarraga, D.'  1 0000-0002-4478-0155 
'Fita, I.'       2 0000-0002-7521-2679 
'Cianferoni, D.' 3 0000-0003-0702-2758 
'Delgado, J.'    4 0000-0003-1302-5445 
'Serrano, L.'    5 0000-0002-5276-1392 
# 
_citation.abstract                  ? 
_citation.abstract_id_CAS           ? 
_citation.book_id_ISBN              ? 
_citation.book_publisher            ? 
_citation.book_publisher_city       ? 
_citation.book_title                ? 
_citation.coordinate_linkage        ? 
_citation.country                   US 
_citation.database_id_Medline       ? 
_citation.details                   ? 
_citation.id                        primary 
_citation.journal_abbrev            'Protein Sci.' 
_citation.journal_id_ASTM           PRCIEI 
_citation.journal_id_CSD            0795 
_citation.journal_id_ISSN           1469-896X 
_citation.journal_full              ? 
_citation.journal_issue             ? 
_citation.journal_volume            34 
_citation.language                  ? 
_citation.page_first                e70210 
_citation.page_last                 e70210 
_citation.title                     
'Artificial intelligence and first-principle methods in protein redesign: A marriage of convenience?' 
_citation.year                      2025 
_citation.database_id_CSD           ? 
_citation.pdbx_database_id_DOI      10.1002/pro.70210 
_citation.pdbx_database_id_PubMed   40671352 
_citation.pdbx_database_id_patent   ? 
_citation.unpublished_flag          ? 
# 
loop_
_citation_author.citation_id 
_citation_author.name 
_citation_author.ordinal 
_citation_author.identifier_ORCID 
primary 'Cianferoni, D.'            1 0000-0003-0702-2758 
primary 'Vizarraga, D.'             2 0000-0002-4478-0155 
primary 'Fernandez-Escamilla, A.M.' 3 ?                   
primary 'Fita, I.'                  4 ?                   
primary 'Hamdani, R.'               5 0009-0002-3654-0378 
primary 'Reche, R.'                 6 ?                   
primary 'Delgado, J.'               7 ?                   
primary 'Serrano, L.'               8 ?                   
# 
loop_
_entity.id 
_entity.type 
_entity.src_method 
_entity.pdbx_description 
_entity.formula_weight 
_entity.pdbx_number_of_molecules 
_entity.pdbx_ec 
_entity.pdbx_mutation 
_entity.pdbx_fragment 
_entity.details 
1 polymer     man 'Spectrin alpha chain, non-erythrocytic 1' 7455.496 1   ? 'V9L, A11V, M25V, V46F, V58L' ? ? 
2 non-polymer syn 'SULFATE ION'                              96.063   2   ? ?                             ? ? 
3 water       nat water                                      18.015   103 ? ?                             ? ? 
# 
_entity_name_com.entity_id   1 
_entity_name_com.name        'Alpha-II spectrin,Fodrin alpha chain' 
# 
_entity_poly.entity_id                      1 
_entity_poly.type                           'polypeptide(L)' 
_entity_poly.nstd_linkage                   no 
_entity_poly.nstd_monomer                   no 
_entity_poly.pdbx_seq_one_letter_code       GPMDETGKELLLVLYDYQEKSPREVTVKKGDILTLLNSTNKDWWKVEFNDRQGFVPAAYLKKLD 
_entity_poly.pdbx_seq_one_letter_code_can   GPMDETGKELLLVLYDYQEKSPREVTVKKGDILTLLNSTNKDWWKVEFNDRQGFVPAAYLKKLD 
_entity_poly.pdbx_strand_id                 AAA 
_entity_poly.pdbx_target_identifier         ? 
# 
loop_
_pdbx_entity_nonpoly.entity_id 
_pdbx_entity_nonpoly.name 
_pdbx_entity_nonpoly.comp_id 
2 'SULFATE ION' SO4 
3 water         HOH 
# 
loop_
_entity_poly_seq.entity_id 
_entity_poly_seq.num 
_entity_poly_seq.mon_id 
_entity_poly_seq.hetero 
1 1  GLY n 
1 2  PRO n 
1 3  MET n 
1 4  ASP n 
1 5  GLU n 
1 6  THR n 
1 7  GLY n 
1 8  LYS n 
1 9  GLU n 
1 10 LEU n 
1 11 LEU n 
1 12 LEU n 
1 13 VAL n 
1 14 LEU n 
1 15 TYR n 
1 16 ASP n 
1 17 TYR n 
1 18 GLN n 
1 19 GLU n 
1 20 LYS n 
1 21 SER n 
1 22 PRO n 
1 23 ARG n 
1 24 GLU n 
1 25 VAL n 
1 26 THR n 
1 27 VAL n 
1 28 LYS n 
1 29 LYS n 
1 30 GLY n 
1 31 ASP n 
1 32 ILE n 
1 33 LEU n 
1 34 THR n 
1 35 LEU n 
1 36 LEU n 
1 37 ASN n 
1 38 SER n 
1 39 THR n 
1 40 ASN n 
1 41 LYS n 
1 42 ASP n 
1 43 TRP n 
1 44 TRP n 
1 45 LYS n 
1 46 VAL n 
1 47 GLU n 
1 48 PHE n 
1 49 ASN n 
1 50 ASP n 
1 51 ARG n 
1 52 GLN n 
1 53 GLY n 
1 54 PHE n 
1 55 VAL n 
1 56 PRO n 
1 57 ALA n 
1 58 ALA n 
1 59 TYR n 
1 60 LEU n 
1 61 LYS n 
1 62 LYS n 
1 63 LEU n 
1 64 ASP n 
# 
_entity_src_gen.entity_id                          1 
_entity_src_gen.pdbx_src_id                        1 
_entity_src_gen.pdbx_alt_source_flag               sample 
_entity_src_gen.pdbx_seq_type                      'Biological sequence' 
_entity_src_gen.pdbx_beg_seq_num                   1 
_entity_src_gen.pdbx_end_seq_num                   64 
_entity_src_gen.gene_src_common_name               chicken 
_entity_src_gen.gene_src_genus                     ? 
_entity_src_gen.pdbx_gene_src_gene                 'SPTAN1, SPTA2' 
_entity_src_gen.gene_src_species                   ? 
_entity_src_gen.gene_src_strain                    ? 
_entity_src_gen.gene_src_tissue                    ? 
_entity_src_gen.gene_src_tissue_fraction           ? 
_entity_src_gen.gene_src_details                   ? 
_entity_src_gen.pdbx_gene_src_fragment             ? 
_entity_src_gen.pdbx_gene_src_scientific_name      'Gallus gallus' 
_entity_src_gen.pdbx_gene_src_ncbi_taxonomy_id     9031 
_entity_src_gen.pdbx_gene_src_variant              ? 
_entity_src_gen.pdbx_gene_src_cell_line            ? 
_entity_src_gen.pdbx_gene_src_atcc                 ? 
_entity_src_gen.pdbx_gene_src_organ                ? 
_entity_src_gen.pdbx_gene_src_organelle            ? 
_entity_src_gen.pdbx_gene_src_cell                 ? 
_entity_src_gen.pdbx_gene_src_cellular_location    ? 
_entity_src_gen.host_org_common_name               ? 
_entity_src_gen.pdbx_host_org_scientific_name      'Escherichia coli BL21(DE3)' 
_entity_src_gen.pdbx_host_org_ncbi_taxonomy_id     469008 
_entity_src_gen.host_org_genus                     ? 
_entity_src_gen.pdbx_host_org_gene                 ? 
_entity_src_gen.pdbx_host_org_organ                ? 
_entity_src_gen.host_org_species                   ? 
_entity_src_gen.pdbx_host_org_tissue               ? 
_entity_src_gen.pdbx_host_org_tissue_fraction      ? 
_entity_src_gen.pdbx_host_org_strain               ? 
_entity_src_gen.pdbx_host_org_variant              ? 
_entity_src_gen.pdbx_host_org_cell_line            ? 
_entity_src_gen.pdbx_host_org_atcc                 ? 
_entity_src_gen.pdbx_host_org_culture_collection   ? 
_entity_src_gen.pdbx_host_org_cell                 ? 
_entity_src_gen.pdbx_host_org_organelle            ? 
_entity_src_gen.pdbx_host_org_cellular_location    ? 
_entity_src_gen.pdbx_host_org_vector_type          ? 
_entity_src_gen.pdbx_host_org_vector               ? 
_entity_src_gen.host_org_details                   ? 
_entity_src_gen.expression_system_id               ? 
_entity_src_gen.plasmid_name                       ? 
_entity_src_gen.plasmid_details                    ? 
_entity_src_gen.pdbx_description                   ? 
# 
loop_
_chem_comp.id 
_chem_comp.type 
_chem_comp.mon_nstd_flag 
_chem_comp.name 
_chem_comp.pdbx_synonyms 
_chem_comp.formula 
_chem_comp.formula_weight 
ALA 'L-peptide linking' y ALANINE         ? 'C3 H7 N O2'     89.093  
ARG 'L-peptide linking' y ARGININE        ? 'C6 H15 N4 O2 1' 175.209 
ASN 'L-peptide linking' y ASPARAGINE      ? 'C4 H8 N2 O3'    132.118 
ASP 'L-peptide linking' y 'ASPARTIC ACID' ? 'C4 H7 N O4'     133.103 
GLN 'L-peptide linking' y GLUTAMINE       ? 'C5 H10 N2 O3'   146.144 
GLU 'L-peptide linking' y 'GLUTAMIC ACID' ? 'C5 H9 N O4'     147.129 
GLY 'peptide linking'   y GLYCINE         ? 'C2 H5 N O2'     75.067  
HOH non-polymer         . WATER           ? 'H2 O'           18.015  
ILE 'L-peptide linking' y ISOLEUCINE      ? 'C6 H13 N O2'    131.173 
LEU 'L-peptide linking' y LEUCINE         ? 'C6 H13 N O2'    131.173 
LYS 'L-peptide linking' y LYSINE          ? 'C6 H15 N2 O2 1' 147.195 
MET 'L-peptide linking' y METHIONINE      ? 'C5 H11 N O2 S'  149.211 
PHE 'L-peptide linking' y PHENYLALANINE   ? 'C9 H11 N O2'    165.189 
PRO 'L-peptide linking' y PROLINE         ? 'C5 H9 N O2'     115.130 
SER 'L-peptide linking' y SERINE          ? 'C3 H7 N O3'     105.093 
SO4 non-polymer         . 'SULFATE ION'   ? 'O4 S -2'        96.063  
THR 'L-peptide linking' y THREONINE       ? 'C4 H9 N O3'     119.119 
TRP 'L-peptide linking' y TRYPTOPHAN      ? 'C11 H12 N2 O2'  204.225 
TYR 'L-peptide linking' y TYROSINE        ? 'C9 H11 N O3'    181.189 
VAL 'L-peptide linking' y VALINE          ? 'C5 H11 N O2'    117.146 
# 
loop_
_pdbx_poly_seq_scheme.asym_id 
_pdbx_poly_seq_scheme.entity_id 
_pdbx_poly_seq_scheme.seq_id 
_pdbx_poly_seq_scheme.mon_id 
_pdbx_poly_seq_scheme.ndb_seq_num 
_pdbx_poly_seq_scheme.pdb_seq_num 
_pdbx_poly_seq_scheme.auth_seq_num 
_pdbx_poly_seq_scheme.pdb_mon_id 
_pdbx_poly_seq_scheme.auth_mon_id 
_pdbx_poly_seq_scheme.pdb_strand_id 
_pdbx_poly_seq_scheme.pdb_ins_code 
_pdbx_poly_seq_scheme.hetero 
A 1 1  GLY 1  -1 -1 GLY GLY AAA . n 
A 1 2  PRO 2  0  0  PRO PRO AAA . n 
A 1 3  MET 3  1  1  MET MET AAA . n 
A 1 4  ASP 4  2  2  ASP ASP AAA . n 
A 1 5  GLU 5  3  3  GLU GLU AAA . n 
A 1 6  THR 6  4  4  THR THR AAA . n 
A 1 7  GLY 7  5  5  GLY GLY AAA . n 
A 1 8  LYS 8  6  6  LYS LYS AAA . n 
A 1 9  GLU 9  7  7  GLU GLU AAA . n 
A 1 10 LEU 10 8  8  LEU LEU AAA . n 
A 1 11 LEU 11 9  9  LEU LEU AAA . n 
A 1 12 LEU 12 10 10 LEU LEU AAA . n 
A 1 13 VAL 13 11 11 VAL VAL AAA . n 
A 1 14 LEU 14 12 12 LEU LEU AAA . n 
A 1 15 TYR 15 13 13 TYR TYR AAA . n 
A 1 16 ASP 16 14 14 ASP ASP AAA . n 
A 1 17 TYR 17 15 15 TYR TYR AAA . n 
A 1 18 GLN 18 16 16 GLN GLN AAA . n 
A 1 19 GLU 19 17 17 GLU GLU AAA . n 
A 1 20 LYS 20 18 18 LYS LYS AAA . n 
A 1 21 SER 21 19 19 SER SER AAA . n 
A 1 22 PRO 22 20 20 PRO PRO AAA . n 
A 1 23 ARG 23 21 21 ARG ARG AAA . n 
A 1 24 GLU 24 22 22 GLU GLU AAA . n 
A 1 25 VAL 25 23 23 VAL VAL AAA . n 
A 1 26 THR 26 24 24 THR THR AAA . n 
A 1 27 VAL 27 25 25 VAL VAL AAA . n 
A 1 28 LYS 28 26 26 LYS LYS AAA . n 
A 1 29 LYS 29 27 27 LYS LYS AAA . n 
A 1 30 GLY 30 28 28 GLY GLY AAA . n 
A 1 31 ASP 31 29 29 ASP ASP AAA . n 
A 1 32 ILE 32 30 30 ILE ILE AAA . n 
A 1 33 LEU 33 31 31 LEU LEU AAA . n 
A 1 34 THR 34 32 32 THR THR AAA . n 
A 1 35 LEU 35 33 33 LEU LEU AAA . n 
A 1 36 LEU 36 34 34 LEU LEU AAA . n 
A 1 37 ASN 37 35 35 ASN ASN AAA . n 
A 1 38 SER 38 36 36 SER SER AAA . n 
A 1 39 THR 39 37 37 THR THR AAA . n 
A 1 40 ASN 40 38 38 ASN ASN AAA . n 
A 1 41 LYS 41 39 39 LYS LYS AAA . n 
A 1 42 ASP 42 40 40 ASP ASP AAA . n 
A 1 43 TRP 43 41 41 TRP TRP AAA . n 
A 1 44 TRP 44 42 42 TRP TRP AAA . n 
A 1 45 LYS 45 43 43 LYS LYS AAA . n 
A 1 46 VAL 46 44 44 VAL VAL AAA . n 
A 1 47 GLU 47 45 45 GLU GLU AAA . n 
A 1 48 PHE 48 46 46 PHE PHE AAA . n 
A 1 49 ASN 49 47 47 ASN ASN AAA . n 
A 1 50 ASP 50 48 48 ASP ASP AAA . n 
A 1 51 ARG 51 49 49 ARG ARG AAA . n 
A 1 52 GLN 52 50 50 GLN GLN AAA . n 
A 1 53 GLY 53 51 51 GLY GLY AAA . n 
A 1 54 PHE 54 52 52 PHE PHE AAA . n 
A 1 55 VAL 55 53 53 VAL VAL AAA . n 
A 1 56 PRO 56 54 54 PRO PRO AAA . n 
A 1 57 ALA 57 55 55 ALA ALA AAA . n 
A 1 58 ALA 58 56 56 ALA ALA AAA . n 
A 1 59 TYR 59 57 57 TYR TYR AAA . n 
A 1 60 LEU 60 58 58 LEU LEU AAA . n 
A 1 61 LYS 61 59 59 LYS LYS AAA . n 
A 1 62 LYS 62 60 60 LYS LYS AAA . n 
A 1 63 LEU 63 61 61 LEU LEU AAA . n 
A 1 64 ASP 64 62 62 ASP ASP AAA . n 
# 
_pdbx_entity_instance_feature.ordinal        1 
_pdbx_entity_instance_feature.comp_id        SO4 
_pdbx_entity_instance_feature.asym_id        ? 
_pdbx_entity_instance_feature.seq_num        ? 
_pdbx_entity_instance_feature.auth_comp_id   SO4 
_pdbx_entity_instance_feature.auth_asym_id   ? 
_pdbx_entity_instance_feature.auth_seq_num   ? 
_pdbx_entity_instance_feature.feature_type   'SUBJECT OF INVESTIGATION' 
_pdbx_entity_instance_feature.details        ? 
# 
loop_
_pdbx_nonpoly_scheme.asym_id 
_pdbx_nonpoly_scheme.entity_id 
_pdbx_nonpoly_scheme.mon_id 
_pdbx_nonpoly_scheme.ndb_seq_num 
_pdbx_nonpoly_scheme.pdb_seq_num 
_pdbx_nonpoly_scheme.auth_seq_num 
_pdbx_nonpoly_scheme.pdb_mon_id 
_pdbx_nonpoly_scheme.auth_mon_id 
_pdbx_nonpoly_scheme.pdb_strand_id 
_pdbx_nonpoly_scheme.pdb_ins_code 
B 2 SO4 1   101 1   SO4 SO4 AAA . 
C 2 SO4 1   102 2   SO4 SO4 AAA . 
D 3 HOH 1   201 56  HOH HOH AAA . 
D 3 HOH 2   202 80  HOH HOH AAA . 
D 3 HOH 3   203 85  HOH HOH AAA . 
D 3 HOH 4   204 102 HOH HOH AAA . 
D 3 HOH 5   205 12  HOH HOH AAA . 
D 3 HOH 6   206 62  HOH HOH AAA . 
D 3 HOH 7   207 106 HOH HOH AAA . 
D 3 HOH 8   208 13  HOH HOH AAA . 
D 3 HOH 9   209 35  HOH HOH AAA . 
D 3 HOH 10  210 72  HOH HOH AAA . 
D 3 HOH 11  211 33  HOH HOH AAA . 
D 3 HOH 12  212 57  HOH HOH AAA . 
D 3 HOH 13  213 30  HOH HOH AAA . 
D 3 HOH 14  214 52  HOH HOH AAA . 
D 3 HOH 15  215 10  HOH HOH AAA . 
D 3 HOH 16  216 20  HOH HOH AAA . 
D 3 HOH 17  217 40  HOH HOH AAA . 
D 3 HOH 18  218 60  HOH HOH AAA . 
D 3 HOH 19  219 25  HOH HOH AAA . 
D 3 HOH 20  220 65  HOH HOH AAA . 
D 3 HOH 21  221 41  HOH HOH AAA . 
D 3 HOH 22  222 92  HOH HOH AAA . 
D 3 HOH 23  223 22  HOH HOH AAA . 
D 3 HOH 24  224 5   HOH HOH AAA . 
D 3 HOH 25  225 37  HOH HOH AAA . 
D 3 HOH 26  226 26  HOH HOH AAA . 
D 3 HOH 27  227 46  HOH HOH AAA . 
D 3 HOH 28  228 99  HOH HOH AAA . 
D 3 HOH 29  229 54  HOH HOH AAA . 
D 3 HOH 30  230 14  HOH HOH AAA . 
D 3 HOH 31  231 31  HOH HOH AAA . 
D 3 HOH 32  232 2   HOH HOH AAA . 
D 3 HOH 33  233 28  HOH HOH AAA . 
D 3 HOH 34  234 64  HOH HOH AAA . 
D 3 HOH 35  235 17  HOH HOH AAA . 
D 3 HOH 36  236 47  HOH HOH AAA . 
D 3 HOH 37  237 15  HOH HOH AAA . 
D 3 HOH 38  238 18  HOH HOH AAA . 
D 3 HOH 39  239 9   HOH HOH AAA . 
D 3 HOH 40  240 48  HOH HOH AAA . 
D 3 HOH 41  241 73  HOH HOH AAA . 
D 3 HOH 42  242 59  HOH HOH AAA . 
D 3 HOH 43  243 7   HOH HOH AAA . 
D 3 HOH 44  244 3   HOH HOH AAA . 
D 3 HOH 45  245 11  HOH HOH AAA . 
D 3 HOH 46  246 34  HOH HOH AAA . 
D 3 HOH 47  247 45  HOH HOH AAA . 
D 3 HOH 48  248 50  HOH HOH AAA . 
D 3 HOH 49  249 82  HOH HOH AAA . 
D 3 HOH 50  250 87  HOH HOH AAA . 
D 3 HOH 51  251 16  HOH HOH AAA . 
D 3 HOH 52  252 6   HOH HOH AAA . 
D 3 HOH 53  253 58  HOH HOH AAA . 
D 3 HOH 54  254 36  HOH HOH AAA . 
D 3 HOH 55  255 49  HOH HOH AAA . 
D 3 HOH 56  256 70  HOH HOH AAA . 
D 3 HOH 57  257 74  HOH HOH AAA . 
D 3 HOH 58  258 23  HOH HOH AAA . 
D 3 HOH 59  259 19  HOH HOH AAA . 
D 3 HOH 60  260 43  HOH HOH AAA . 
D 3 HOH 61  261 21  HOH HOH AAA . 
D 3 HOH 62  262 32  HOH HOH AAA . 
D 3 HOH 63  263 63  HOH HOH AAA . 
D 3 HOH 64  264 44  HOH HOH AAA . 
D 3 HOH 65  265 78  HOH HOH AAA . 
D 3 HOH 66  266 29  HOH HOH AAA . 
D 3 HOH 67  267 105 HOH HOH AAA . 
D 3 HOH 68  268 39  HOH HOH AAA . 
D 3 HOH 69  269 4   HOH HOH AAA . 
D 3 HOH 70  270 68  HOH HOH AAA . 
D 3 HOH 71  271 8   HOH HOH AAA . 
D 3 HOH 72  272 88  HOH HOH AAA . 
D 3 HOH 73  273 67  HOH HOH AAA . 
D 3 HOH 74  274 84  HOH HOH AAA . 
D 3 HOH 75  275 24  HOH HOH AAA . 
D 3 HOH 76  276 55  HOH HOH AAA . 
D 3 HOH 77  277 1   HOH HOH AAA . 
D 3 HOH 78  278 86  HOH HOH AAA . 
D 3 HOH 79  279 93  HOH HOH AAA . 
D 3 HOH 80  280 101 HOH HOH AAA . 
D 3 HOH 81  281 77  HOH HOH AAA . 
D 3 HOH 82  282 61  HOH HOH AAA . 
D 3 HOH 83  283 76  HOH HOH AAA . 
D 3 HOH 84  284 91  HOH HOH AAA . 
D 3 HOH 85  285 53  HOH HOH AAA . 
D 3 HOH 86  286 96  HOH HOH AAA . 
D 3 HOH 87  287 79  HOH HOH AAA . 
D 3 HOH 88  288 75  HOH HOH AAA . 
D 3 HOH 89  289 38  HOH HOH AAA . 
D 3 HOH 90  290 66  HOH HOH AAA . 
D 3 HOH 91  291 27  HOH HOH AAA . 
D 3 HOH 92  292 71  HOH HOH AAA . 
D 3 HOH 93  293 51  HOH HOH AAA . 
D 3 HOH 94  294 81  HOH HOH AAA . 
D 3 HOH 95  295 94  HOH HOH AAA . 
D 3 HOH 96  296 42  HOH HOH AAA . 
D 3 HOH 97  297 100 HOH HOH AAA . 
D 3 HOH 98  298 95  HOH HOH AAA . 
D 3 HOH 99  299 103 HOH HOH AAA . 
D 3 HOH 100 300 90  HOH HOH AAA . 
D 3 HOH 101 301 104 HOH HOH AAA . 
D 3 HOH 102 302 98  HOH HOH AAA . 
D 3 HOH 103 303 97  HOH HOH AAA . 
# 
loop_
_software.citation_id 
_software.classification 
_software.compiler_name 
_software.compiler_version 
_software.contact_author 
_software.contact_author_email 
_software.date 
_software.description 
_software.dependencies 
_software.hardware 
_software.language 
_software.location 
_software.mods 
_software.name 
_software.os 
_software.os_version 
_software.type 
_software.version 
_software.pdbx_ordinal 
? refinement       ? ? ? ? ? ? ? ? ? ? ? REFMAC  ? ? ? 5.8.0267 1 
? 'data reduction' ? ? ? ? ? ? ? ? ? ? ? XDS     ? ? ? .        2 
? 'data scaling'   ? ? ? ? ? ? ? ? ? ? ? Aimless ? ? ? .        3 
? phasing          ? ? ? ? ? ? ? ? ? ? ? PHASER  ? ? ? .        4 
# 
_cell.angle_alpha                  90.000 
_cell.angle_alpha_esd              ? 
_cell.angle_beta                   90.000 
_cell.angle_beta_esd               ? 
_cell.angle_gamma                  90.000 
_cell.angle_gamma_esd              ? 
_cell.entry_id                     9IHA 
_cell.details                      ? 
_cell.formula_units_Z              ? 
_cell.length_a                     32.021 
_cell.length_a_esd                 ? 
_cell.length_b                     36.562 
_cell.length_b_esd                 ? 
_cell.length_c                     64.926 
_cell.length_c_esd                 ? 
_cell.volume                       ? 
_cell.volume_esd                   ? 
_cell.Z_PDB                        4 
_cell.reciprocal_angle_alpha       ? 
_cell.reciprocal_angle_beta        ? 
_cell.reciprocal_angle_gamma       ? 
_cell.reciprocal_angle_alpha_esd   ? 
_cell.reciprocal_angle_beta_esd    ? 
_cell.reciprocal_angle_gamma_esd   ? 
_cell.reciprocal_length_a          ? 
_cell.reciprocal_length_b          ? 
_cell.reciprocal_length_c          ? 
_cell.reciprocal_length_a_esd      ? 
_cell.reciprocal_length_b_esd      ? 
_cell.reciprocal_length_c_esd      ? 
_cell.pdbx_unique_axis             ? 
_cell.pdbx_esd_method              ? 
# 
_symmetry.entry_id                         9IHA 
_symmetry.cell_setting                     ? 
_symmetry.Int_Tables_number                19 
_symmetry.space_group_name_Hall            ? 
_symmetry.space_group_name_H-M             'P 21 21 21' 
_symmetry.pdbx_full_space_group_name_H-M   ? 
# 
_exptl.absorpt_coefficient_mu     ? 
_exptl.absorpt_correction_T_max   ? 
_exptl.absorpt_correction_T_min   ? 
_exptl.absorpt_correction_type    ? 
_exptl.absorpt_process_details    ? 
_exptl.entry_id                   9IHA 
_exptl.crystals_number            1 
_exptl.details                    ? 
_exptl.method                     'X-RAY DIFFRACTION' 
_exptl.method_details             ? 
# 
_exptl_crystal.colour                       ? 
_exptl_crystal.density_diffrn               ? 
_exptl_crystal.density_Matthews             2.57 
_exptl_crystal.density_method               ? 
_exptl_crystal.density_percent_sol          52.13 
_exptl_crystal.description                  ? 
_exptl_crystal.F_000                        ? 
_exptl_crystal.id                           1 
_exptl_crystal.preparation                  ? 
_exptl_crystal.size_max                     ? 
_exptl_crystal.size_mid                     ? 
_exptl_crystal.size_min                     ? 
_exptl_crystal.size_rad                     ? 
_exptl_crystal.colour_lustre                ? 
_exptl_crystal.colour_modifier              ? 
_exptl_crystal.colour_primary               ? 
_exptl_crystal.density_meas                 ? 
_exptl_crystal.density_meas_esd             ? 
_exptl_crystal.density_meas_gt              ? 
_exptl_crystal.density_meas_lt              ? 
_exptl_crystal.density_meas_temp            ? 
_exptl_crystal.density_meas_temp_esd        ? 
_exptl_crystal.density_meas_temp_gt         ? 
_exptl_crystal.density_meas_temp_lt         ? 
_exptl_crystal.pdbx_crystal_image_url       ? 
_exptl_crystal.pdbx_crystal_image_format    ? 
_exptl_crystal.pdbx_mosaicity               ? 
_exptl_crystal.pdbx_mosaicity_esd           ? 
_exptl_crystal.pdbx_mosaic_method           ? 
_exptl_crystal.pdbx_mosaic_block_size       ? 
_exptl_crystal.pdbx_mosaic_block_size_esd   ? 
# 
_exptl_crystal_grow.apparatus       ? 
_exptl_crystal_grow.atmosphere      ? 
_exptl_crystal_grow.crystal_id      1 
_exptl_crystal_grow.details         ? 
_exptl_crystal_grow.method          'VAPOR DIFFUSION, HANGING DROP' 
_exptl_crystal_grow.method_ref      ? 
_exptl_crystal_grow.pH              6.5 
_exptl_crystal_grow.pressure        ? 
_exptl_crystal_grow.pressure_esd    ? 
_exptl_crystal_grow.seeding         ? 
_exptl_crystal_grow.seeding_ref     ? 
_exptl_crystal_grow.temp_details    ? 
_exptl_crystal_grow.temp_esd        ? 
_exptl_crystal_grow.time            ? 
_exptl_crystal_grow.pdbx_details    '2M Ammonium Sulfate and 0.1M Bis-Tris' 
_exptl_crystal_grow.pdbx_pH_range   ? 
_exptl_crystal_grow.temp            293 
# 
_diffrn.ambient_environment              ? 
_diffrn.ambient_temp                     80 
_diffrn.ambient_temp_details             ? 
_diffrn.ambient_temp_esd                 ? 
_diffrn.crystal_id                       1 
_diffrn.crystal_support                  ? 
_diffrn.crystal_treatment                ? 
_diffrn.details                          ? 
_diffrn.id                               1 
_diffrn.ambient_pressure                 ? 
_diffrn.ambient_pressure_esd             ? 
_diffrn.ambient_pressure_gt              ? 
_diffrn.ambient_pressure_lt              ? 
_diffrn.ambient_temp_gt                  ? 
_diffrn.ambient_temp_lt                  ? 
_diffrn.pdbx_serial_crystal_experiment   N 
# 
_diffrn_detector.details                      ? 
_diffrn_detector.detector                     PIXEL 
_diffrn_detector.diffrn_id                    1 
_diffrn_detector.type                         'DECTRIS PILATUS 6M' 
_diffrn_detector.area_resol_mean              ? 
_diffrn_detector.dtime                        ? 
_diffrn_detector.pdbx_frames_total            ? 
_diffrn_detector.pdbx_collection_time_total   ? 
_diffrn_detector.pdbx_collection_date         2022-03-03 
_diffrn_detector.pdbx_frequency               ? 
_diffrn_detector.id                           ? 
_diffrn_detector.number_of_axes               ? 
# 
_diffrn_radiation.collimation                      ? 
_diffrn_radiation.diffrn_id                        1 
_diffrn_radiation.filter_edge                      ? 
_diffrn_radiation.inhomogeneity                    ? 
_diffrn_radiation.monochromator                    ? 
_diffrn_radiation.polarisn_norm                    ? 
_diffrn_radiation.polarisn_ratio                   ? 
_diffrn_radiation.probe                            ? 
_diffrn_radiation.type                             ? 
_diffrn_radiation.xray_symbol                      ? 
_diffrn_radiation.wavelength_id                    1 
_diffrn_radiation.pdbx_monochromatic_or_laue_m_l   M 
_diffrn_radiation.pdbx_wavelength_list             ? 
_diffrn_radiation.pdbx_wavelength                  ? 
_diffrn_radiation.pdbx_diffrn_protocol             'SINGLE WAVELENGTH' 
_diffrn_radiation.pdbx_analyzer                    ? 
_diffrn_radiation.pdbx_scattering_type             x-ray 
# 
_diffrn_radiation_wavelength.id           1 
_diffrn_radiation_wavelength.wavelength   0.97918 
_diffrn_radiation_wavelength.wt           1.0 
# 
_diffrn_source.current                     ? 
_diffrn_source.details                     ? 
_diffrn_source.diffrn_id                   1 
_diffrn_source.power                       ? 
_diffrn_source.size                        ? 
_diffrn_source.source                      SYNCHROTRON 
_diffrn_source.target                      ? 
_diffrn_source.type                        'ALBA BEAMLINE XALOC' 
_diffrn_source.voltage                     ? 
_diffrn_source.take-off_angle              ? 
_diffrn_source.pdbx_wavelength_list        0.97918 
_diffrn_source.pdbx_wavelength             ? 
_diffrn_source.pdbx_synchrotron_beamline   XALOC 
_diffrn_source.pdbx_synchrotron_site       ALBA 
# 
_reflns.B_iso_Wilson_estimate                          ? 
_reflns.entry_id                                       9IHA 
_reflns.data_reduction_details                         ? 
_reflns.data_reduction_method                          ? 
_reflns.d_resolution_high                              1.013 
_reflns.d_resolution_low                               32.463 
_reflns.details                                        ? 
_reflns.limit_h_max                                    ? 
_reflns.limit_h_min                                    ? 
_reflns.limit_k_max                                    ? 
_reflns.limit_k_min                                    ? 
_reflns.limit_l_max                                    ? 
_reflns.limit_l_min                                    ? 
_reflns.number_all                                     ? 
_reflns.number_obs                                     40408 
_reflns.observed_criterion                             ? 
_reflns.observed_criterion_F_max                       ? 
_reflns.observed_criterion_F_min                       ? 
_reflns.observed_criterion_I_max                       ? 
_reflns.observed_criterion_I_min                       ? 
_reflns.observed_criterion_sigma_F                     ? 
_reflns.observed_criterion_sigma_I                     ? 
_reflns.percent_possible_obs                           100 
_reflns.R_free_details                                 ? 
_reflns.Rmerge_F_all                                   ? 
_reflns.Rmerge_F_obs                                   ? 
_reflns.Friedel_coverage                               ? 
_reflns.number_gt                                      ? 
_reflns.threshold_expression                           ? 
_reflns.pdbx_redundancy                                12.4 
_reflns.pdbx_netI_over_av_sigmaI                       ? 
_reflns.pdbx_netI_over_sigmaI                          21.7 
_reflns.pdbx_res_netI_over_av_sigmaI_2                 ? 
_reflns.pdbx_res_netI_over_sigmaI_2                    ? 
_reflns.pdbx_chi_squared                               ? 
_reflns.pdbx_scaling_rejects                           ? 
_reflns.pdbx_d_res_high_opt                            ? 
_reflns.pdbx_d_res_low_opt                             ? 
_reflns.pdbx_d_res_opt_method                          ? 
_reflns.phase_calculation_details                      ? 
_reflns.pdbx_Rrim_I_all                                ? 
_reflns.pdbx_Rpim_I_all                                0.018 
_reflns.pdbx_d_opt                                     ? 
_reflns.pdbx_number_measured_all                       ? 
_reflns.pdbx_diffrn_id                                 1 
_reflns.pdbx_ordinal                                   1 
_reflns.pdbx_CC_half                                   0.998 
_reflns.pdbx_CC_star                                   ? 
_reflns.pdbx_R_split                                   ? 
_reflns.pdbx_Rmerge_I_obs                              0.059 
_reflns.pdbx_Rmerge_I_all                              ? 
_reflns.pdbx_Rsym_value                                ? 
_reflns.pdbx_CC_split_method                           ? 
_reflns.pdbx_aniso_diffraction_limit_axis_1_ortho[1]   ? 
_reflns.pdbx_aniso_diffraction_limit_axis_1_ortho[2]   ? 
_reflns.pdbx_aniso_diffraction_limit_axis_1_ortho[3]   ? 
_reflns.pdbx_aniso_diffraction_limit_axis_2_ortho[1]   ? 
_reflns.pdbx_aniso_diffraction_limit_axis_2_ortho[2]   ? 
_reflns.pdbx_aniso_diffraction_limit_axis_2_ortho[3]   ? 
_reflns.pdbx_aniso_diffraction_limit_axis_3_ortho[1]   ? 
_reflns.pdbx_aniso_diffraction_limit_axis_3_ortho[2]   ? 
_reflns.pdbx_aniso_diffraction_limit_axis_3_ortho[3]   ? 
_reflns.pdbx_aniso_diffraction_limit_1                 ? 
_reflns.pdbx_aniso_diffraction_limit_2                 ? 
_reflns.pdbx_aniso_diffraction_limit_3                 ? 
_reflns.pdbx_aniso_B_tensor_eigenvector_1_ortho[1]     ? 
_reflns.pdbx_aniso_B_tensor_eigenvector_1_ortho[2]     ? 
_reflns.pdbx_aniso_B_tensor_eigenvector_1_ortho[3]     ? 
_reflns.pdbx_aniso_B_tensor_eigenvector_2_ortho[1]     ? 
_reflns.pdbx_aniso_B_tensor_eigenvector_2_ortho[2]     ? 
_reflns.pdbx_aniso_B_tensor_eigenvector_2_ortho[3]     ? 
_reflns.pdbx_aniso_B_tensor_eigenvector_3_ortho[1]     ? 
_reflns.pdbx_aniso_B_tensor_eigenvector_3_ortho[2]     ? 
_reflns.pdbx_aniso_B_tensor_eigenvector_3_ortho[3]     ? 
_reflns.pdbx_aniso_B_tensor_eigenvalue_1               ? 
_reflns.pdbx_aniso_B_tensor_eigenvalue_2               ? 
_reflns.pdbx_aniso_B_tensor_eigenvalue_3               ? 
_reflns.pdbx_orthogonalization_convention              ? 
_reflns.pdbx_percent_possible_ellipsoidal              ? 
_reflns.pdbx_percent_possible_spherical                ? 
_reflns.pdbx_percent_possible_ellipsoidal_anomalous    ? 
_reflns.pdbx_percent_possible_spherical_anomalous      ? 
_reflns.pdbx_redundancy_anomalous                      ? 
_reflns.pdbx_CC_half_anomalous                         ? 
_reflns.pdbx_absDiff_over_sigma_anomalous              ? 
_reflns.pdbx_percent_possible_anomalous                ? 
_reflns.pdbx_observed_signal_threshold                 ? 
_reflns.pdbx_signal_type                               ? 
_reflns.pdbx_signal_details                            ? 
_reflns.pdbx_signal_software_id                        ? 
# 
_reflns_shell.d_res_high                                    1.013 
_reflns_shell.d_res_low                                     1.030 
_reflns_shell.meanI_over_sigI_all                           ? 
_reflns_shell.meanI_over_sigI_obs                           1.5 
_reflns_shell.number_measured_all                           ? 
_reflns_shell.number_measured_obs                           ? 
_reflns_shell.number_possible                               ? 
_reflns_shell.number_unique_all                             ? 
_reflns_shell.number_unique_obs                             1981 
_reflns_shell.percent_possible_obs                          ? 
_reflns_shell.Rmerge_F_all                                  ? 
_reflns_shell.Rmerge_F_obs                                  ? 
_reflns_shell.meanI_over_sigI_gt                            ? 
_reflns_shell.meanI_over_uI_all                             ? 
_reflns_shell.meanI_over_uI_gt                              ? 
_reflns_shell.number_measured_gt                            ? 
_reflns_shell.number_unique_gt                              ? 
_reflns_shell.percent_possible_gt                           ? 
_reflns_shell.Rmerge_F_gt                                   ? 
_reflns_shell.Rmerge_I_gt                                   ? 
_reflns_shell.pdbx_redundancy                               ? 
_reflns_shell.pdbx_chi_squared                              ? 
_reflns_shell.pdbx_netI_over_sigmaI_all                     ? 
_reflns_shell.pdbx_netI_over_sigmaI_obs                     ? 
_reflns_shell.pdbx_Rrim_I_all                               ? 
_reflns_shell.pdbx_Rpim_I_all                               0.510 
_reflns_shell.pdbx_rejects                                  ? 
_reflns_shell.pdbx_ordinal                                  1 
_reflns_shell.pdbx_diffrn_id                                1 
_reflns_shell.pdbx_CC_half                                  0.649 
_reflns_shell.pdbx_CC_star                                  ? 
_reflns_shell.pdbx_R_split                                  ? 
_reflns_shell.percent_possible_all                          100 
_reflns_shell.Rmerge_I_all                                  ? 
_reflns_shell.Rmerge_I_obs                                  1.689 
_reflns_shell.pdbx_Rsym_value                               ? 
_reflns_shell.pdbx_percent_possible_ellipsoidal             ? 
_reflns_shell.pdbx_percent_possible_spherical               ? 
_reflns_shell.pdbx_percent_possible_ellipsoidal_anomalous   ? 
_reflns_shell.pdbx_percent_possible_spherical_anomalous     ? 
_reflns_shell.pdbx_redundancy_anomalous                     ? 
_reflns_shell.pdbx_CC_half_anomalous                        ? 
_reflns_shell.pdbx_absDiff_over_sigma_anomalous             ? 
_reflns_shell.pdbx_percent_possible_anomalous               ? 
# 
_refine.aniso_B[1][1]                            -0.518 
_refine.aniso_B[1][2]                            -0.000 
_refine.aniso_B[1][3]                            -0.000 
_refine.aniso_B[2][2]                            0.008 
_refine.aniso_B[2][3]                            -0.000 
_refine.aniso_B[3][3]                            0.510 
_refine.B_iso_max                                ? 
_refine.B_iso_mean                               18.514 
_refine.B_iso_min                                ? 
_refine.correlation_coeff_Fo_to_Fc               0.972 
_refine.correlation_coeff_Fo_to_Fc_free          0.958 
_refine.details                                  'Hydrogens have been added in their riding positions' 
_refine.diff_density_max                         ? 
_refine.diff_density_max_esd                     ? 
_refine.diff_density_min                         ? 
_refine.diff_density_min_esd                     ? 
_refine.diff_density_rms                         ? 
_refine.diff_density_rms_esd                     ? 
_refine.entry_id                                 9IHA 
_refine.pdbx_refine_id                           'X-RAY DIFFRACTION' 
_refine.ls_abs_structure_details                 ? 
_refine.ls_abs_structure_Flack                   ? 
_refine.ls_abs_structure_Flack_esd               ? 
_refine.ls_abs_structure_Rogers                  ? 
_refine.ls_abs_structure_Rogers_esd              ? 
_refine.ls_d_res_high                            1.013 
_refine.ls_d_res_low                             32.463 
_refine.ls_extinction_coef                       ? 
_refine.ls_extinction_coef_esd                   ? 
_refine.ls_extinction_expression                 ? 
_refine.ls_extinction_method                     ? 
_refine.ls_goodness_of_fit_all                   ? 
_refine.ls_goodness_of_fit_all_esd               ? 
_refine.ls_goodness_of_fit_obs                   ? 
_refine.ls_goodness_of_fit_obs_esd               ? 
_refine.ls_hydrogen_treatment                    ? 
_refine.ls_matrix_type                           ? 
_refine.ls_number_constraints                    ? 
_refine.ls_number_parameters                     ? 
_refine.ls_number_reflns_all                     ? 
_refine.ls_number_reflns_obs                     40406 
_refine.ls_number_reflns_R_free                  2007 
_refine.ls_number_reflns_R_work                  38399 
_refine.ls_number_restraints                     ? 
_refine.ls_percent_reflns_obs                    99.993 
_refine.ls_percent_reflns_R_free                 4.967 
_refine.ls_R_factor_all                          0.163 
_refine.ls_R_factor_obs                          ? 
_refine.ls_R_factor_R_free                       0.1740 
_refine.ls_R_factor_R_free_error                 ? 
_refine.ls_R_factor_R_free_error_details         ? 
_refine.ls_R_factor_R_work                       0.1629 
_refine.ls_R_Fsqd_factor_obs                     ? 
_refine.ls_R_I_factor_obs                        ? 
_refine.ls_redundancy_reflns_all                 ? 
_refine.ls_redundancy_reflns_obs                 ? 
_refine.ls_restrained_S_all                      ? 
_refine.ls_restrained_S_obs                      ? 
_refine.ls_shift_over_esd_max                    ? 
_refine.ls_shift_over_esd_mean                   ? 
_refine.ls_structure_factor_coef                 ? 
_refine.ls_weighting_details                     ? 
_refine.ls_weighting_scheme                      ? 
_refine.ls_wR_factor_all                         ? 
_refine.ls_wR_factor_obs                         ? 
_refine.ls_wR_factor_R_free                      ? 
_refine.ls_wR_factor_R_work                      ? 
_refine.occupancy_max                            ? 
_refine.occupancy_min                            ? 
_refine.solvent_model_details                    'MASK BULK SOLVENT' 
_refine.solvent_model_param_bsol                 ? 
_refine.solvent_model_param_ksol                 ? 
_refine.correlation_coeff_I_to_Fcsqd_work        ? 
_refine.correlation_coeff_I_to_Fcsqd_free        ? 
_refine.pdbx_R_complete                          ? 
_refine.ls_R_factor_gt                           ? 
_refine.ls_goodness_of_fit_gt                    ? 
_refine.ls_goodness_of_fit_ref                   ? 
_refine.ls_shift_over_su_max                     ? 
_refine.ls_shift_over_su_max_lt                  ? 
_refine.ls_shift_over_su_mean                    ? 
_refine.ls_shift_over_su_mean_lt                 ? 
_refine.pdbx_ls_sigma_I                          ? 
_refine.pdbx_ls_sigma_F                          ? 
_refine.pdbx_ls_sigma_Fsqd                       ? 
_refine.pdbx_data_cutoff_high_absF               ? 
_refine.pdbx_data_cutoff_high_rms_absF           ? 
_refine.pdbx_data_cutoff_low_absF                ? 
_refine.pdbx_isotropic_thermal_model             ? 
_refine.pdbx_ls_cross_valid_method               'FREE R-VALUE' 
_refine.pdbx_method_to_determine_struct          'MOLECULAR REPLACEMENT' 
_refine.pdbx_starting_model                      ? 
_refine.pdbx_stereochemistry_target_values       ? 
_refine.pdbx_R_Free_selection_details            ? 
_refine.pdbx_stereochem_target_val_spec_case     ? 
_refine.pdbx_overall_ESU_R                       0.025 
_refine.pdbx_overall_ESU_R_Free                  0.024 
_refine.pdbx_solvent_vdw_probe_radii             1.200 
_refine.pdbx_solvent_ion_probe_radii             0.800 
_refine.pdbx_solvent_shrinkage_radii             0.800 
_refine.pdbx_real_space_R                        ? 
_refine.pdbx_density_correlation                 ? 
_refine.pdbx_pd_number_of_powder_patterns        ? 
_refine.pdbx_pd_number_of_points                 ? 
_refine.pdbx_pd_meas_number_of_points            ? 
_refine.pdbx_pd_proc_ls_prof_R_factor            ? 
_refine.pdbx_pd_proc_ls_prof_wR_factor           ? 
_refine.pdbx_pd_Marquardt_correlation_coeff      ? 
_refine.pdbx_pd_Fsqrd_R_factor                   ? 
_refine.pdbx_pd_ls_matrix_band_width             ? 
_refine.pdbx_overall_phase_error                 ? 
_refine.pdbx_overall_SU_R_free_Cruickshank_DPI   ? 
_refine.pdbx_overall_SU_R_free_Blow_DPI          ? 
_refine.pdbx_overall_SU_R_Blow_DPI               ? 
_refine.pdbx_TLS_residual_ADP_flag               ? 
_refine.pdbx_diffrn_id                           1 
_refine.overall_SU_B                             0.932 
_refine.overall_SU_ML                            0.021 
_refine.overall_SU_R_Cruickshank_DPI             ? 
_refine.overall_SU_R_free                        ? 
_refine.overall_FOM_free_R_set                   ? 
_refine.overall_FOM_work_R_set                   ? 
_refine.pdbx_average_fsc_overall                 ? 
_refine.pdbx_average_fsc_work                    ? 
_refine.pdbx_average_fsc_free                    ? 
# 
_refine_hist.pdbx_refine_id                   'X-RAY DIFFRACTION' 
_refine_hist.cycle_id                         LAST 
_refine_hist.pdbx_number_atoms_protein        525 
_refine_hist.pdbx_number_atoms_nucleic_acid   0 
_refine_hist.pdbx_number_atoms_ligand         10 
_refine_hist.number_atoms_solvent             103 
_refine_hist.number_atoms_total               638 
_refine_hist.d_res_high                       1.013 
_refine_hist.d_res_low                        32.463 
# 
loop_
_refine_ls_restr.pdbx_refine_id 
_refine_ls_restr.criterion 
_refine_ls_restr.dev_ideal 
_refine_ls_restr.dev_ideal_target 
_refine_ls_restr.number 
_refine_ls_restr.rejects 
_refine_ls_restr.type 
_refine_ls_restr.weight 
_refine_ls_restr.pdbx_restraint_function 
'X-RAY DIFFRACTION' ? 0.033  0.013  616  ? r_bond_refined_d               ? ? 
'X-RAY DIFFRACTION' ? 0.009  0.016  584  ? r_bond_other_d                 ? ? 
'X-RAY DIFFRACTION' ? 3.008  1.654  844  ? r_angle_refined_deg            ? ? 
'X-RAY DIFFRACTION' ? 1.652  1.604  1358 ? r_angle_other_deg              ? ? 
'X-RAY DIFFRACTION' ? 7.184  5.000  77   ? r_dihedral_angle_1_deg         ? ? 
'X-RAY DIFFRACTION' ? 36.557 23.750 32   ? r_dihedral_angle_2_deg         ? ? 
'X-RAY DIFFRACTION' ? 12.636 15.000 116  ? r_dihedral_angle_3_deg         ? ? 
'X-RAY DIFFRACTION' ? 18.123 15.000 3    ? r_dihedral_angle_4_deg         ? ? 
'X-RAY DIFFRACTION' ? 0.120  0.200  73   ? r_chiral_restr                 ? ? 
'X-RAY DIFFRACTION' ? 0.014  0.020  707  ? r_gen_planes_refined           ? ? 
'X-RAY DIFFRACTION' ? 0.005  0.020  139  ? r_gen_planes_other             ? ? 
'X-RAY DIFFRACTION' ? 0.269  0.200  98   ? r_nbd_refined                  ? ? 
'X-RAY DIFFRACTION' ? 0.210  0.200  533  ? r_symmetry_nbd_other           ? ? 
'X-RAY DIFFRACTION' ? 0.182  0.200  259  ? r_nbtor_refined                ? ? 
'X-RAY DIFFRACTION' ? 0.088  0.200  301  ? r_symmetry_nbtor_other         ? ? 
'X-RAY DIFFRACTION' ? 0.238  0.200  76   ? r_xyhbond_nbd_refined          ? ? 
'X-RAY DIFFRACTION' ? 0.483  0.200  12   ? r_symmetry_nbd_refined         ? ? 
'X-RAY DIFFRACTION' ? 0.329  0.200  47   ? r_nbd_other                    ? ? 
'X-RAY DIFFRACTION' ? 0.231  0.200  24   ? r_symmetry_xyhbond_nbd_refined ? ? 
'X-RAY DIFFRACTION' ? 0.148  0.200  1    ? r_xyhbond_nbd_other            ? ? 
'X-RAY DIFFRACTION' ? 3.041  1.453  290  ? r_mcbond_it                    ? ? 
'X-RAY DIFFRACTION' ? 2.918  1.432  289  ? r_mcbond_other                 ? ? 
'X-RAY DIFFRACTION' ? 3.464  2.167  373  ? r_mcangle_it                   ? ? 
'X-RAY DIFFRACTION' ? 3.582  2.182  374  ? r_mcangle_other                ? ? 
'X-RAY DIFFRACTION' ? 7.917  1.959  326  ? r_scbond_it                    ? ? 
'X-RAY DIFFRACTION' ? 6.475  1.850  316  ? r_scbond_other                 ? ? 
'X-RAY DIFFRACTION' ? 7.125  2.755  471  ? r_scangle_it                   ? ? 
'X-RAY DIFFRACTION' ? 5.757  2.648  459  ? r_scangle_other                ? ? 
'X-RAY DIFFRACTION' ? 6.011  19.955 701  ? r_lrange_it                    ? ? 
'X-RAY DIFFRACTION' ? 5.654  18.217 663  ? r_lrange_other                 ? ? 
'X-RAY DIFFRACTION' ? 31.377 3.000  1200 ? r_rigid_bond_restr             ? ? 
# 
loop_
_refine_ls_shell.pdbx_refine_id 
_refine_ls_shell.d_res_high 
_refine_ls_shell.d_res_low 
_refine_ls_shell.number_reflns_all 
_refine_ls_shell.number_reflns_obs 
_refine_ls_shell.number_reflns_R_free 
_refine_ls_shell.number_reflns_R_work 
_refine_ls_shell.percent_reflns_obs 
_refine_ls_shell.percent_reflns_R_free 
_refine_ls_shell.R_factor_all 
_refine_ls_shell.R_factor_obs 
_refine_ls_shell.R_factor_R_free_error 
_refine_ls_shell.R_factor_R_work 
_refine_ls_shell.redundancy_reflns_all 
_refine_ls_shell.redundancy_reflns_obs 
_refine_ls_shell.wR_factor_all 
_refine_ls_shell.wR_factor_obs 
_refine_ls_shell.wR_factor_R_free 
_refine_ls_shell.wR_factor_R_work 
_refine_ls_shell.pdbx_R_complete 
_refine_ls_shell.correlation_coeff_Fo_to_Fc 
_refine_ls_shell.correlation_coeff_Fo_to_Fc_free 
_refine_ls_shell.correlation_coeff_I_to_Fcsqd_work 
_refine_ls_shell.correlation_coeff_I_to_Fcsqd_free 
_refine_ls_shell.pdbx_total_number_of_bins_used 
_refine_ls_shell.pdbx_phase_error 
_refine_ls_shell.pdbx_fsc_work 
_refine_ls_shell.pdbx_fsc_free 
_refine_ls_shell.R_factor_R_free 
'X-RAY DIFFRACTION' 1.013 1.039  2940 . 168 2771 99.9660  . 0.355 . . 0.356 . . . . . 0.332 . . . . . 20 . 0.847 0.869 0.339 
'X-RAY DIFFRACTION' 1.039 1.068  2877 . 125 2752 100.0000 . 0.274 . . 0.271 . . . . . 0.238 . . . . . 20 . 0.903 0.889 0.324 
'X-RAY DIFFRACTION' 1.068 1.099  2775 . 138 2637 100.0000 . 0.215 . . 0.213 . . . . . 0.178 . . . . . 20 . 0.944 0.934 0.255 
'X-RAY DIFFRACTION' 1.099 1.132  2715 . 151 2564 100.0000 . 0.174 . . 0.174 . . . . . 0.141 . . . . . 20 . 0.961 0.952 0.180 
'X-RAY DIFFRACTION' 1.132 1.169  2636 . 146 2490 100.0000 . 0.155 . . 0.154 . . . . . 0.127 . . . . . 20 . 0.964 0.964 0.172 
'X-RAY DIFFRACTION' 1.169 1.210  2552 . 134 2418 100.0000 . 0.150 . . 0.149 . . . . . 0.125 . . . . . 20 . 0.967 0.964 0.167 
'X-RAY DIFFRACTION' 1.210 1.256  2446 . 116 2330 100.0000 . 0.147 . . 0.145 . . . . . 0.122 . . . . . 20 . 0.967 0.959 0.184 
'X-RAY DIFFRACTION' 1.256 1.307  2394 . 102 2292 100.0000 . 0.149 . . 0.148 . . . . . 0.132 . . . . . 20 . 0.966 0.962 0.169 
'X-RAY DIFFRACTION' 1.307 1.365  2267 . 113 2154 100.0000 . 0.152 . . 0.150 . . . . . 0.135 . . . . . 20 . 0.969 0.959 0.180 
'X-RAY DIFFRACTION' 1.365 1.432  2184 . 115 2069 100.0000 . 0.142 . . 0.141 . . . . . 0.132 . . . . . 20 . 0.974 0.972 0.154 
'X-RAY DIFFRACTION' 1.432 1.509  2102 . 81  2021 100.0000 . 0.146 . . 0.147 . . . . . 0.141 . . . . . 20 . 0.974 0.981 0.143 
'X-RAY DIFFRACTION' 1.509 1.600  1978 . 96  1882 100.0000 . 0.141 . . 0.140 . . . . . 0.140 . . . . . 20 . 0.978 0.973 0.168 
'X-RAY DIFFRACTION' 1.600 1.711  1849 . 96  1753 100.0000 . 0.135 . . 0.135 . . . . . 0.143 . . . . . 20 . 0.979 0.975 0.142 
'X-RAY DIFFRACTION' 1.711 1.847  1750 . 88  1662 100.0000 . 0.132 . . 0.133 . . . . . 0.151 . . . . . 20 . 0.979 0.982 0.120 
'X-RAY DIFFRACTION' 1.847 2.023  1625 . 91  1534 100.0000 . 0.133 . . 0.132 . . . . . 0.154 . . . . . 20 . 0.979 0.978 0.145 
'X-RAY DIFFRACTION' 2.023 2.261  1448 . 63  1385 100.0000 . 0.134 . . 0.133 . . . . . 0.165 . . . . . 20 . 0.980 0.978 0.140 
'X-RAY DIFFRACTION' 2.261 2.608  1316 . 58  1258 100.0000 . 0.153 . . 0.153 . . . . . 0.195 . . . . . 20 . 0.975 0.963 0.169 
'X-RAY DIFFRACTION' 2.608 3.189  1122 . 50  1072 100.0000 . 0.164 . . 0.166 . . . . . 0.220 . . . . . 20 . 0.970 0.979 0.124 
'X-RAY DIFFRACTION' 3.189 4.489  893  . 46  847  100.0000 . 0.167 . . 0.166 . . . . . 0.229 . . . . . 20 . 0.973 0.973 0.183 
'X-RAY DIFFRACTION' 4.489 32.463 540  . 30  508  99.6296  . 0.277 . . 0.275 . . . . . 0.415 . . . . . 20 . 0.938 0.899 0.317 
# 
_struct.entry_id                     9IHA 
_struct.title                        'A-SPECTRIN SH3 DOMAIN V9L, A11V, M25V, V46F, V58L MUTANT' 
_struct.pdbx_model_details           ? 
_struct.pdbx_formula_weight          ? 
_struct.pdbx_formula_weight_method   ? 
_struct.pdbx_model_type_details      ? 
_struct.pdbx_CASP_flag               N 
# 
_struct_keywords.entry_id        9IHA 
_struct_keywords.text            
'Three-dimensional structure, SH3 domain, Cell signaling, Src-family, Hydrophobic-core mutations, STRUCTURAL PROTEIN' 
_struct_keywords.pdbx_keywords   'STRUCTURAL PROTEIN' 
# 
loop_
_struct_asym.id 
_struct_asym.pdbx_blank_PDB_chainid_flag 
_struct_asym.pdbx_modified 
_struct_asym.entity_id 
_struct_asym.details 
A N N 1 ? 
B N N 2 ? 
C N N 2 ? 
D N N 3 ? 
# 
_struct_ref.id                         1 
_struct_ref.db_name                    UNP 
_struct_ref.db_code                    SPTN1_CHICK 
_struct_ref.pdbx_db_accession          P07751 
_struct_ref.pdbx_db_isoform            ? 
_struct_ref.entity_id                  1 
_struct_ref.pdbx_seq_one_letter_code   DETGKELVLALYDYQEKSPREVTMKKGDILTLLNSTNKDWWKVEVNDRQGFVPAAYVKKLD 
_struct_ref.pdbx_align_begin           965 
# 
_struct_ref_seq.align_id                      1 
_struct_ref_seq.ref_id                        1 
_struct_ref_seq.pdbx_PDB_id_code              9IHA 
_struct_ref_seq.pdbx_strand_id                AAA 
_struct_ref_seq.seq_align_beg                 4 
_struct_ref_seq.pdbx_seq_align_beg_ins_code   ? 
_struct_ref_seq.seq_align_end                 64 
_struct_ref_seq.pdbx_seq_align_end_ins_code   ? 
_struct_ref_seq.pdbx_db_accession             P07751 
_struct_ref_seq.db_align_beg                  965 
_struct_ref_seq.pdbx_db_align_beg_ins_code    ? 
_struct_ref_seq.db_align_end                  1025 
_struct_ref_seq.pdbx_db_align_end_ins_code    ? 
_struct_ref_seq.pdbx_auth_seq_align_beg       2 
_struct_ref_seq.pdbx_auth_seq_align_end       62 
# 
loop_
_struct_ref_seq_dif.align_id 
_struct_ref_seq_dif.pdbx_pdb_id_code 
_struct_ref_seq_dif.mon_id 
_struct_ref_seq_dif.pdbx_pdb_strand_id 
_struct_ref_seq_dif.seq_num 
_struct_ref_seq_dif.pdbx_pdb_ins_code 
_struct_ref_seq_dif.pdbx_seq_db_name 
_struct_ref_seq_dif.pdbx_seq_db_accession_code 
_struct_ref_seq_dif.db_mon_id 
_struct_ref_seq_dif.pdbx_seq_db_seq_num 
_struct_ref_seq_dif.details 
_struct_ref_seq_dif.pdbx_auth_seq_num 
_struct_ref_seq_dif.pdbx_ordinal 
1 9IHA GLY AAA 1  ? UNP P07751 ?   ?    'expression tag'      -1 1 
1 9IHA PRO AAA 2  ? UNP P07751 ?   ?    'expression tag'      0  2 
1 9IHA MET AAA 3  ? UNP P07751 ?   ?    'expression tag'      1  3 
1 9IHA LEU AAA 11 ? UNP P07751 VAL 972  'engineered mutation' 9  4 
1 9IHA VAL AAA 13 ? UNP P07751 ALA 974  'engineered mutation' 11 5 
1 9IHA VAL AAA 27 ? UNP P07751 MET 988  'engineered mutation' 25 6 
1 9IHA PHE AAA 48 ? UNP P07751 VAL 1009 'engineered mutation' 46 7 
1 9IHA LEU AAA 60 ? UNP P07751 VAL 1021 'engineered mutation' 58 8 
# 
_pdbx_struct_assembly.id                   1 
_pdbx_struct_assembly.details              author_defined_assembly 
_pdbx_struct_assembly.method_details       ? 
_pdbx_struct_assembly.oligomeric_details   monomeric 
_pdbx_struct_assembly.oligomeric_count     1 
# 
loop_
_pdbx_struct_assembly_prop.biol_id 
_pdbx_struct_assembly_prop.type 
_pdbx_struct_assembly_prop.value 
_pdbx_struct_assembly_prop.details 
1 'ABSA (A^2)' 310  ? 
1 MORE         -23  ? 
1 'SSA (A^2)'  4650 ? 
# 
_pdbx_struct_assembly_gen.assembly_id       1 
_pdbx_struct_assembly_gen.oper_expression   1 
_pdbx_struct_assembly_gen.asym_id_list      A,B,C,D 
# 
_pdbx_struct_oper_list.id                   1 
_pdbx_struct_oper_list.type                 'identity operation' 
_pdbx_struct_oper_list.name                 1_555 
_pdbx_struct_oper_list.symmetry_operation   x,y,z 
_pdbx_struct_oper_list.matrix[1][1]         1.0000000000 
_pdbx_struct_oper_list.matrix[1][2]         0.0000000000 
_pdbx_struct_oper_list.matrix[1][3]         0.0000000000 
_pdbx_struct_oper_list.vector[1]            0.0000000000 
_pdbx_struct_oper_list.matrix[2][1]         0.0000000000 
_pdbx_struct_oper_list.matrix[2][2]         1.0000000000 
_pdbx_struct_oper_list.matrix[2][3]         0.0000000000 
_pdbx_struct_oper_list.vector[2]            0.0000000000 
_pdbx_struct_oper_list.matrix[3][1]         0.0000000000 
_pdbx_struct_oper_list.matrix[3][2]         0.0000000000 
_pdbx_struct_oper_list.matrix[3][3]         1.0000000000 
_pdbx_struct_oper_list.vector[3]            0.0000000000 
# 
_struct_conf.conf_type_id            HELX_P 
_struct_conf.id                      HELX_P1 
_struct_conf.pdbx_PDB_helix_id       AA1 
_struct_conf.beg_label_comp_id       GLY 
_struct_conf.beg_label_asym_id       A 
_struct_conf.beg_label_seq_id        1 
_struct_conf.pdbx_beg_PDB_ins_code   ? 
_struct_conf.end_label_comp_id       THR 
_struct_conf.end_label_asym_id       A 
_struct_conf.end_label_seq_id        6 
_struct_conf.pdbx_end_PDB_ins_code   ? 
_struct_conf.beg_auth_comp_id        GLY 
_struct_conf.beg_auth_asym_id        AAA 
_struct_conf.beg_auth_seq_id         -1 
_struct_conf.end_auth_comp_id        THR 
_struct_conf.end_auth_asym_id        AAA 
_struct_conf.end_auth_seq_id         4 
_struct_conf.pdbx_PDB_helix_class    1 
_struct_conf.details                 ? 
_struct_conf.pdbx_PDB_helix_length   6 
# 
_struct_conf_type.id          HELX_P 
_struct_conf_type.criteria    ? 
_struct_conf_type.reference   ? 
# 
_struct_sheet.id               AA1 
_struct_sheet.type             ? 
_struct_sheet.number_strands   5 
_struct_sheet.details          ? 
# 
loop_
_struct_sheet_order.sheet_id 
_struct_sheet_order.range_id_1 
_struct_sheet_order.range_id_2 
_struct_sheet_order.offset 
_struct_sheet_order.sense 
AA1 1 2 ? anti-parallel 
AA1 2 3 ? anti-parallel 
AA1 3 4 ? anti-parallel 
AA1 4 5 ? anti-parallel 
# 
loop_
_struct_sheet_range.sheet_id 
_struct_sheet_range.id 
_struct_sheet_range.beg_label_comp_id 
_struct_sheet_range.beg_label_asym_id 
_struct_sheet_range.beg_label_seq_id 
_struct_sheet_range.pdbx_beg_PDB_ins_code 
_struct_sheet_range.end_label_comp_id 
_struct_sheet_range.end_label_asym_id 
_struct_sheet_range.end_label_seq_id 
_struct_sheet_range.pdbx_end_PDB_ins_code 
_struct_sheet_range.beg_auth_comp_id 
_struct_sheet_range.beg_auth_asym_id 
_struct_sheet_range.beg_auth_seq_id 
_struct_sheet_range.end_auth_comp_id 
_struct_sheet_range.end_auth_asym_id 
_struct_sheet_range.end_auth_seq_id 
AA1 1 ARG A 51 ? PRO A 56 ? ARG AAA 49 PRO AAA 54 
AA1 2 TRP A 43 ? PHE A 48 ? TRP AAA 41 PHE AAA 46 
AA1 3 ILE A 32 ? ASN A 37 ? ILE AAA 30 ASN AAA 35 
AA1 4 LEU A 10 ? VAL A 13 ? LEU AAA 8  VAL AAA 11 
AA1 5 LEU A 60 ? LYS A 62 ? LEU AAA 58 LYS AAA 60 
# 
loop_
_pdbx_struct_sheet_hbond.sheet_id 
_pdbx_struct_sheet_hbond.range_id_1 
_pdbx_struct_sheet_hbond.range_id_2 
_pdbx_struct_sheet_hbond.range_1_label_atom_id 
_pdbx_struct_sheet_hbond.range_1_label_comp_id 
_pdbx_struct_sheet_hbond.range_1_label_asym_id 
_pdbx_struct_sheet_hbond.range_1_label_seq_id 
_pdbx_struct_sheet_hbond.range_1_PDB_ins_code 
_pdbx_struct_sheet_hbond.range_1_auth_atom_id 
_pdbx_struct_sheet_hbond.range_1_auth_comp_id 
_pdbx_struct_sheet_hbond.range_1_auth_asym_id 
_pdbx_struct_sheet_hbond.range_1_auth_seq_id 
_pdbx_struct_sheet_hbond.range_2_label_atom_id 
_pdbx_struct_sheet_hbond.range_2_label_comp_id 
_pdbx_struct_sheet_hbond.range_2_label_asym_id 
_pdbx_struct_sheet_hbond.range_2_label_seq_id 
_pdbx_struct_sheet_hbond.range_2_PDB_ins_code 
_pdbx_struct_sheet_hbond.range_2_auth_atom_id 
_pdbx_struct_sheet_hbond.range_2_auth_comp_id 
_pdbx_struct_sheet_hbond.range_2_auth_asym_id 
_pdbx_struct_sheet_hbond.range_2_auth_seq_id 
AA1 1 2 O GLY A 53 ? O GLY AAA 51 N VAL A 46 ? N VAL AAA 44 
AA1 2 3 O LYS A 45 ? O LYS AAA 43 N LEU A 36 ? N LEU AAA 34 
AA1 3 4 O LEU A 33 ? O LEU AAA 31 N LEU A 11 ? N LEU AAA 9  
AA1 4 5 N LEU A 12 ? N LEU AAA 10 O LYS A 61 ? O LYS AAA 59 
# 
_pdbx_entry_details.entry_id                   9IHA 
_pdbx_entry_details.nonpolymer_details         ? 
_pdbx_entry_details.sequence_details           ? 
_pdbx_entry_details.compound_details           ? 
_pdbx_entry_details.source_details             ? 
_pdbx_entry_details.has_ligand_of_interest     Y 
_pdbx_entry_details.has_protein_modification   N 
# 
loop_
_pdbx_validate_close_contact.id 
_pdbx_validate_close_contact.PDB_model_num 
_pdbx_validate_close_contact.auth_atom_id_1 
_pdbx_validate_close_contact.auth_asym_id_1 
_pdbx_validate_close_contact.auth_comp_id_1 
_pdbx_validate_close_contact.auth_seq_id_1 
_pdbx_validate_close_contact.PDB_ins_code_1 
_pdbx_validate_close_contact.label_alt_id_1 
_pdbx_validate_close_contact.auth_atom_id_2 
_pdbx_validate_close_contact.auth_asym_id_2 
_pdbx_validate_close_contact.auth_comp_id_2 
_pdbx_validate_close_contact.auth_seq_id_2 
_pdbx_validate_close_contact.PDB_ins_code_2 
_pdbx_validate_close_contact.label_alt_id_2 
_pdbx_validate_close_contact.dist 
1 1 O AAA HOH 222 ? ? O AAA HOH 270 ? ? 1.89 
2 1 O AAA HOH 223 ? ? O AAA HOH 288 ? ? 2.04 
3 1 O AAA HOH 256 ? ? O AAA HOH 295 ? ? 2.09 
4 1 O AAA HOH 212 ? ? O AAA HOH 263 ? ? 2.15 
5 1 O AAA HOH 220 ? ? O AAA HOH 265 ? ? 2.17 
# 
_pdbx_validate_symm_contact.id                1 
_pdbx_validate_symm_contact.PDB_model_num     1 
_pdbx_validate_symm_contact.auth_atom_id_1    CE 
_pdbx_validate_symm_contact.auth_asym_id_1    AAA 
_pdbx_validate_symm_contact.auth_comp_id_1    LYS 
_pdbx_validate_symm_contact.auth_seq_id_1     39 
_pdbx_validate_symm_contact.PDB_ins_code_1    ? 
_pdbx_validate_symm_contact.label_alt_id_1    ? 
_pdbx_validate_symm_contact.site_symmetry_1   1_555 
_pdbx_validate_symm_contact.auth_atom_id_2    O 
_pdbx_validate_symm_contact.auth_asym_id_2    AAA 
_pdbx_validate_symm_contact.auth_comp_id_2    HOH 
_pdbx_validate_symm_contact.auth_seq_id_2     302 
_pdbx_validate_symm_contact.PDB_ins_code_2    ? 
_pdbx_validate_symm_contact.label_alt_id_2    ? 
_pdbx_validate_symm_contact.site_symmetry_2   3_554 
_pdbx_validate_symm_contact.dist              1.94 
# 
_pdbx_validate_rmsd_bond.id                        1 
_pdbx_validate_rmsd_bond.PDB_model_num             1 
_pdbx_validate_rmsd_bond.auth_atom_id_1            C 
_pdbx_validate_rmsd_bond.auth_asym_id_1            AAA 
_pdbx_validate_rmsd_bond.auth_comp_id_1            ASP 
_pdbx_validate_rmsd_bond.auth_seq_id_1             2 
_pdbx_validate_rmsd_bond.PDB_ins_code_1            ? 
_pdbx_validate_rmsd_bond.label_alt_id_1            ? 
_pdbx_validate_rmsd_bond.auth_atom_id_2            O 
_pdbx_validate_rmsd_bond.auth_asym_id_2            AAA 
_pdbx_validate_rmsd_bond.auth_comp_id_2            ASP 
_pdbx_validate_rmsd_bond.auth_seq_id_2             2 
_pdbx_validate_rmsd_bond.PDB_ins_code_2            ? 
_pdbx_validate_rmsd_bond.label_alt_id_2            ? 
_pdbx_validate_rmsd_bond.bond_value                1.114 
_pdbx_validate_rmsd_bond.bond_target_value         1.229 
_pdbx_validate_rmsd_bond.bond_deviation            -0.115 
_pdbx_validate_rmsd_bond.bond_standard_deviation   0.019 
_pdbx_validate_rmsd_bond.linker_flag               N 
# 
loop_
_pdbx_validate_rmsd_angle.id 
_pdbx_validate_rmsd_angle.PDB_model_num 
_pdbx_validate_rmsd_angle.auth_atom_id_1 
_pdbx_validate_rmsd_angle.auth_asym_id_1 
_pdbx_validate_rmsd_angle.auth_comp_id_1 
_pdbx_validate_rmsd_angle.auth_seq_id_1 
_pdbx_validate_rmsd_angle.PDB_ins_code_1 
_pdbx_validate_rmsd_angle.label_alt_id_1 
_pdbx_validate_rmsd_angle.auth_atom_id_2 
_pdbx_validate_rmsd_angle.auth_asym_id_2 
_pdbx_validate_rmsd_angle.auth_comp_id_2 
_pdbx_validate_rmsd_angle.auth_seq_id_2 
_pdbx_validate_rmsd_angle.PDB_ins_code_2 
_pdbx_validate_rmsd_angle.label_alt_id_2 
_pdbx_validate_rmsd_angle.auth_atom_id_3 
_pdbx_validate_rmsd_angle.auth_asym_id_3 
_pdbx_validate_rmsd_angle.auth_comp_id_3 
_pdbx_validate_rmsd_angle.auth_seq_id_3 
_pdbx_validate_rmsd_angle.PDB_ins_code_3 
_pdbx_validate_rmsd_angle.label_alt_id_3 
_pdbx_validate_rmsd_angle.angle_value 
_pdbx_validate_rmsd_angle.angle_target_value 
_pdbx_validate_rmsd_angle.angle_deviation 
_pdbx_validate_rmsd_angle.angle_standard_deviation 
_pdbx_validate_rmsd_angle.linker_flag 
1 1 CB AAA ASP 14 ? ? CG AAA ASP 14 ? ? OD1 AAA ASP 14 ? ? 124.01 118.30 5.71  0.90 N 
2 1 NE AAA ARG 21 ? ? CZ AAA ARG 21 ? ? NH2 AAA ARG 21 ? ? 116.68 120.30 -3.62 0.50 N 
3 1 CB AAA ASP 40 ? A CG AAA ASP 40 ? A OD2 AAA ASP 40 ? A 124.59 118.30 6.29  0.90 N 
4 1 NE AAA ARG 49 ? B CZ AAA ARG 49 ? B NH1 AAA ARG 49 ? B 125.75 120.30 5.45  0.50 N 
5 1 NE AAA ARG 49 ? B CZ AAA ARG 49 ? B NH2 AAA ARG 49 ? B 117.08 120.30 -3.22 0.50 N 
# 
_pdbx_validate_main_chain_plane.id                       1 
_pdbx_validate_main_chain_plane.PDB_model_num            1 
_pdbx_validate_main_chain_plane.auth_comp_id             THR 
_pdbx_validate_main_chain_plane.auth_asym_id             AAA 
_pdbx_validate_main_chain_plane.auth_seq_id              4 
_pdbx_validate_main_chain_plane.PDB_ins_code             ? 
_pdbx_validate_main_chain_plane.label_alt_id             B 
_pdbx_validate_main_chain_plane.improper_torsion_angle   -12.18 
# 
_pdbx_refine_tls.id               1 
_pdbx_refine_tls.pdbx_refine_id   'X-RAY DIFFRACTION' 
_pdbx_refine_tls.details          ? 
_pdbx_refine_tls.method           refined 
_pdbx_refine_tls.origin_x         0.1118 
_pdbx_refine_tls.origin_y         0.4125 
_pdbx_refine_tls.origin_z         0.0190 
_pdbx_refine_tls.T[1][1]          0.0063 
_pdbx_refine_tls.T[1][1]_esd      ? 
_pdbx_refine_tls.T[1][2]          0.0008 
_pdbx_refine_tls.T[1][2]_esd      ? 
_pdbx_refine_tls.T[1][3]          -0.0085 
_pdbx_refine_tls.T[1][3]_esd      ? 
_pdbx_refine_tls.T[2][2]          0.0138 
_pdbx_refine_tls.T[2][2]_esd      ? 
_pdbx_refine_tls.T[2][3]          -0.0019 
_pdbx_refine_tls.T[2][3]_esd      ? 
_pdbx_refine_tls.T[3][3]          0.0134 
_pdbx_refine_tls.T[3][3]_esd      ? 
_pdbx_refine_tls.L[1][1]          0.0525 
_pdbx_refine_tls.L[1][1]_esd      ? 
_pdbx_refine_tls.L[1][2]          0.0801 
_pdbx_refine_tls.L[1][2]_esd      ? 
_pdbx_refine_tls.L[1][3]          -0.0159 
_pdbx_refine_tls.L[1][3]_esd      ? 
_pdbx_refine_tls.L[2][2]          0.1837 
_pdbx_refine_tls.L[2][2]_esd      ? 
_pdbx_refine_tls.L[2][3]          -0.0535 
_pdbx_refine_tls.L[2][3]_esd      ? 
_pdbx_refine_tls.L[3][3]          0.0210 
_pdbx_refine_tls.L[3][3]_esd      ? 
_pdbx_refine_tls.S[1][1]          0.0081 
_pdbx_refine_tls.S[1][1]_esd      ? 
_pdbx_refine_tls.S[1][2]          -0.0031 
_pdbx_refine_tls.S[1][2]_esd      ? 
_pdbx_refine_tls.S[1][3]          -0.0015 
_pdbx_refine_tls.S[1][3]_esd      ? 
_pdbx_refine_tls.S[2][1]          0.0105 
_pdbx_refine_tls.S[2][1]_esd      ? 
_pdbx_refine_tls.S[2][2]          -0.0104 
_pdbx_refine_tls.S[2][2]_esd      ? 
_pdbx_refine_tls.S[2][3]          0.0000 
_pdbx_refine_tls.S[2][3]_esd      ? 
_pdbx_refine_tls.S[3][1]          -0.0036 
_pdbx_refine_tls.S[3][1]_esd      ? 
_pdbx_refine_tls.S[3][2]          0.0055 
_pdbx_refine_tls.S[3][2]_esd      ? 
_pdbx_refine_tls.S[3][3]          0.0023 
_pdbx_refine_tls.S[3][3]_esd      ? 
# 
_pdbx_refine_tls_group.id                  1 
_pdbx_refine_tls_group.pdbx_refine_id      'X-RAY DIFFRACTION' 
_pdbx_refine_tls_group.refine_tls_id       1 
_pdbx_refine_tls_group.beg_label_asym_id   ? 
_pdbx_refine_tls_group.beg_label_seq_id    ? 
_pdbx_refine_tls_group.beg_auth_asym_id    AAA 
_pdbx_refine_tls_group.beg_auth_seq_id     -1 
_pdbx_refine_tls_group.beg_PDB_ins_code    ? 
_pdbx_refine_tls_group.end_label_asym_id   ? 
_pdbx_refine_tls_group.end_label_seq_id    ? 
_pdbx_refine_tls_group.end_auth_asym_id    AAA 
_pdbx_refine_tls_group.end_auth_seq_id     62 
_pdbx_refine_tls_group.end_PDB_ins_code    ? 
_pdbx_refine_tls_group.selection           ALL 
_pdbx_refine_tls_group.selection_details   ? 
# 
loop_
_pdbx_distant_solvent_atoms.id 
_pdbx_distant_solvent_atoms.PDB_model_num 
_pdbx_distant_solvent_atoms.auth_atom_id 
_pdbx_distant_solvent_atoms.label_alt_id 
_pdbx_distant_solvent_atoms.auth_asym_id 
_pdbx_distant_solvent_atoms.auth_comp_id 
_pdbx_distant_solvent_atoms.auth_seq_id 
_pdbx_distant_solvent_atoms.PDB_ins_code 
_pdbx_distant_solvent_atoms.neighbor_macromolecule_distance 
_pdbx_distant_solvent_atoms.neighbor_ligand_distance 
1 1 O ? AAA HOH 301 ? 6.57 . 
2 1 O ? AAA HOH 302 ? 6.58 . 
3 1 O ? AAA HOH 303 ? 6.83 . 
# 
loop_
_chem_comp_atom.comp_id 
_chem_comp_atom.atom_id 
_chem_comp_atom.type_symbol 
_chem_comp_atom.pdbx_aromatic_flag 
_chem_comp_atom.pdbx_stereo_config 
_chem_comp_atom.pdbx_ordinal 
ALA N    N N N 1   
ALA CA   C N S 2   
ALA C    C N N 3   
ALA O    O N N 4   
ALA CB   C N N 5   
ALA OXT  O N N 6   
ALA H    H N N 7   
ALA H2   H N N 8   
ALA HA   H N N 9   
ALA HB1  H N N 10  
ALA HB2  H N N 11  
ALA HB3  H N N 12  
ALA HXT  H N N 13  
ARG N    N N N 14  
ARG CA   C N S 15  
ARG C    C N N 16  
ARG O    O N N 17  
ARG CB   C N N 18  
ARG CG   C N N 19  
ARG CD   C N N 20  
ARG NE   N N N 21  
ARG CZ   C N N 22  
ARG NH1  N N N 23  
ARG NH2  N N N 24  
ARG OXT  O N N 25  
ARG H    H N N 26  
ARG H2   H N N 27  
ARG HA   H N N 28  
ARG HB2  H N N 29  
ARG HB3  H N N 30  
ARG HG2  H N N 31  
ARG HG3  H N N 32  
ARG HD2  H N N 33  
ARG HD3  H N N 34  
ARG HE   H N N 35  
ARG HH11 H N N 36  
ARG HH12 H N N 37  
ARG HH21 H N N 38  
ARG HH22 H N N 39  
ARG HXT  H N N 40  
ASN N    N N N 41  
ASN CA   C N S 42  
ASN C    C N N 43  
ASN O    O N N 44  
ASN CB   C N N 45  
ASN CG   C N N 46  
ASN OD1  O N N 47  
ASN ND2  N N N 48  
ASN OXT  O N N 49  
ASN H    H N N 50  
ASN H2   H N N 51  
ASN HA   H N N 52  
ASN HB2  H N N 53  
ASN HB3  H N N 54  
ASN HD21 H N N 55  
ASN HD22 H N N 56  
ASN HXT  H N N 57  
ASP N    N N N 58  
ASP CA   C N S 59  
ASP C    C N N 60  
ASP O    O N N 61  
ASP CB   C N N 62  
ASP CG   C N N 63  
ASP OD1  O N N 64  
ASP OD2  O N N 65  
ASP OXT  O N N 66  
ASP H    H N N 67  
ASP H2   H N N 68  
ASP HA   H N N 69  
ASP HB2  H N N 70  
ASP HB3  H N N 71  
ASP HD2  H N N 72  
ASP HXT  H N N 73  
GLN N    N N N 74  
GLN CA   C N S 75  
GLN C    C N N 76  
GLN O    O N N 77  
GLN CB   C N N 78  
GLN CG   C N N 79  
GLN CD   C N N 80  
GLN OE1  O N N 81  
GLN NE2  N N N 82  
GLN OXT  O N N 83  
GLN H    H N N 84  
GLN H2   H N N 85  
GLN HA   H N N 86  
GLN HB2  H N N 87  
GLN HB3  H N N 88  
GLN HG2  H N N 89  
GLN HG3  H N N 90  
GLN HE21 H N N 91  
GLN HE22 H N N 92  
GLN HXT  H N N 93  
GLU N    N N N 94  
GLU CA   C N S 95  
GLU C    C N N 96  
GLU O    O N N 97  
GLU CB   C N N 98  
GLU CG   C N N 99  
GLU CD   C N N 100 
GLU OE1  O N N 101 
GLU OE2  O N N 102 
GLU OXT  O N N 103 
GLU H    H N N 104 
GLU H2   H N N 105 
GLU HA   H N N 106 
GLU HB2  H N N 107 
GLU HB3  H N N 108 
GLU HG2  H N N 109 
GLU HG3  H N N 110 
GLU HE2  H N N 111 
GLU HXT  H N N 112 
GLY N    N N N 113 
GLY CA   C N N 114 
GLY C    C N N 115 
GLY O    O N N 116 
GLY OXT  O N N 117 
GLY H    H N N 118 
GLY H2   H N N 119 
GLY HA2  H N N 120 
GLY HA3  H N N 121 
GLY HXT  H N N 122 
HOH O    O N N 123 
HOH H1   H N N 124 
HOH H2   H N N 125 
ILE N    N N N 126 
ILE CA   C N S 127 
ILE C    C N N 128 
ILE O    O N N 129 
ILE CB   C N S 130 
ILE CG1  C N N 131 
ILE CG2  C N N 132 
ILE CD1  C N N 133 
ILE OXT  O N N 134 
ILE H    H N N 135 
ILE H2   H N N 136 
ILE HA   H N N 137 
ILE HB   H N N 138 
ILE HG12 H N N 139 
ILE HG13 H N N 140 
ILE HG21 H N N 141 
ILE HG22 H N N 142 
ILE HG23 H N N 143 
ILE HD11 H N N 144 
ILE HD12 H N N 145 
ILE HD13 H N N 146 
ILE HXT  H N N 147 
LEU N    N N N 148 
LEU CA   C N S 149 
LEU C    C N N 150 
LEU O    O N N 151 
LEU CB   C N N 152 
LEU CG   C N N 153 
LEU CD1  C N N 154 
LEU CD2  C N N 155 
LEU OXT  O N N 156 
LEU H    H N N 157 
LEU H2   H N N 158 
LEU HA   H N N 159 
LEU HB2  H N N 160 
LEU HB3  H N N 161 
LEU HG   H N N 162 
LEU HD11 H N N 163 
LEU HD12 H N N 164 
LEU HD13 H N N 165 
LEU HD21 H N N 166 
LEU HD22 H N N 167 
LEU HD23 H N N 168 
LEU HXT  H N N 169 
LYS N    N N N 170 
LYS CA   C N S 171 
LYS C    C N N 172 
LYS O    O N N 173 
LYS CB   C N N 174 
LYS CG   C N N 175 
LYS CD   C N N 176 
LYS CE   C N N 177 
LYS NZ   N N N 178 
LYS OXT  O N N 179 
LYS H    H N N 180 
LYS H2   H N N 181 
LYS HA   H N N 182 
LYS HB2  H N N 183 
LYS HB3  H N N 184 
LYS HG2  H N N 185 
LYS HG3  H N N 186 
LYS HD2  H N N 187 
LYS HD3  H N N 188 
LYS HE2  H N N 189 
LYS HE3  H N N 190 
LYS HZ1  H N N 191 
LYS HZ2  H N N 192 
LYS HZ3  H N N 193 
LYS HXT  H N N 194 
MET N    N N N 195 
MET CA   C N S 196 
MET C    C N N 197 
MET O    O N N 198 
MET CB   C N N 199 
MET CG   C N N 200 
MET SD   S N N 201 
MET CE   C N N 202 
MET OXT  O N N 203 
MET H    H N N 204 
MET H2   H N N 205 
MET HA   H N N 206 
MET HB2  H N N 207 
MET HB3  H N N 208 
MET HG2  H N N 209 
MET HG3  H N N 210 
MET HE1  H N N 211 
MET HE2  H N N 212 
MET HE3  H N N 213 
MET HXT  H N N 214 
PHE N    N N N 215 
PHE CA   C N S 216 
PHE C    C N N 217 
PHE O    O N N 218 
PHE CB   C N N 219 
PHE CG   C Y N 220 
PHE CD1  C Y N 221 
PHE CD2  C Y N 222 
PHE CE1  C Y N 223 
PHE CE2  C Y N 224 
PHE CZ   C Y N 225 
PHE OXT  O N N 226 
PHE H    H N N 227 
PHE H2   H N N 228 
PHE HA   H N N 229 
PHE HB2  H N N 230 
PHE HB3  H N N 231 
PHE HD1  H N N 232 
PHE HD2  H N N 233 
PHE HE1  H N N 234 
PHE HE2  H N N 235 
PHE HZ   H N N 236 
PHE HXT  H N N 237 
PRO N    N N N 238 
PRO CA   C N S 239 
PRO C    C N N 240 
PRO O    O N N 241 
PRO CB   C N N 242 
PRO CG   C N N 243 
PRO CD   C N N 244 
PRO OXT  O N N 245 
PRO H    H N N 246 
PRO HA   H N N 247 
PRO HB2  H N N 248 
PRO HB3  H N N 249 
PRO HG2  H N N 250 
PRO HG3  H N N 251 
PRO HD2  H N N 252 
PRO HD3  H N N 253 
PRO HXT  H N N 254 
SER N    N N N 255 
SER CA   C N S 256 
SER C    C N N 257 
SER O    O N N 258 
SER CB   C N N 259 
SER OG   O N N 260 
SER OXT  O N N 261 
SER H    H N N 262 
SER H2   H N N 263 
SER HA   H N N 264 
SER HB2  H N N 265 
SER HB3  H N N 266 
SER HG   H N N 267 
SER HXT  H N N 268 
SO4 S    S N N 269 
SO4 O1   O N N 270 
SO4 O2   O N N 271 
SO4 O3   O N N 272 
SO4 O4   O N N 273 
THR N    N N N 274 
THR CA   C N S 275 
THR C    C N N 276 
THR O    O N N 277 
THR CB   C N R 278 
THR OG1  O N N 279 
THR CG2  C N N 280 
THR OXT  O N N 281 
THR H    H N N 282 
THR H2   H N N 283 
THR HA   H N N 284 
THR HB   H N N 285 
THR HG1  H N N 286 
THR HG21 H N N 287 
THR HG22 H N N 288 
THR HG23 H N N 289 
THR HXT  H N N 290 
TRP N    N N N 291 
TRP CA   C N S 292 
TRP C    C N N 293 
TRP O    O N N 294 
TRP CB   C N N 295 
TRP CG   C Y N 296 
TRP CD1  C Y N 297 
TRP CD2  C Y N 298 
TRP NE1  N Y N 299 
TRP CE2  C Y N 300 
TRP CE3  C Y N 301 
TRP CZ2  C Y N 302 
TRP CZ3  C Y N 303 
TRP CH2  C Y N 304 
TRP OXT  O N N 305 
TRP H    H N N 306 
TRP H2   H N N 307 
TRP HA   H N N 308 
TRP HB2  H N N 309 
TRP HB3  H N N 310 
TRP HD1  H N N 311 
TRP HE1  H N N 312 
TRP HE3  H N N 313 
TRP HZ2  H N N 314 
TRP HZ3  H N N 315 
TRP HH2  H N N 316 
TRP HXT  H N N 317 
TYR N    N N N 318 
TYR CA   C N S 319 
TYR C    C N N 320 
TYR O    O N N 321 
TYR CB   C N N 322 
TYR CG   C Y N 323 
TYR CD1  C Y N 324 
TYR CD2  C Y N 325 
TYR CE1  C Y N 326 
TYR CE2  C Y N 327 
TYR CZ   C Y N 328 
TYR OH   O N N 329 
TYR OXT  O N N 330 
TYR H    H N N 331 
TYR H2   H N N 332 
TYR HA   H N N 333 
TYR HB2  H N N 334 
TYR HB3  H N N 335 
TYR HD1  H N N 336 
TYR HD2  H N N 337 
TYR HE1  H N N 338 
TYR HE2  H N N 339 
TYR HH   H N N 340 
TYR HXT  H N N 341 
VAL N    N N N 342 
VAL CA   C N S 343 
VAL C    C N N 344 
VAL O    O N N 345 
VAL CB   C N N 346 
VAL CG1  C N N 347 
VAL CG2  C N N 348 
VAL OXT  O N N 349 
VAL H    H N N 350 
VAL H2   H N N 351 
VAL HA   H N N 352 
VAL HB   H N N 353 
VAL HG11 H N N 354 
VAL HG12 H N N 355 
VAL HG13 H N N 356 
VAL HG21 H N N 357 
VAL HG22 H N N 358 
VAL HG23 H N N 359 
VAL HXT  H N N 360 
# 
loop_
_chem_comp_bond.comp_id 
_chem_comp_bond.atom_id_1 
_chem_comp_bond.atom_id_2 
_chem_comp_bond.value_order 
_chem_comp_bond.pdbx_aromatic_flag 
_chem_comp_bond.pdbx_stereo_config 
_chem_comp_bond.pdbx_ordinal 
ALA N   CA   sing N N 1   
ALA N   H    sing N N 2   
ALA N   H2   sing N N 3   
ALA CA  C    sing N N 4   
ALA CA  CB   sing N N 5   
ALA CA  HA   sing N N 6   
ALA C   O    doub N N 7   
ALA C   OXT  sing N N 8   
ALA CB  HB1  sing N N 9   
ALA CB  HB2  sing N N 10  
ALA CB  HB3  sing N N 11  
ALA OXT HXT  sing N N 12  
ARG N   CA   sing N N 13  
ARG N   H    sing N N 14  
ARG N   H2   sing N N 15  
ARG CA  C    sing N N 16  
ARG CA  CB   sing N N 17  
ARG CA  HA   sing N N 18  
ARG C   O    doub N N 19  
ARG C   OXT  sing N N 20  
ARG CB  CG   sing N N 21  
ARG CB  HB2  sing N N 22  
ARG CB  HB3  sing N N 23  
ARG CG  CD   sing N N 24  
ARG CG  HG2  sing N N 25  
ARG CG  HG3  sing N N 26  
ARG CD  NE   sing N N 27  
ARG CD  HD2  sing N N 28  
ARG CD  HD3  sing N N 29  
ARG NE  CZ   sing N N 30  
ARG NE  HE   sing N N 31  
ARG CZ  NH1  sing N N 32  
ARG CZ  NH2  doub N N 33  
ARG NH1 HH11 sing N N 34  
ARG NH1 HH12 sing N N 35  
ARG NH2 HH21 sing N N 36  
ARG NH2 HH22 sing N N 37  
ARG OXT HXT  sing N N 38  
ASN N   CA   sing N N 39  
ASN N   H    sing N N 40  
ASN N   H2   sing N N 41  
ASN CA  C    sing N N 42  
ASN CA  CB   sing N N 43  
ASN CA  HA   sing N N 44  
ASN C   O    doub N N 45  
ASN C   OXT  sing N N 46  
ASN CB  CG   sing N N 47  
ASN CB  HB2  sing N N 48  
ASN CB  HB3  sing N N 49  
ASN CG  OD1  doub N N 50  
ASN CG  ND2  sing N N 51  
ASN ND2 HD21 sing N N 52  
ASN ND2 HD22 sing N N 53  
ASN OXT HXT  sing N N 54  
ASP N   CA   sing N N 55  
ASP N   H    sing N N 56  
ASP N   H2   sing N N 57  
ASP CA  C    sing N N 58  
ASP CA  CB   sing N N 59  
ASP CA  HA   sing N N 60  
ASP C   O    doub N N 61  
ASP C   OXT  sing N N 62  
ASP CB  CG   sing N N 63  
ASP CB  HB2  sing N N 64  
ASP CB  HB3  sing N N 65  
ASP CG  OD1  doub N N 66  
ASP CG  OD2  sing N N 67  
ASP OD2 HD2  sing N N 68  
ASP OXT HXT  sing N N 69  
GLN N   CA   sing N N 70  
GLN N   H    sing N N 71  
GLN N   H2   sing N N 72  
GLN CA  C    sing N N 73  
GLN CA  CB   sing N N 74  
GLN CA  HA   sing N N 75  
GLN C   O    doub N N 76  
GLN C   OXT  sing N N 77  
GLN CB  CG   sing N N 78  
GLN CB  HB2  sing N N 79  
GLN CB  HB3  sing N N 80  
GLN CG  CD   sing N N 81  
GLN CG  HG2  sing N N 82  
GLN CG  HG3  sing N N 83  
GLN CD  OE1  doub N N 84  
GLN CD  NE2  sing N N 85  
GLN NE2 HE21 sing N N 86  
GLN NE2 HE22 sing N N 87  
GLN OXT HXT  sing N N 88  
GLU N   CA   sing N N 89  
GLU N   H    sing N N 90  
GLU N   H2   sing N N 91  
GLU CA  C    sing N N 92  
GLU CA  CB   sing N N 93  
GLU CA  HA   sing N N 94  
GLU C   O    doub N N 95  
GLU C   OXT  sing N N 96  
GLU CB  CG   sing N N 97  
GLU CB  HB2  sing N N 98  
GLU CB  HB3  sing N N 99  
GLU CG  CD   sing N N 100 
GLU CG  HG2  sing N N 101 
GLU CG  HG3  sing N N 102 
GLU CD  OE1  doub N N 103 
GLU CD  OE2  sing N N 104 
GLU OE2 HE2  sing N N 105 
GLU OXT HXT  sing N N 106 
GLY N   CA   sing N N 107 
GLY N   H    sing N N 108 
GLY N   H2   sing N N 109 
GLY CA  C    sing N N 110 
GLY CA  HA2  sing N N 111 
GLY CA  HA3  sing N N 112 
GLY C   O    doub N N 113 
GLY C   OXT  sing N N 114 
GLY OXT HXT  sing N N 115 
HOH O   H1   sing N N 116 
HOH O   H2   sing N N 117 
ILE N   CA   sing N N 118 
ILE N   H    sing N N 119 
ILE N   H2   sing N N 120 
ILE CA  C    sing N N 121 
ILE CA  CB   sing N N 122 
ILE CA  HA   sing N N 123 
ILE C   O    doub N N 124 
ILE C   OXT  sing N N 125 
ILE CB  CG1  sing N N 126 
ILE CB  CG2  sing N N 127 
ILE CB  HB   sing N N 128 
ILE CG1 CD1  sing N N 129 
ILE CG1 HG12 sing N N 130 
ILE CG1 HG13 sing N N 131 
ILE CG2 HG21 sing N N 132 
ILE CG2 HG22 sing N N 133 
ILE CG2 HG23 sing N N 134 
ILE CD1 HD11 sing N N 135 
ILE CD1 HD12 sing N N 136 
ILE CD1 HD13 sing N N 137 
ILE OXT HXT  sing N N 138 
LEU N   CA   sing N N 139 
LEU N   H    sing N N 140 
LEU N   H2   sing N N 141 
LEU CA  C    sing N N 142 
LEU CA  CB   sing N N 143 
LEU CA  HA   sing N N 144 
LEU C   O    doub N N 145 
LEU C   OXT  sing N N 146 
LEU CB  CG   sing N N 147 
LEU CB  HB2  sing N N 148 
LEU CB  HB3  sing N N 149 
LEU CG  CD1  sing N N 150 
LEU CG  CD2  sing N N 151 
LEU CG  HG   sing N N 152 
LEU CD1 HD11 sing N N 153 
LEU CD1 HD12 sing N N 154 
LEU CD1 HD13 sing N N 155 
LEU CD2 HD21 sing N N 156 
LEU CD2 HD22 sing N N 157 
LEU CD2 HD23 sing N N 158 
LEU OXT HXT  sing N N 159 
LYS N   CA   sing N N 160 
LYS N   H    sing N N 161 
LYS N   H2   sing N N 162 
LYS CA  C    sing N N 163 
LYS CA  CB   sing N N 164 
LYS CA  HA   sing N N 165 
LYS C   O    doub N N 166 
LYS C   OXT  sing N N 167 
LYS CB  CG   sing N N 168 
LYS CB  HB2  sing N N 169 
LYS CB  HB3  sing N N 170 
LYS CG  CD   sing N N 171 
LYS CG  HG2  sing N N 172 
LYS CG  HG3  sing N N 173 
LYS CD  CE   sing N N 174 
LYS CD  HD2  sing N N 175 
LYS CD  HD3  sing N N 176 
LYS CE  NZ   sing N N 177 
LYS CE  HE2  sing N N 178 
LYS CE  HE3  sing N N 179 
LYS NZ  HZ1  sing N N 180 
LYS NZ  HZ2  sing N N 181 
LYS NZ  HZ3  sing N N 182 
LYS OXT HXT  sing N N 183 
MET N   CA   sing N N 184 
MET N   H    sing N N 185 
MET N   H2   sing N N 186 
MET CA  C    sing N N 187 
MET CA  CB   sing N N 188 
MET CA  HA   sing N N 189 
MET C   O    doub N N 190 
MET C   OXT  sing N N 191 
MET CB  CG   sing N N 192 
MET CB  HB2  sing N N 193 
MET CB  HB3  sing N N 194 
MET CG  SD   sing N N 195 
MET CG  HG2  sing N N 196 
MET CG  HG3  sing N N 197 
MET SD  CE   sing N N 198 
MET CE  HE1  sing N N 199 
MET CE  HE2  sing N N 200 
MET CE  HE3  sing N N 201 
MET OXT HXT  sing N N 202 
PHE N   CA   sing N N 203 
PHE N   H    sing N N 204 
PHE N   H2   sing N N 205 
PHE CA  C    sing N N 206 
PHE CA  CB   sing N N 207 
PHE CA  HA   sing N N 208 
PHE C   O    doub N N 209 
PHE C   OXT  sing N N 210 
PHE CB  CG   sing N N 211 
PHE CB  HB2  sing N N 212 
PHE CB  HB3  sing N N 213 
PHE CG  CD1  doub Y N 214 
PHE CG  CD2  sing Y N 215 
PHE CD1 CE1  sing Y N 216 
PHE CD1 HD1  sing N N 217 
PHE CD2 CE2  doub Y N 218 
PHE CD2 HD2  sing N N 219 
PHE CE1 CZ   doub Y N 220 
PHE CE1 HE1  sing N N 221 
PHE CE2 CZ   sing Y N 222 
PHE CE2 HE2  sing N N 223 
PHE CZ  HZ   sing N N 224 
PHE OXT HXT  sing N N 225 
PRO N   CA   sing N N 226 
PRO N   CD   sing N N 227 
PRO N   H    sing N N 228 
PRO CA  C    sing N N 229 
PRO CA  CB   sing N N 230 
PRO CA  HA   sing N N 231 
PRO C   O    doub N N 232 
PRO C   OXT  sing N N 233 
PRO CB  CG   sing N N 234 
PRO CB  HB2  sing N N 235 
PRO CB  HB3  sing N N 236 
PRO CG  CD   sing N N 237 
PRO CG  HG2  sing N N 238 
PRO CG  HG3  sing N N 239 
PRO CD  HD2  sing N N 240 
PRO CD  HD3  sing N N 241 
PRO OXT HXT  sing N N 242 
SER N   CA   sing N N 243 
SER N   H    sing N N 244 
SER N   H2   sing N N 245 
SER CA  C    sing N N 246 
SER CA  CB   sing N N 247 
SER CA  HA   sing N N 248 
SER C   O    doub N N 249 
SER C   OXT  sing N N 250 
SER CB  OG   sing N N 251 
SER CB  HB2  sing N N 252 
SER CB  HB3  sing N N 253 
SER OG  HG   sing N N 254 
SER OXT HXT  sing N N 255 
SO4 S   O1   doub N N 256 
SO4 S   O2   doub N N 257 
SO4 S   O3   sing N N 258 
SO4 S   O4   sing N N 259 
THR N   CA   sing N N 260 
THR N   H    sing N N 261 
THR N   H2   sing N N 262 
THR CA  C    sing N N 263 
THR CA  CB   sing N N 264 
THR CA  HA   sing N N 265 
THR C   O    doub N N 266 
THR C   OXT  sing N N 267 
THR CB  OG1  sing N N 268 
THR CB  CG2  sing N N 269 
THR CB  HB   sing N N 270 
THR OG1 HG1  sing N N 271 
THR CG2 HG21 sing N N 272 
THR CG2 HG22 sing N N 273 
THR CG2 HG23 sing N N 274 
THR OXT HXT  sing N N 275 
TRP N   CA   sing N N 276 
TRP N   H    sing N N 277 
TRP N   H2   sing N N 278 
TRP CA  C    sing N N 279 
TRP CA  CB   sing N N 280 
TRP CA  HA   sing N N 281 
TRP C   O    doub N N 282 
TRP C   OXT  sing N N 283 
TRP CB  CG   sing N N 284 
TRP CB  HB2  sing N N 285 
TRP CB  HB3  sing N N 286 
TRP CG  CD1  doub Y N 287 
TRP CG  CD2  sing Y N 288 
TRP CD1 NE1  sing Y N 289 
TRP CD1 HD1  sing N N 290 
TRP CD2 CE2  doub Y N 291 
TRP CD2 CE3  sing Y N 292 
TRP NE1 CE2  sing Y N 293 
TRP NE1 HE1  sing N N 294 
TRP CE2 CZ2  sing Y N 295 
TRP CE3 CZ3  doub Y N 296 
TRP CE3 HE3  sing N N 297 
TRP CZ2 CH2  doub Y N 298 
TRP CZ2 HZ2  sing N N 299 
TRP CZ3 CH2  sing Y N 300 
TRP CZ3 HZ3  sing N N 301 
TRP CH2 HH2  sing N N 302 
TRP OXT HXT  sing N N 303 
TYR N   CA   sing N N 304 
TYR N   H    sing N N 305 
TYR N   H2   sing N N 306 
TYR CA  C    sing N N 307 
TYR CA  CB   sing N N 308 
TYR CA  HA   sing N N 309 
TYR C   O    doub N N 310 
TYR C   OXT  sing N N 311 
TYR CB  CG   sing N N 312 
TYR CB  HB2  sing N N 313 
TYR CB  HB3  sing N N 314 
TYR CG  CD1  doub Y N 315 
TYR CG  CD2  sing Y N 316 
TYR CD1 CE1  sing Y N 317 
TYR CD1 HD1  sing N N 318 
TYR CD2 CE2  doub Y N 319 
TYR CD2 HD2  sing N N 320 
TYR CE1 CZ   doub Y N 321 
TYR CE1 HE1  sing N N 322 
TYR CE2 CZ   sing Y N 323 
TYR CE2 HE2  sing N N 324 
TYR CZ  OH   sing N N 325 
TYR OH  HH   sing N N 326 
TYR OXT HXT  sing N N 327 
VAL N   CA   sing N N 328 
VAL N   H    sing N N 329 
VAL N   H2   sing N N 330 
VAL CA  C    sing N N 331 
VAL CA  CB   sing N N 332 
VAL CA  HA   sing N N 333 
VAL C   O    doub N N 334 
VAL C   OXT  sing N N 335 
VAL CB  CG1  sing N N 336 
VAL CB  CG2  sing N N 337 
VAL CB  HB   sing N N 338 
VAL CG1 HG11 sing N N 339 
VAL CG1 HG12 sing N N 340 
VAL CG1 HG13 sing N N 341 
VAL CG2 HG21 sing N N 342 
VAL CG2 HG22 sing N N 343 
VAL CG2 HG23 sing N N 344 
VAL OXT HXT  sing N N 345 
# 
_pdbx_audit_support.funding_organization   'La Caixa Foundation' 
_pdbx_audit_support.country                Spain 
_pdbx_audit_support.grant_number           LCF/BQ/D119/11730061 
_pdbx_audit_support.ordinal                1 
# 
_pdbx_initial_refinement_model.id               1 
_pdbx_initial_refinement_model.entity_id_list   ? 
_pdbx_initial_refinement_model.type             'experimental model' 
_pdbx_initial_refinement_model.source_name      PDB 
_pdbx_initial_refinement_model.accession_code   1SHG 
_pdbx_initial_refinement_model.details          ? 
# 
_atom_sites.entry_id                    9IHA 
_atom_sites.Cartn_transf_matrix[1][1]   ? 
_atom_sites.Cartn_transf_matrix[1][2]   ? 
_atom_sites.Cartn_transf_matrix[1][3]   ? 
_atom_sites.Cartn_transf_matrix[2][1]   ? 
_atom_sites.Cartn_transf_matrix[2][2]   ? 
_atom_sites.Cartn_transf_matrix[2][3]   ? 
_atom_sites.Cartn_transf_matrix[3][1]   ? 
_atom_sites.Cartn_transf_matrix[3][2]   ? 
_atom_sites.Cartn_transf_matrix[3][3]   ? 
_atom_sites.Cartn_transf_vector[1]      ? 
_atom_sites.Cartn_transf_vector[2]      ? 
_atom_sites.Cartn_transf_vector[3]      ? 
_atom_sites.Cartn_transform_axes        ? 
_atom_sites.fract_transf_matrix[1][1]   0.00332534 
_atom_sites.fract_transf_matrix[1][2]   -0.02954624 
_atom_sites.fract_transf_matrix[1][3]   0.00955377 
_atom_sites.fract_transf_matrix[2][1]   0.01959571 
_atom_sites.fract_transf_matrix[2][2]   -0.00383829 
_atom_sites.fract_transf_matrix[2][3]   -0.01869099 
_atom_sites.fract_transf_matrix[3][1]   0.01061909 
_atom_sites.fract_transf_matrix[3][2]   0.00449646 
_atom_sites.fract_transf_matrix[3][3]   0.01020972 
_atom_sites.fract_transf_vector[1]      0.147341 
_atom_sites.fract_transf_vector[2]      -0.289711 
_atom_sites.fract_transf_vector[3]      -0.145579 
_atom_sites.solution_primary            ? 
_atom_sites.solution_secondary          ? 
_atom_sites.solution_hydrogens          ? 
_atom_sites.special_details             ? 
# 
loop_
_atom_type.symbol 
_atom_type.pdbx_scat_Z 
_atom_type.pdbx_N_electrons 
_atom_type.scat_Cromer_Mann_a1 
_atom_type.scat_Cromer_Mann_b1 
_atom_type.scat_Cromer_Mann_a2 
_atom_type.scat_Cromer_Mann_b2 
_atom_type.scat_Cromer_Mann_a3 
_atom_type.scat_Cromer_Mann_b3 
_atom_type.scat_Cromer_Mann_a4 
_atom_type.scat_Cromer_Mann_b4 
_atom_type.scat_Cromer_Mann_c 
C 6  6  2.310  20.844 1.020 10.208 1.589 0.569  0.865 51.651 0.216   
H 1  1  0.493  10.511 0.323 26.126 0.140 3.142  0.041 57.800 0.003   
N 7  7  12.222 0.006  3.135 9.893  2.014 28.997 1.167 0.583  -11.538 
O 8  8  3.049  13.277 2.287 5.701  1.546 0.324  0.867 32.909 0.251   
S 16 16 6.905  1.468  5.203 22.215 1.438 0.254  1.586 56.172 1.049   
# 
loop_
_atom_site.group_PDB 
_atom_site.id 
_atom_site.type_symbol 
_atom_site.label_atom_id 
_atom_site.label_alt_id 
_atom_site.label_comp_id 
_atom_site.label_asym_id 
_atom_site.label_entity_id 
_atom_site.label_seq_id 
_atom_site.pdbx_PDB_ins_code 
_atom_site.Cartn_x 
_atom_site.Cartn_y 
_atom_site.Cartn_z 
_atom_site.occupancy 
_atom_site.B_iso_or_equiv 
_atom_site.pdbx_formal_charge 
_atom_site.auth_seq_id 
_atom_site.auth_comp_id 
_atom_site.auth_asym_id 
_atom_site.auth_atom_id 
_atom_site.pdbx_PDB_model_num 
_atom_site.calc_flag 
_atom_site.pdbx_tls_group_id 
ATOM   1   N N   . GLY A 1 1  ? -1.605  -18.509 4.730   1.000 19.587  0 -1  GLY AAA N   1 ? 1 
ATOM   2   C CA  . GLY A 1 1  ? -0.915  -19.662 4.152   1.000 17.353  0 -1  GLY AAA CA  1 ? 1 
ATOM   3   C C   . GLY A 1 1  ? -0.519  -19.331 2.723   1.000 17.761  0 -1  GLY AAA C   1 ? 1 
ATOM   4   O O   . GLY A 1 1  ? -0.429  -18.150 2.361   1.000 19.054  0 -1  GLY AAA O   1 ? 1 
ATOM   5   N N   . PRO A 1 2  ? -0.059  -20.334 1.965   1.000 16.492  0 0   PRO AAA N   1 ? 1 
ATOM   6   C CA  . PRO A 1 2  ? 0.619   -20.041 0.714   1.000 17.909  0 0   PRO AAA CA  1 ? 1 
ATOM   7   C C   . PRO A 1 2  ? -0.310  -19.458 -0.347  1.000 19.436  0 0   PRO AAA C   1 ? 1 
ATOM   8   O O   . PRO A 1 2  ? 0.166   -18.700 -1.175  1.000 21.966  0 0   PRO AAA O   1 ? 1 
ATOM   9   C CB  . PRO A 1 2  ? 1.179   -21.407 0.334   1.000 19.814  0 0   PRO AAA CB  1 ? 1 
ATOM   10  C CG  . PRO A 1 2  ? 0.333   -22.409 1.032   1.000 21.258  0 0   PRO AAA CG  1 ? 1 
ATOM   11  C CD  . PRO A 1 2  ? -0.009  -21.730 2.345   1.000 18.343  0 0   PRO AAA CD  1 ? 1 
ATOM   12  N N   . MET A 1 3  ? -1.550  -19.867 -0.329  1.000 20.397  0 1   MET AAA N   1 ? 1 
ATOM   13  C CA  . MET A 1 3  ? -2.459  -19.351 -1.393  1.000 22.747  0 1   MET AAA CA  1 ? 1 
ATOM   14  C C   . MET A 1 3  ? -2.663  -17.867 -1.284  1.000 22.998  0 1   MET AAA C   1 ? 1 
ATOM   15  O O   . MET A 1 3  ? -2.672  -17.143 -2.310  1.000 27.333  0 1   MET AAA O   1 ? 1 
ATOM   16  C CB  . MET A 1 3  ? -3.808  -20.055 -1.286  1.000 28.397  0 1   MET AAA CB  1 ? 1 
ATOM   17  C CG  . MET A 1 3  ? -3.775  -21.529 -1.646  1.000 33.915  0 1   MET AAA CG  1 ? 1 
ATOM   18  S SD  . MET A 1 3  ? -3.178  -21.889 -3.302  1.000 37.362  0 1   MET AAA SD  1 ? 1 
ATOM   19  C CE  . MET A 1 3  ? -4.533  -21.195 -4.248  1.000 37.148  0 1   MET AAA CE  1 ? 1 
ATOM   20  N N   . ASP A 1 4  ? -2.799  -17.351 -0.074  1.000 24.351  0 2   ASP AAA N   1 ? 1 
ATOM   21  C CA  . ASP A 1 4  ? -2.955  -15.892 0.099   1.000 27.253  0 2   ASP AAA CA  1 ? 1 
ATOM   22  C C   . ASP A 1 4  ? -1.690  -15.140 -0.299  1.000 28.865  0 2   ASP AAA C   1 ? 1 
ATOM   23  O O   . ASP A 1 4  ? -1.756  -14.069 -0.599  1.000 39.191  0 2   ASP AAA O   1 ? 1 
ATOM   24  C CB  . ASP A 1 4  ? -3.296  -15.587 1.561   1.000 34.065  0 2   ASP AAA CB  1 ? 1 
ATOM   25  C CG  . ASP A 1 4  ? -3.719  -14.141 1.710   1.000 43.007  0 2   ASP AAA CG  1 ? 1 
ATOM   26  O OD1 . ASP A 1 4  ? -4.466  -13.646 0.812   1.000 39.175  0 2   ASP AAA OD1 1 ? 1 
ATOM   27  O OD2 . ASP A 1 4  ? -3.204  -13.511 2.626   1.000 49.122  0 2   ASP AAA OD2 1 ? 1 
ATOM   28  N N   . GLU A 1 5  ? -0.540  -15.754 -0.082  1.000 22.113  0 3   GLU AAA N   1 ? 1 
ATOM   29  C CA  . GLU A 1 5  ? 0.767   -15.092 -0.294  1.000 22.354  0 3   GLU AAA CA  1 ? 1 
ATOM   30  C C   . GLU A 1 5  ? 1.225   -15.208 -1.726  1.000 25.012  0 3   GLU AAA C   1 ? 1 
ATOM   31  O O   . GLU A 1 5  ? 2.019   -14.314 -2.105  1.000 24.008  0 3   GLU AAA O   1 ? 1 
ATOM   32  C CB  . GLU A 1 5  ? 1.812   -15.674 0.642   1.000 22.631  0 3   GLU AAA CB  1 ? 1 
ATOM   33  C CG  . GLU A 1 5  ? 1.539   -15.347 2.107   1.000 24.609  0 3   GLU AAA CG  1 ? 1 
ATOM   34  C CD  . GLU A 1 5  ? 2.581   -15.726 3.138   1.000 27.830  0 3   GLU AAA CD  1 ? 1 
ATOM   35  O OE1 . GLU A 1 5  ? 2.288   -15.602 4.354   1.000 40.579  0 3   GLU AAA OE1 1 ? 1 
ATOM   36  O OE2 . GLU A 1 5  ? 3.712   -16.086 2.711   1.000 36.155  0 3   GLU AAA OE2 1 ? 1 
ATOM   37  N N   A THR A 1 6  ? 0.809   -16.197 -2.502  0.660 31.374  0 4   THR AAA N   1 ? 1 
ATOM   38  N N   B THR A 1 6  ? 0.844   -16.244 -2.479  0.340 26.712  0 4   THR AAA N   1 ? 1 
ATOM   39  C CA  A THR A 1 6  ? 1.385   -16.400 -3.841  0.660 62.599  0 4   THR AAA CA  1 ? 1 
ATOM   40  C CA  B THR A 1 6  ? 1.388   -16.393 -3.834  0.340 32.594  0 4   THR AAA CA  1 ? 1 
ATOM   41  C C   A THR A 1 6  ? 1.289   -14.952 -4.466  0.660 53.489  0 4   THR AAA C   1 ? 1 
ATOM   42  C C   B THR A 1 6  ? 1.239   -15.102 -4.670  0.340 31.033  0 4   THR AAA C   1 ? 1 
ATOM   43  O O   A THR A 1 6  ? 0.242   -14.287 -4.547  0.660 31.145  0 4   THR AAA O   1 ? 1 
ATOM   44  O O   B THR A 1 6  ? 0.066   -14.823 -5.042  0.340 31.999  0 4   THR AAA O   1 ? 1 
ATOM   45  C CB  A THR A 1 6  ? 0.860   -17.700 -4.478  0.660 64.563  0 4   THR AAA CB  1 ? 1 
ATOM   46  C CB  B THR A 1 6  ? 0.809   -17.642 -4.546  0.340 41.722  0 4   THR AAA CB  1 ? 1 
ATOM   47  O OG1 A THR A 1 6  ? 1.205   -18.812 -3.592  0.660 71.536  0 4   THR AAA OG1 1 ? 1 
ATOM   48  O OG1 B THR A 1 6  ? -0.620  -17.599 -4.672  0.340 35.494  0 4   THR AAA OG1 1 ? 1 
ATOM   49  C CG2 A THR A 1 6  ? 1.436   -17.877 -5.864  0.660 51.606  0 4   THR AAA CG2 1 ? 1 
ATOM   50  C CG2 B THR A 1 6  ? 1.196   -18.945 -3.870  0.340 37.198  0 4   THR AAA CG2 1 ? 1 
ATOM   51  N N   . GLY A 1 7  ? 2.387   -14.771 -5.243  1.000 26.541  0 5   GLY AAA N   1 ? 1 
ATOM   52  C CA  . GLY A 1 7  ? 2.458   -13.770 -6.290  1.000 26.971  0 5   GLY AAA CA  1 ? 1 
ATOM   53  C C   . GLY A 1 7  ? 2.436   -12.418 -5.662  1.000 24.400  0 5   GLY AAA C   1 ? 1 
ATOM   54  O O   . GLY A 1 7  ? 2.524   -11.500 -6.414  1.000 32.342  0 5   GLY AAA O   1 ? 1 
ATOM   55  N N   . LYS A 1 8  ? 2.252   -12.290 -4.345  1.000 20.693  0 6   LYS AAA N   1 ? 1 
ATOM   56  C CA  . LYS A 1 8  ? 2.081   -10.949 -3.764  1.000 17.718  0 6   LYS AAA CA  1 ? 1 
ATOM   57  C C   . LYS A 1 8  ? 3.431   -10.336 -3.431  1.000 16.426  0 6   LYS AAA C   1 ? 1 
ATOM   58  O O   . LYS A 1 8  ? 4.309   -10.971 -2.810  1.000 21.632  0 6   LYS AAA O   1 ? 1 
ATOM   59  C CB  . LYS A 1 8  ? 1.196   -10.953 -2.536  1.000 18.692  0 6   LYS AAA CB  1 ? 1 
ATOM   60  C CG  . LYS A 1 8  ? -0.242  -11.294 -2.828  1.000 23.416  0 6   LYS AAA CG  1 ? 1 
ATOM   61  C CD  . LYS A 1 8  ? -1.148  -11.208 -1.696  1.000 25.836  0 6   LYS AAA CD  1 ? 1 
ATOM   62  C CE  . LYS A 1 8  ? -2.585  -11.512 -2.061  1.000 28.822  0 6   LYS AAA CE  1 ? 1 
ATOM   63  N NZ  . LYS A 1 8  ? -3.342  -11.557 -0.787  1.000 30.190  0 6   LYS AAA NZ  1 ? 1 
ATOM   64  N N   . GLU A 1 9  ? 3.556   -9.096  -3.823  1.000 14.318  0 7   GLU AAA N   1 ? 1 
ATOM   65  C CA  . GLU A 1 9  ? 4.670   -8.244  -3.458  1.000 13.176  0 7   GLU AAA CA  1 ? 1 
ATOM   66  C C   . GLU A 1 9  ? 4.220   -7.363  -2.320  1.000 11.720  0 7   GLU AAA C   1 ? 1 
ATOM   67  O O   . GLU A 1 9  ? 3.217   -6.669  -2.481  1.000 13.840  0 7   GLU AAA O   1 ? 1 
ATOM   68  C CB  . GLU A 1 9  ? 5.103   -7.421  -4.676  1.000 14.119  0 7   GLU AAA CB  1 ? 1 
ATOM   69  C CG  . GLU A 1 9  ? 5.607   -8.315  -5.784  1.000 17.341  0 7   GLU AAA CG  1 ? 1 
ATOM   70  C CD  . GLU A 1 9  ? 5.893   -7.579  -7.060  1.000 18.179  0 7   GLU AAA CD  1 ? 1 
ATOM   71  O OE1 . GLU A 1 9  ? 6.272   -6.398  -6.990  1.000 19.258  0 7   GLU AAA OE1 1 ? 1 
ATOM   72  O OE2 . GLU A 1 9  ? 5.669   -8.185  -8.113  1.000 24.436  0 7   GLU AAA OE2 1 ? 1 
ATOM   73  N N   . LEU A 1 10 ? 4.896   -7.400  -1.209  1.000 11.919  0 8   LEU AAA N   1 ? 1 
ATOM   74  C CA  . LEU A 1 10 ? 4.436   -6.714  -0.007  1.000 11.788  0 8   LEU AAA CA  1 ? 1 
ATOM   75  C C   . LEU A 1 10 ? 5.136   -5.390  0.189   1.000 11.526  0 8   LEU AAA C   1 ? 1 
ATOM   76  O O   . LEU A 1 10 ? 6.251   -5.164  -0.318  1.000 12.138  0 8   LEU AAA O   1 ? 1 
ATOM   77  C CB  . LEU A 1 10 ? 4.583   -7.609  1.213   1.000 13.045  0 8   LEU AAA CB  1 ? 1 
ATOM   78  C CG  . LEU A 1 10 ? 3.858   -8.941  1.123   1.000 14.967  0 8   LEU AAA CG  1 ? 1 
ATOM   79  C CD1 . LEU A 1 10 ? 4.069   -9.716  2.434   1.000 17.980  0 8   LEU AAA CD1 1 ? 1 
ATOM   80  C CD2 . LEU A 1 10 ? 2.424   -8.762  0.780   1.000 16.424  0 8   LEU AAA CD2 1 ? 1 
ATOM   81  N N   A LEU A 1 11 ? 4.503   -4.529  0.989   0.920 10.829  0 9   LEU AAA N   1 ? 1 
ATOM   82  N N   B LEU A 1 11 ? 4.534   -4.494  0.950   0.080 9.543   0 9   LEU AAA N   1 ? 1 
ATOM   83  C CA  A LEU A 1 11 ? 4.937   -3.168  1.296   0.920 10.473  0 9   LEU AAA CA  1 ? 1 
ATOM   84  C CA  B LEU A 1 11 ? 5.211   -3.240  1.271   0.080 10.459  0 9   LEU AAA CA  1 ? 1 
ATOM   85  C C   A LEU A 1 11 ? 4.826   -2.955  2.802   0.920 10.514  0 9   LEU AAA C   1 ? 1 
ATOM   86  C C   B LEU A 1 11 ? 4.942   -3.026  2.753   0.080 10.778  0 9   LEU AAA C   1 ? 1 
ATOM   87  O O   A LEU A 1 11 ? 3.830   -3.330  3.420   0.920 12.190  0 9   LEU AAA O   1 ? 1 
ATOM   88  O O   B LEU A 1 11 ? 4.024   -3.685  3.321   0.080 9.812   0 9   LEU AAA O   1 ? 1 
ATOM   89  C CB  A LEU A 1 11 ? 4.030   -2.145  0.630   0.920 9.987   0 9   LEU AAA CB  1 ? 1 
ATOM   90  C CB  B LEU A 1 11 ? 4.700   -2.120  0.368   0.080 10.480  0 9   LEU AAA CB  1 ? 1 
ATOM   91  C CG  A LEU A 1 11 ? 3.968   -2.222  -0.884  0.920 9.939   0 9   LEU AAA CG  1 ? 1 
ATOM   92  C CG  B LEU A 1 11 ? 3.323   -1.628  0.751   0.080 13.536  0 9   LEU AAA CG  1 ? 1 
ATOM   93  C CD1 A LEU A 1 11 ? 2.835   -1.317  -1.356  0.920 10.459  0 9   LEU AAA CD1 1 ? 1 
ATOM   94  C CD1 B LEU A 1 11 ? 3.412   -0.945  2.095   0.080 13.421  0 9   LEU AAA CD1 1 ? 1 
ATOM   95  C CD2 A LEU A 1 11 ? 5.252   -1.820  -1.517  0.920 12.743  0 9   LEU AAA CD2 1 ? 1 
ATOM   96  C CD2 B LEU A 1 11 ? 2.758   -0.707  -0.326  0.080 13.791  0 9   LEU AAA CD2 1 ? 1 
ATOM   97  N N   . LEU A 1 12 ? 5.825   -2.244  3.342   1.000 11.037  0 10  LEU AAA N   1 ? 1 
ATOM   98  C CA  . LEU A 1 12 ? 5.753   -1.764  4.730   1.000 11.403  0 10  LEU AAA CA  1 ? 1 
ATOM   99  C C   . LEU A 1 12 ? 5.404   -0.261  4.699   1.000 11.128  0 10  LEU AAA C   1 ? 1 
ATOM   100 O O   . LEU A 1 12 ? 6.048   0.498   3.970   1.000 11.753  0 10  LEU AAA O   1 ? 1 
ATOM   101 C CB  . LEU A 1 12 ? 7.120   -1.931  5.397   1.000 12.819  0 10  LEU AAA CB  1 ? 1 
ATOM   102 C CG  . LEU A 1 12 ? 7.296   -1.374  6.798   1.000 13.462  0 10  LEU AAA CG  1 ? 1 
ATOM   103 C CD1 . LEU A 1 12 ? 6.355   -1.965  7.801   1.000 14.532  0 10  LEU AAA CD1 1 ? 1 
ATOM   104 C CD2 . LEU A 1 12 ? 8.736   -1.505  7.193   1.000 15.757  0 10  LEU AAA CD2 1 ? 1 
ATOM   105 N N   . VAL A 1 13 ? 4.457   0.129   5.524   1.000 11.124  0 11  VAL AAA N   1 ? 1 
ATOM   106 C CA  . VAL A 1 13 ? 4.158   1.551   5.697   1.000 10.643  0 11  VAL AAA CA  1 ? 1 
ATOM   107 C C   . VAL A 1 13 ? 5.144   2.171   6.661   1.000 11.242  0 11  VAL AAA C   1 ? 1 
ATOM   108 O O   . VAL A 1 13 ? 5.297   1.741   7.819   1.000 12.607  0 11  VAL AAA O   1 ? 1 
ATOM   109 C CB  . VAL A 1 13 ? 2.721   1.700   6.170   1.000 10.955  0 11  VAL AAA CB  1 ? 1 
ATOM   110 C CG1 . VAL A 1 13 ? 2.423   3.159   6.415   1.000 11.479  0 11  VAL AAA CG1 1 ? 1 
ATOM   111 C CG2 . VAL A 1 13 ? 1.749   1.137   5.144   1.000 11.139  0 11  VAL AAA CG2 1 ? 1 
ATOM   112 N N   . LEU A 1 14 ? 5.831   3.197   6.190   1.000 11.620  0 12  LEU AAA N   1 ? 1 
ATOM   113 C CA  . LEU A 1 14 ? 6.886   3.912   6.945   1.000 12.767  0 12  LEU AAA CA  1 ? 1 
ATOM   114 C C   . LEU A 1 14 ? 6.348   4.995   7.833   1.000 12.444  0 12  LEU AAA C   1 ? 1 
ATOM   115 O O   . LEU A 1 14 ? 6.972   5.292   8.867   1.000 14.376  0 12  LEU AAA O   1 ? 1 
ATOM   116 C CB  . LEU A 1 14 ? 7.863   4.496   5.953   1.000 13.299  0 12  LEU AAA CB  1 ? 1 
ATOM   117 C CG  . LEU A 1 14 ? 8.604   3.493   5.084   1.000 13.921  0 12  LEU AAA CG  1 ? 1 
ATOM   118 C CD1 . LEU A 1 14 ? 9.452   4.231   4.073   1.000 15.776  0 12  LEU AAA CD1 1 ? 1 
ATOM   119 C CD2 . LEU A 1 14 ? 9.420   2.515   5.914   1.000 16.174  0 12  LEU AAA CD2 1 ? 1 
ATOM   120 N N   A TYR A 1 15 ? 5.273   5.655   7.435   0.500 11.974  0 13  TYR AAA N   1 ? 1 
ATOM   121 N N   B TYR A 1 15 ? 5.276   5.657   7.434   0.500 11.975  0 13  TYR AAA N   1 ? 1 
ATOM   122 C CA  A TYR A 1 15 ? 4.706   6.810   8.148   0.500 12.634  0 13  TYR AAA CA  1 ? 1 
ATOM   123 C CA  B TYR A 1 15 ? 4.707   6.800   8.162   0.500 12.622  0 13  TYR AAA CA  1 ? 1 
ATOM   124 C C   A TYR A 1 15 ? 3.208   6.707   8.017   0.500 11.833  0 13  TYR AAA C   1 ? 1 
ATOM   125 C C   B TYR A 1 15 ? 3.209   6.704   8.019   0.500 11.832  0 13  TYR AAA C   1 ? 1 
ATOM   126 O O   A TYR A 1 15 ? 2.713   6.219   6.952   0.500 11.885  0 13  TYR AAA O   1 ? 1 
ATOM   127 O O   B TYR A 1 15 ? 2.717   6.216   6.952   0.500 11.877  0 13  TYR AAA O   1 ? 1 
ATOM   128 C CB  A TYR A 1 15 ? 5.156   8.160   7.552   0.500 12.827  0 13  TYR AAA CB  1 ? 1 
ATOM   129 C CB  B TYR A 1 15 ? 5.165   8.158   7.593   0.500 12.830  0 13  TYR AAA CB  1 ? 1 
ATOM   130 C CG  A TYR A 1 15 ? 6.621   8.220   7.199   0.500 13.856  0 13  TYR AAA CG  1 ? 1 
ATOM   131 C CG  B TYR A 1 15 ? 6.615   8.229   7.168   0.500 13.838  0 13  TYR AAA CG  1 ? 1 
ATOM   132 C CD1 A TYR A 1 15 ? 7.565   8.215   8.187   0.500 17.338  0 13  TYR AAA CD1 1 ? 1 
ATOM   133 C CD1 B TYR A 1 15 ? 7.666   8.229   8.050   0.500 17.036  0 13  TYR AAA CD1 1 ? 1 
ATOM   134 C CD2 A TYR A 1 15 ? 7.041   8.174   5.887   0.500 14.127  0 13  TYR AAA CD2 1 ? 1 
ATOM   135 C CD2 B TYR A 1 15 ? 6.915   8.227   5.824   0.500 14.129  0 13  TYR AAA CD2 1 ? 1 
ATOM   136 C CE1 A TYR A 1 15 ? 8.910   8.258   7.901   0.500 21.975  0 13  TYR AAA CE1 1 ? 1 
ATOM   137 C CE1 B TYR A 1 15 ? 8.982   8.311   7.600   0.500 20.890  0 13  TYR AAA CE1 1 ? 1 
ATOM   138 C CE2 A TYR A 1 15 ? 8.393   8.143   5.555   0.500 17.043  0 13  TYR AAA CE2 1 ? 1 
ATOM   139 C CE2 B TYR A 1 15 ? 8.220   8.242   5.334   0.500 17.344  0 13  TYR AAA CE2 1 ? 1 
ATOM   140 C CZ  A TYR A 1 15 ? 9.329   8.191   6.589   0.500 21.896  0 13  TYR AAA CZ  1 ? 1 
ATOM   141 C CZ  B TYR A 1 15 ? 9.267   8.281   6.238   0.500 24.571  0 13  TYR AAA CZ  1 ? 1 
ATOM   142 O OH  A TYR A 1 15 ? 10.705  8.206   6.383   0.500 23.072  0 13  TYR AAA OH  1 ? 1 
ATOM   143 O OH  B TYR A 1 15 ? 10.588  8.396   5.746   0.500 27.751  0 13  TYR AAA OH  1 ? 1 
ATOM   144 N N   . ASP A 1 16 ? 2.478   7.179   9.014   1.000 13.207  0 14  ASP AAA N   1 ? 1 
ATOM   145 C CA  . ASP A 1 16 ? 1.029   7.211   8.853   1.000 13.164  0 14  ASP AAA CA  1 ? 1 
ATOM   146 C C   . ASP A 1 16 ? 0.645   8.029   7.622   1.000 12.928  0 14  ASP AAA C   1 ? 1 
ATOM   147 O O   . ASP A 1 16 ? 1.251   9.061   7.353   1.000 13.470  0 14  ASP AAA O   1 ? 1 
ATOM   148 C CB  . ASP A 1 16 ? 0.376   7.872   10.055  1.000 15.057  0 14  ASP AAA CB  1 ? 1 
ATOM   149 C CG  . ASP A 1 16 ? 0.479   7.127   11.350  1.000 15.975  0 14  ASP AAA CG  1 ? 1 
ATOM   150 O OD1 . ASP A 1 16 ? 0.941   5.991   11.456  1.000 17.496  0 14  ASP AAA OD1 1 ? 1 
ATOM   151 O OD2 . ASP A 1 16 ? 0.111   7.787   12.430  1.000 20.434  0 14  ASP AAA OD2 1 ? 1 
ATOM   152 N N   . TYR A 1 17 ? -0.441  7.613   6.955   1.000 12.328  0 15  TYR AAA N   1 ? 1 
ATOM   153 C CA  . TYR A 1 17 ? -0.979  8.397   5.842   1.000 11.961  0 15  TYR AAA CA  1 ? 1 
ATOM   154 C C   . TYR A 1 17 ? -2.478  8.472   5.972   1.000 12.597  0 15  TYR AAA C   1 ? 1 
ATOM   155 O O   . TYR A 1 17 ? -3.145  7.438   6.044   1.000 13.262  0 15  TYR AAA O   1 ? 1 
ATOM   156 C CB  . TYR A 1 17 ? -0.626  7.807   4.471   1.000 11.782  0 15  TYR AAA CB  1 ? 1 
ATOM   157 C CG  . TYR A 1 17 ? -1.185  8.647   3.342   1.000 11.008  0 15  TYR AAA CG  1 ? 1 
ATOM   158 C CD1 . TYR A 1 17 ? -0.612  9.891   3.085   1.000 11.687  0 15  TYR AAA CD1 1 ? 1 
ATOM   159 C CD2 . TYR A 1 17 ? -2.301  8.296   2.624   1.000 10.883  0 15  TYR AAA CD2 1 ? 1 
ATOM   160 C CE1 . TYR A 1 17 ? -1.144  10.756  2.175   1.000 11.887  0 15  TYR AAA CE1 1 ? 1 
ATOM   161 C CE2 . TYR A 1 17 ? -2.841  9.157   1.687   1.000 11.350  0 15  TYR AAA CE2 1 ? 1 
ATOM   162 C CZ  . TYR A 1 17 ? -2.284  10.402  1.482   1.000 11.363  0 15  TYR AAA CZ  1 ? 1 
ATOM   163 O OH  . TYR A 1 17 ? -2.792  11.301  0.585   1.000 13.445  0 15  TYR AAA OH  1 ? 1 
ATOM   164 N N   A GLN A 1 18 ? -3.002  9.684   6.024   0.540 13.305  0 16  GLN AAA N   1 ? 1 
ATOM   165 N N   B GLN A 1 18 ? -2.977  9.694   5.972   0.460 13.062  0 16  GLN AAA N   1 ? 1 
ATOM   166 C CA  A GLN A 1 18 ? -4.448  9.894   6.051   0.540 14.710  0 16  GLN AAA CA  1 ? 1 
ATOM   167 C CA  B GLN A 1 18 ? -4.411  9.969   6.044   0.460 14.703  0 16  GLN AAA CA  1 ? 1 
ATOM   168 C C   A GLN A 1 18 ? -4.939  10.227  4.640   0.540 14.143  0 16  GLN AAA C   1 ? 1 
ATOM   169 C C   B GLN A 1 18 ? -4.948  10.255  4.635   0.460 14.220  0 16  GLN AAA C   1 ? 1 
ATOM   170 O O   A GLN A 1 18 ? -4.455  11.134  3.947   0.540 15.232  0 16  GLN AAA O   1 ? 1 
ATOM   171 O O   B GLN A 1 18 ? -4.472  11.150  3.917   0.460 14.933  0 16  GLN AAA O   1 ? 1 
ATOM   172 C CB  A GLN A 1 18 ? -4.812  11.066  6.970   0.540 18.411  0 16  GLN AAA CB  1 ? 1 
ATOM   173 C CB  B GLN A 1 18 ? -4.618  11.152  6.994   0.460 17.031  0 16  GLN AAA CB  1 ? 1 
ATOM   174 C CG  A GLN A 1 18 ? -6.305  11.342  7.032   0.540 21.027  0 16  GLN AAA CG  1 ? 1 
ATOM   175 C CG  B GLN A 1 18 ? -4.382  10.770  8.463   0.460 20.625  0 16  GLN AAA CG  1 ? 1 
ATOM   176 C CD  A GLN A 1 18 ? -7.076  10.220  7.715   0.540 30.096  0 16  GLN AAA CD  1 ? 1 
ATOM   177 C CD  B GLN A 1 18 ? -2.952  10.959  8.979   0.460 37.385  0 16  GLN AAA CD  1 ? 1 
ATOM   178 O OE1 A GLN A 1 18 ? -8.138  9.711   7.282   0.540 36.780  0 16  GLN AAA OE1 1 ? 1 
ATOM   179 O OE1 B GLN A 1 18 ? -2.307  12.028  8.772   0.460 48.860  0 16  GLN AAA OE1 1 ? 1 
ATOM   180 N NE2 A GLN A 1 18 ? -6.531  9.755   8.816   0.540 32.978  0 16  GLN AAA NE2 1 ? 1 
ATOM   181 N NE2 B GLN A 1 18 ? -2.438  9.950   9.666   0.460 29.833  0 16  GLN AAA NE2 1 ? 1 
ATOM   182 N N   . GLU A 1 19 ? -5.943  9.479   4.236   1.000 14.402  0 17  GLU AAA N   1 ? 1 
ATOM   183 C CA  . GLU A 1 19 ? -6.549  9.686   2.905   1.000 14.493  0 17  GLU AAA CA  1 ? 1 
ATOM   184 C C   . GLU A 1 19 ? -7.063  11.110  2.705   1.000 15.985  0 17  GLU AAA C   1 ? 1 
ATOM   185 O O   . GLU A 1 19 ? -7.578  11.729  3.646   1.000 19.104  0 17  GLU AAA O   1 ? 1 
ATOM   186 C CB  . GLU A 1 19 ? -7.687  8.704   2.715   1.000 15.683  0 17  GLU AAA CB  1 ? 1 
ATOM   187 C CG  . GLU A 1 19 ? -8.845  9.070   3.629   1.000 18.512  0 17  GLU AAA CG  1 ? 1 
ATOM   188 C CD  . GLU A 1 19 ? -9.791  7.926   3.737   1.000 19.093  0 17  GLU AAA CD  1 ? 1 
ATOM   189 O OE1 . GLU A 1 19 ? -10.970 8.049   3.312   1.000 22.461  0 17  GLU AAA OE1 1 ? 1 
ATOM   190 O OE2 . GLU A 1 19 ? -9.375  6.834   4.235   1.000 21.345  0 17  GLU AAA OE2 1 ? 1 
ATOM   191 N N   A LYS A 1 20 ? -6.920  11.568  1.464   0.670 15.348  0 18  LYS AAA N   1 ? 1 
ATOM   192 N N   B LYS A 1 20 ? -6.930  11.583  1.464   0.330 15.193  0 18  LYS AAA N   1 ? 1 
ATOM   193 C CA  A LYS A 1 20 ? -7.433  12.904  1.089   0.670 16.932  0 18  LYS AAA CA  1 ? 1 
ATOM   194 C CA  B LYS A 1 20 ? -7.410  12.941  1.100   0.330 17.313  0 18  LYS AAA CA  1 ? 1 
ATOM   195 C C   A LYS A 1 20 ? -8.288  12.852  -0.154  0.670 15.452  0 18  LYS AAA C   1 ? 1 
ATOM   196 C C   B LYS A 1 20 ? -8.485  12.858  0.022   0.330 15.951  0 18  LYS AAA C   1 ? 1 
ATOM   197 O O   A LYS A 1 20 ? -8.602  13.908  -0.696  0.670 16.776  0 18  LYS AAA O   1 ? 1 
ATOM   198 O O   B LYS A 1 20 ? -9.164  13.915  -0.228  0.330 16.914  0 18  LYS AAA O   1 ? 1 
ATOM   199 C CB  A LYS A 1 20 ? -6.280  13.889  0.909   0.670 18.550  0 18  LYS AAA CB  1 ? 1 
ATOM   200 C CB  B LYS A 1 20 ? -6.218  13.840  0.741   0.330 21.608  0 18  LYS AAA CB  1 ? 1 
ATOM   201 C CG  A LYS A 1 20 ? -5.476  14.161  2.166   0.670 21.473  0 18  LYS AAA CG  1 ? 1 
ATOM   202 C CG  B LYS A 1 20 ? -5.288  14.165  1.908   0.330 22.605  0 18  LYS AAA CG  1 ? 1 
ATOM   203 C CD  A LYS A 1 20 ? -4.485  15.245  1.846   0.670 31.183  0 18  LYS AAA CD  1 ? 1 
ATOM   204 C CD  B LYS A 1 20 ? -5.973  15.038  2.962   0.330 29.135  0 18  LYS AAA CD  1 ? 1 
ATOM   205 C CE  A LYS A 1 20 ? -5.064  16.639  1.874   0.670 30.129  0 18  LYS AAA CE  1 ? 1 
ATOM   206 C CE  B LYS A 1 20 ? -6.193  14.352  4.296   0.330 41.476  0 18  LYS AAA CE  1 ? 1 
ATOM   207 N NZ  A LYS A 1 20 ? -3.973  17.634  1.845   0.670 39.784  0 18  LYS AAA NZ  1 ? 1 
ATOM   208 N NZ  B LYS A 1 20 ? -7.620  14.316  4.710   0.330 47.543  0 18  LYS AAA NZ  1 ? 1 
ATOM   209 N N   . SER A 1 21 ? -8.707  11.683  -0.567  1.000 13.327  0 19  SER AAA N   1 ? 1 
ATOM   210 C CA  . SER A 1 21 ? -9.697  11.570  -1.644  1.000 12.654  0 19  SER AAA CA  1 ? 1 
ATOM   211 C C   . SER A 1 21 ? -10.343 10.222  -1.492  1.000 11.148  0 19  SER AAA C   1 ? 1 
ATOM   212 O O   . SER A 1 21 ? -9.814  9.321   -0.804  1.000 11.901  0 19  SER AAA O   1 ? 1 
ATOM   213 C CB  . SER A 1 21 ? -9.062  11.681  -3.043  1.000 15.572  0 19  SER AAA CB  1 ? 1 
ATOM   214 O OG  . SER A 1 21 ? -8.743  10.349  -3.572  1.000 16.520  0 19  SER AAA OG  1 ? 1 
ATOM   215 N N   . PRO A 1 22 ? -11.443 9.976   -2.216  1.000 11.552  0 20  PRO AAA N   1 ? 1 
ATOM   216 C CA  . PRO A 1 22 ? -12.135 8.693   -2.082  1.000 11.949  0 20  PRO AAA CA  1 ? 1 
ATOM   217 C C   . PRO A 1 22 ? -11.396 7.475   -2.605  1.000 11.330  0 20  PRO AAA C   1 ? 1 
ATOM   218 O O   . PRO A 1 22 ? -11.831 6.361   -2.302  1.000 12.896  0 20  PRO AAA O   1 ? 1 
ATOM   219 C CB  . PRO A 1 22 ? -13.444 8.914   -2.837  1.000 14.455  0 20  PRO AAA CB  1 ? 1 
ATOM   220 C CG  . PRO A 1 22 ? -13.690 10.400  -2.782  1.000 13.884  0 20  PRO AAA CG  1 ? 1 
ATOM   221 C CD  . PRO A 1 22 ? -12.271 10.972  -2.928  1.000 12.981  0 20  PRO AAA CD  1 ? 1 
ATOM   222 N N   . ARG A 1 23 ? -10.334 7.693   -3.371  1.000 11.244  0 21  ARG AAA N   1 ? 1 
ATOM   223 C CA  . ARG A 1 23 ? -9.567  6.602   -3.979  1.000 11.597  0 21  ARG AAA CA  1 ? 1 
ATOM   224 C C   . ARG A 1 23 ? -8.270  6.352   -3.231  1.000 10.579  0 21  ARG AAA C   1 ? 1 
ATOM   225 O O   . ARG A 1 23 ? -7.470  5.528   -3.709  1.000 12.355  0 21  ARG AAA O   1 ? 1 
ATOM   226 C CB  . ARG A 1 23 ? -9.347  6.899   -5.466  1.000 14.565  0 21  ARG AAA CB  1 ? 1 
ATOM   227 C CG  . ARG A 1 23 ? -10.709 6.775   -6.207  1.000 18.413  0 21  ARG AAA CG  1 ? 1 
ATOM   228 C CD  . ARG A 1 23 ? -10.862 7.566   -7.462  1.000 21.704  0 21  ARG AAA CD  1 ? 1 
ATOM   229 N NE  . ARG A 1 23 ? -10.854 8.973   -7.231  1.000 21.231  0 21  ARG AAA NE  1 ? 1 
ATOM   230 C CZ  . ARG A 1 23 ? -11.872 9.750   -6.872  1.000 18.429  0 21  ARG AAA CZ  1 ? 1 
ATOM   231 N NH1 . ARG A 1 23 ? -13.127 9.277   -6.719  1.000 19.312  0 21  ARG AAA NH1 1 ? 1 
ATOM   232 N NH2 . ARG A 1 23 ? -11.599 11.035  -6.670  1.000 19.145  0 21  ARG AAA NH2 1 ? 1 
ATOM   233 N N   . GLU A 1 24 ? -8.072  6.986   -2.084  1.000 10.420  0 22  GLU AAA N   1 ? 1 
ATOM   234 C CA  . GLU A 1 24 ? -6.881  6.812   -1.257  1.000 10.187  0 22  GLU AAA CA  1 ? 1 
ATOM   235 C C   . GLU A 1 24 ? -7.170  5.917   -0.058  1.000 10.237  0 22  GLU AAA C   1 ? 1 
ATOM   236 O O   . GLU A 1 24 ? -8.310  5.826   0.398   1.000 12.093  0 22  GLU AAA O   1 ? 1 
ATOM   237 C CB  . GLU A 1 24 ? -6.362  8.178   -0.828  1.000 10.870  0 22  GLU AAA CB  1 ? 1 
ATOM   238 C CG  . GLU A 1 24 ? -5.892  9.049   -1.983  1.000 11.317  0 22  GLU AAA CG  1 ? 1 
ATOM   239 C CD  . GLU A 1 24 ? -5.481  10.424  -1.535  1.000 12.612  0 22  GLU AAA CD  1 ? 1 
ATOM   240 O OE1 . GLU A 1 24 ? -5.137  10.607  -0.349  1.000 13.270  0 22  GLU AAA OE1 1 ? 1 
ATOM   241 O OE2 . GLU A 1 24 ? -5.408  11.328  -2.386  1.000 15.834  0 22  GLU AAA OE2 1 ? 1 
ATOM   242 N N   . VAL A 1 25 ? -6.126  5.270   0.445   1.000 10.748  0 23  VAL AAA N   1 ? 1 
ATOM   243 C CA  . VAL A 1 25 ? -6.207  4.357   1.569   1.000 11.732  0 23  VAL AAA CA  1 ? 1 
ATOM   244 C C   . VAL A 1 25 ? -5.509  4.948   2.772   1.000 11.338  0 23  VAL AAA C   1 ? 1 
ATOM   245 O O   . VAL A 1 25 ? -4.317  5.266   2.708   1.000 12.895  0 23  VAL AAA O   1 ? 1 
ATOM   246 C CB  . VAL A 1 25 ? -5.634  2.983   1.193   1.000 12.115  0 23  VAL AAA CB  1 ? 1 
ATOM   247 C CG1 . VAL A 1 25 ? -5.798  1.988   2.342   1.000 14.037  0 23  VAL AAA CG1 1 ? 1 
ATOM   248 C CG2 . VAL A 1 25 ? -6.283  2.444   -0.078  1.000 13.176  0 23  VAL AAA CG2 1 ? 1 
ATOM   249 N N   . THR A 1 26 ? -6.210  5.065   3.907   1.000 12.372  0 24  THR AAA N   1 ? 1 
ATOM   250 C CA  . THR A 1 26 ? -5.568  5.448   5.168   1.000 12.630  0 24  THR AAA CA  1 ? 1 
ATOM   251 C C   . THR A 1 26 ? -4.798  4.283   5.708   1.000 12.992  0 24  THR AAA C   1 ? 1 
ATOM   252 O O   . THR A 1 26 ? -5.361  3.159   5.788   1.000 14.762  0 24  THR AAA O   1 ? 1 
ATOM   253 C CB  . THR A 1 26 ? -6.625  5.952   6.172   1.000 14.882  0 24  THR AAA CB  1 ? 1 
ATOM   254 O OG1 . THR A 1 26 ? -7.191  7.154   5.673   1.000 15.899  0 24  THR AAA OG1 1 ? 1 
ATOM   255 C CG2 . THR A 1 26 ? -6.060  6.152   7.559   1.000 16.666  0 24  THR AAA CG2 1 ? 1 
ATOM   256 N N   . VAL A 1 27 ? -3.544  4.492   6.087   1.000 12.325  0 25  VAL AAA N   1 ? 1 
ATOM   257 C CA  . VAL A 1 27 ? -2.685  3.432   6.625   1.000 12.983  0 25  VAL AAA CA  1 ? 1 
ATOM   258 C C   . VAL A 1 27 ? -1.929  3.997   7.816   1.000 13.642  0 25  VAL AAA C   1 ? 1 
ATOM   259 O O   . VAL A 1 27 ? -1.755  5.235   7.968   1.000 13.806  0 25  VAL AAA O   1 ? 1 
ATOM   260 C CB  . VAL A 1 27 ? -1.754  2.858   5.537   1.000 12.894  0 25  VAL AAA CB  1 ? 1 
ATOM   261 C CG1 . VAL A 1 27 ? -2.533  2.102   4.470   1.000 13.475  0 25  VAL AAA CG1 1 ? 1 
ATOM   262 C CG2 . VAL A 1 27 ? -0.891  3.957   4.892   1.000 12.148  0 25  VAL AAA CG2 1 ? 1 
ATOM   263 N N   . LYS A 1 28 ? -1.399  3.085   8.611   1.000 13.901  0 26  LYS AAA N   1 ? 1 
ATOM   264 C CA  . LYS A 1 28 ? -0.605  3.412   9.790   1.000 15.102  0 26  LYS AAA CA  1 ? 1 
ATOM   265 C C   . LYS A 1 28 ? 0.790   2.840   9.676   1.000 14.476  0 26  LYS AAA C   1 ? 1 
ATOM   266 O O   . LYS A 1 28 ? 0.960   1.744   9.100   1.000 14.214  0 26  LYS AAA O   1 ? 1 
ATOM   267 C CB  . LYS A 1 28 ? -1.265  2.872   11.056  1.000 18.295  0 26  LYS AAA CB  1 ? 1 
ATOM   268 C CG  . LYS A 1 28 ? -2.593  3.545   11.343  1.000 23.356  0 26  LYS AAA CG  1 ? 1 
ATOM   269 C CD  . LYS A 1 28 ? -2.485  4.993   11.894  1.000 31.312  0 26  LYS AAA CD  1 ? 1 
ATOM   270 C CE  . LYS A 1 28 ? -2.392  5.066   13.411  1.000 48.699  0 26  LYS AAA CE  1 ? 1 
ATOM   271 N NZ  . LYS A 1 28 ? -2.185  6.455   13.927  1.000 58.574  0 26  LYS AAA NZ  1 ? 1 
ATOM   272 N N   . LYS A 1 29 ? 1.764   3.529   10.215  1.000 15.079  0 27  LYS AAA N   1 ? 1 
ATOM   273 C CA  . LYS A 1 29 ? 3.153   3.059   10.304  1.000 14.592  0 27  LYS AAA CA  1 ? 1 
ATOM   274 C C   . LYS A 1 29 ? 3.129   1.625   10.813  1.000 15.731  0 27  LYS AAA C   1 ? 1 
ATOM   275 O O   . LYS A 1 29 ? 2.480   1.283   11.816  1.000 17.298  0 27  LYS AAA O   1 ? 1 
ATOM   276 C CB  . LYS A 1 29 ? 3.950   3.942   11.252  1.000 16.083  0 27  LYS AAA CB  1 ? 1 
ATOM   277 C CG  . LYS A 1 29 ? 5.381   3.531   11.313  1.000 17.314  0 27  LYS AAA CG  1 ? 1 
ATOM   278 C CD  . LYS A 1 29 ? 6.214   4.461   12.286  1.000 41.241  0 27  LYS AAA CD  1 ? 1 
ATOM   279 C CE  . LYS A 1 29 ? 7.710   4.225   12.212  1.000 43.854  0 27  LYS AAA CE  1 ? 1 
ATOM   280 N NZ  . LYS A 1 29 ? 8.245   5.245   13.093  1.000 48.279  0 27  LYS AAA NZ  1 ? 1 
ATOM   281 N N   . GLY A 1 30 ? 3.820   0.769   10.075  1.000 14.822  0 28  GLY AAA N   1 ? 1 
ATOM   282 C CA  . GLY A 1 30 ? 3.943   -0.659  10.440  1.000 16.255  0 28  GLY AAA CA  1 ? 1 
ATOM   283 C C   . GLY A 1 30 ? 2.961   -1.551  9.708   1.000 15.637  0 28  GLY AAA C   1 ? 1 
ATOM   284 O O   . GLY A 1 30 ? 3.131   -2.783  9.714   1.000 17.358  0 28  GLY AAA O   1 ? 1 
ATOM   285 N N   . ASP A 1 31 ? 1.942   -0.995  9.090   1.000 15.023  0 29  ASP AAA N   1 ? 1 
ATOM   286 C CA  . ASP A 1 31 ? 0.995   -1.832  8.323   1.000 14.809  0 29  ASP AAA CA  1 ? 1 
ATOM   287 C C   . ASP A 1 31 ? 1.713   -2.501  7.158   1.000 13.646  0 29  ASP AAA C   1 ? 1 
ATOM   288 O O   . ASP A 1 31 ? 2.635   -1.914  6.550   1.000 13.603  0 29  ASP AAA O   1 ? 1 
ATOM   289 C CB  . ASP A 1 31 ? -0.169  -1.014  7.799   1.000 14.594  0 29  ASP AAA CB  1 ? 1 
ATOM   290 C CG  . ASP A 1 31 ? -1.188  -0.567  8.831   1.000 16.893  0 29  ASP AAA CG  1 ? 1 
ATOM   291 O OD1 . ASP A 1 31 ? -1.197  -1.125  9.936   1.000 19.982  0 29  ASP AAA OD1 1 ? 1 
ATOM   292 O OD2 . ASP A 1 31 ? -2.002  0.329   8.487   1.000 17.044  0 29  ASP AAA OD2 1 ? 1 
ATOM   293 N N   . ILE A 1 32 ? 1.269   -3.702  6.826   1.000 13.847  0 30  ILE AAA N   1 ? 1 
ATOM   294 C CA  . ILE A 1 32 ? 1.824   -4.481  5.703   1.000 12.649  0 30  ILE AAA CA  1 ? 1 
ATOM   295 C C   . ILE A 1 32 ? 0.763   -4.554  4.627   1.000 12.531  0 30  ILE AAA C   1 ? 1 
ATOM   296 O O   . ILE A 1 32 ? -0.380  -5.009  4.860   1.000 15.206  0 30  ILE AAA O   1 ? 1 
ATOM   297 C CB  . ILE A 1 32 ? 2.212   -5.908  6.130   1.000 14.407  0 30  ILE AAA CB  1 ? 1 
ATOM   298 C CG1 . ILE A 1 32 ? 3.174   -5.902  7.312   1.000 14.985  0 30  ILE AAA CG1 1 ? 1 
ATOM   299 C CG2 . ILE A 1 32 ? 2.765   -6.683  4.939   1.000 15.588  0 30  ILE AAA CG2 1 ? 1 
ATOM   300 C CD1 . ILE A 1 32 ? 4.509   -5.289  7.044   1.000 16.140  0 30  ILE AAA CD1 1 ? 1 
ATOM   301 N N   . LEU A 1 33 ? 1.090   -4.014  3.463   1.000 11.649  0 31  LEU AAA N   1 ? 1 
ATOM   302 C CA  . LEU A 1 33 ? 0.163   -3.911  2.326   1.000 11.208  0 31  LEU AAA CA  1 ? 1 
ATOM   303 C C   . LEU A 1 33 ? 0.624   -4.798  1.192   1.000 10.757  0 31  LEU AAA C   1 ? 1 
ATOM   304 O O   . LEU A 1 33 ? 1.776   -5.222  1.136   1.000 11.826  0 31  LEU AAA O   1 ? 1 
ATOM   305 C CB  . LEU A 1 33 ? 0.074   -2.476  1.778   1.000 10.903  0 31  LEU AAA CB  1 ? 1 
ATOM   306 C CG  . LEU A 1 33 ? 0.186   -1.324  2.771   1.000 11.019  0 31  LEU AAA CG  1 ? 1 
ATOM   307 C CD1 . LEU A 1 33 ? 0.104   -0.001  2.059   1.000 11.152  0 31  LEU AAA CD1 1 ? 1 
ATOM   308 C CD2 . LEU A 1 33 ? -0.859  -1.406  3.872   1.000 12.291  0 31  LEU AAA CD2 1 ? 1 
ATOM   309 N N   . THR A 1 34 ? -0.261  -5.050  0.237   1.000 10.777  0 32  THR AAA N   1 ? 1 
ATOM   310 C CA  . THR A 1 34 ? 0.116   -5.675  -1.035  1.000 10.675  0 32  THR AAA CA  1 ? 1 
ATOM   311 C C   . THR A 1 34 ? 0.252   -4.596  -2.098  1.000 10.348  0 32  THR AAA C   1 ? 1 
ATOM   312 O O   . THR A 1 34 ? -0.640  -3.757  -2.256  1.000 11.109  0 32  THR AAA O   1 ? 1 
ATOM   313 C CB  . THR A 1 34 ? -0.976  -6.672  -1.434  1.000 11.780  0 32  THR AAA CB  1 ? 1 
ATOM   314 O OG1 . THR A 1 34 ? -1.014  -7.705  -0.449  1.000 14.290  0 32  THR AAA OG1 1 ? 1 
ATOM   315 C CG2 . THR A 1 34 ? -0.719  -7.283  -2.782  1.000 13.412  0 32  THR AAA CG2 1 ? 1 
ATOM   316 N N   . LEU A 1 35 ? 1.346   -4.636  -2.837  1.000 10.136  0 33  LEU AAA N   1 ? 1 
ATOM   317 C CA  . LEU A 1 35 ? 1.510   -3.724  -3.979  1.000 9.813   0 33  LEU AAA CA  1 ? 1 
ATOM   318 C C   . LEU A 1 35 ? 0.689   -4.198  -5.160  1.000 10.164  0 33  LEU AAA C   1 ? 1 
ATOM   319 O O   . LEU A 1 35 ? 0.856   -5.334  -5.621  1.000 11.824  0 33  LEU AAA O   1 ? 1 
ATOM   320 C CB  . LEU A 1 35 ? 2.976   -3.677  -4.392  1.000 10.527  0 33  LEU AAA CB  1 ? 1 
ATOM   321 C CG  . LEU A 1 35 ? 3.296   -2.802  -5.605  1.000 11.188  0 33  LEU AAA CG  1 ? 1 
ATOM   322 C CD1 . LEU A 1 35 ? 2.976   -1.323  -5.370  1.000 10.864  0 33  LEU AAA CD1 1 ? 1 
ATOM   323 C CD2 . LEU A 1 35 ? 4.738   -2.999  -6.005  1.000 12.785  0 33  LEU AAA CD2 1 ? 1 
ATOM   324 N N   . LEU A 1 36 ? -0.157  -3.331  -5.690  1.000 9.482   0 34  LEU AAA N   1 ? 1 
ATOM   325 C CA  . LEU A 1 36 ? -0.863  -3.603  -6.941  1.000 9.985   0 34  LEU AAA CA  1 ? 1 
ATOM   326 C C   . LEU A 1 36 ? -0.203  -2.936  -8.125  1.000 10.108  0 34  LEU AAA C   1 ? 1 
ATOM   327 O O   . LEU A 1 36 ? -0.150  -3.522  -9.202  1.000 11.459  0 34  LEU AAA O   1 ? 1 
ATOM   328 C CB  . LEU A 1 36 ? -2.329  -3.165  -6.845  1.000 10.354  0 34  LEU AAA CB  1 ? 1 
ATOM   329 C CG  . LEU A 1 36 ? -3.163  -3.858  -5.764  1.000 11.501  0 34  LEU AAA CG  1 ? 1 
ATOM   330 C CD1 . LEU A 1 36 ? -4.562  -3.291  -5.776  1.000 14.036  0 34  LEU AAA CD1 1 ? 1 
ATOM   331 C CD2 . LEU A 1 36 ? -3.151  -5.374  -5.903  1.000 15.016  0 34  LEU AAA CD2 1 ? 1 
ATOM   332 N N   . ASN A 1 37 ? 0.295   -1.686  -7.988  1.000 10.017  0 35  ASN AAA N   1 ? 1 
ATOM   333 C CA  . ASN A 1 37 ? 0.845   -1.015  -9.180  1.000 10.491  0 35  ASN AAA CA  1 ? 1 
ATOM   334 C C   . ASN A 1 37 ? 1.765   0.105   -8.762  1.000 9.962   0 35  ASN AAA C   1 ? 1 
ATOM   335 O O   . ASN A 1 37 ? 1.375   0.989   -7.963  1.000 10.896  0 35  ASN AAA O   1 ? 1 
ATOM   336 C CB  . ASN A 1 37 ? -0.276  -0.509  -10.070 1.000 11.523  0 35  ASN AAA CB  1 ? 1 
ATOM   337 C CG  . ASN A 1 37 ? 0.300   -0.208  -11.436 1.000 12.193  0 35  ASN AAA CG  1 ? 1 
ATOM   338 O OD1 . ASN A 1 37 ? 0.920   0.858   -11.586 1.000 13.752  0 35  ASN AAA OD1 1 ? 1 
ATOM   339 N ND2 . ASN A 1 37 ? 0.190   -1.136  -12.365 1.000 15.784  0 35  ASN AAA ND2 1 ? 1 
ATOM   340 N N   . SER A 1 38 ? 2.987   0.087   -9.277  1.000 10.498  0 36  SER AAA N   1 ? 1 
ATOM   341 C CA  . SER A 1 38 ? 4.023   1.065   -8.965  1.000 10.643  0 36  SER AAA CA  1 ? 1 
ATOM   342 C C   . SER A 1 38 ? 4.403   1.918   -10.184 1.000 11.456  0 36  SER AAA C   1 ? 1 
ATOM   343 O O   . SER A 1 38 ? 5.473   2.526   -10.142 1.000 13.411  0 36  SER AAA O   1 ? 1 
ATOM   344 C CB  . SER A 1 38 ? 5.231   0.381   -8.372  1.000 12.517  0 36  SER AAA CB  1 ? 1 
ATOM   345 O OG  . SER A 1 38 ? 5.707   -0.592  -9.296  1.000 14.853  0 36  SER AAA OG  1 ? 1 
ATOM   346 N N   . THR A 1 39 ? 3.586   1.968   -11.228 1.000 11.165  0 37  THR AAA N   1 ? 1 
ATOM   347 C CA  . THR A 1 39 ? 4.030   2.684   -12.448 1.000 11.763  0 37  THR AAA CA  1 ? 1 
ATOM   348 C C   . THR A 1 39 ? 3.976   4.194   -12.317 1.000 12.059  0 37  THR AAA C   1 ? 1 
ATOM   349 O O   . THR A 1 39 ? 4.597   4.878   -13.113 1.000 13.049  0 37  THR AAA O   1 ? 1 
ATOM   350 C CB  . THR A 1 39 ? 3.233   2.197   -13.649 1.000 12.137  0 37  THR AAA CB  1 ? 1 
ATOM   351 O OG1 . THR A 1 39 ? 1.839   2.482   -13.512 1.000 12.913  0 37  THR AAA OG1 1 ? 1 
ATOM   352 C CG2 . THR A 1 39 ? 3.457   0.725   -13.901 1.000 12.991  0 37  THR AAA CG2 1 ? 1 
ATOM   353 N N   . ASN A 1 40 ? 3.260   4.736   -11.331 1.000 12.407  0 38  ASN AAA N   1 ? 1 
ATOM   354 C CA  . ASN A 1 40 ? 3.344   6.185   -11.015 1.000 12.746  0 38  ASN AAA CA  1 ? 1 
ATOM   355 C C   . ASN A 1 40 ? 4.370   6.318   -9.894  1.000 11.953  0 38  ASN AAA C   1 ? 1 
ATOM   356 O O   . ASN A 1 40 ? 4.307   5.683   -8.878  1.000 13.406  0 38  ASN AAA O   1 ? 1 
ATOM   357 C CB  . ASN A 1 40 ? 1.970   6.684   -10.603 1.000 13.436  0 38  ASN AAA CB  1 ? 1 
ATOM   358 C CG  . ASN A 1 40 ? 1.981   8.168   -10.310 1.000 13.862  0 38  ASN AAA CG  1 ? 1 
ATOM   359 O OD1 . ASN A 1 40 ? 2.605   8.664   -9.441  1.000 18.026  0 38  ASN AAA OD1 1 ? 1 
ATOM   360 N ND2 . ASN A 1 40 ? 0.990   8.747   -10.926 1.000 20.214  0 38  ASN AAA ND2 1 ? 1 
ATOM   361 N N   . LYS A 1 41 ? 5.377   7.170   -10.108 1.000 14.371  0 39  LYS AAA N   1 ? 1 
ATOM   362 C CA  . LYS A 1 41 ? 6.494   7.274   -9.154  1.000 15.429  0 39  LYS AAA CA  1 ? 1 
ATOM   363 C C   . LYS A 1 41 ? 6.078   7.921   -7.836  1.000 14.546  0 39  LYS AAA C   1 ? 1 
ATOM   364 O O   . LYS A 1 41 ? 6.763   7.744   -6.827  1.000 15.700  0 39  LYS AAA O   1 ? 1 
ATOM   365 C CB  . LYS A 1 41 ? 7.696   7.998   -9.726  1.000 19.427  0 39  LYS AAA CB  1 ? 1 
ATOM   366 C CG  . LYS A 1 41 ? 7.441   9.434   -9.989  1.000 23.553  0 39  LYS AAA CG  1 ? 1 
ATOM   367 C CD  . LYS A 1 41 ? 8.655   10.097  -10.640 1.000 29.873  0 39  LYS AAA CD  1 ? 1 
ATOM   368 C CE  . LYS A 1 41 ? 8.444   11.597  -10.725 1.000 32.184  0 39  LYS AAA CE  1 ? 1 
ATOM   369 N NZ  . LYS A 1 41 ? 8.027   12.271  -9.463  1.000 39.674  0 39  LYS AAA NZ  1 ? 1 
ATOM   370 N N   A ASP A 1 42 ? 4.997   8.702   -7.861  0.870 14.279  0 40  ASP AAA N   1 ? 1 
ATOM   371 N N   B ASP A 1 42 ? 4.985   8.702   -7.846  0.130 11.670  0 40  ASP AAA N   1 ? 1 
ATOM   372 C CA  A ASP A 1 42 ? 4.539   9.403   -6.651  0.870 13.819  0 40  ASP AAA CA  1 ? 1 
ATOM   373 C CA  B ASP A 1 42 ? 4.460   9.479   -6.689  0.130 13.095  0 40  ASP AAA CA  1 ? 1 
ATOM   374 C C   A ASP A 1 42 ? 3.424   8.681   -5.885  0.870 11.534  0 40  ASP AAA C   1 ? 1 
ATOM   375 C C   B ASP A 1 42 ? 3.420   8.694   -5.882  0.130 11.418  0 40  ASP AAA C   1 ? 1 
ATOM   376 O O   A ASP A 1 42 ? 3.310   8.923   -4.702  0.870 11.811  0 40  ASP AAA O   1 ? 1 
ATOM   377 O O   B ASP A 1 42 ? 3.382   8.871   -4.646  0.130 12.061  0 40  ASP AAA O   1 ? 1 
ATOM   378 C CB  A ASP A 1 42 ? 4.049   10.824  -6.995  0.870 16.191  0 40  ASP AAA CB  1 ? 1 
ATOM   379 C CB  B ASP A 1 42 ? 3.803   10.804  -7.104  0.130 14.193  0 40  ASP AAA CB  1 ? 1 
ATOM   380 C CG  A ASP A 1 42 ? 5.232   11.755  -7.517  0.870 19.906  0 40  ASP AAA CG  1 ? 1 
ATOM   381 C CG  B ASP A 1 42 ? 3.513   11.732  -5.942  0.130 19.226  0 40  ASP AAA CG  1 ? 1 
ATOM   382 O OD1 A ASP A 1 42 ? 6.254   11.648  -6.931  0.870 25.469  0 40  ASP AAA OD1 1 ? 1 
ATOM   383 O OD1 B ASP A 1 42 ? 4.229   11.632  -4.924  0.130 27.202  0 40  ASP AAA OD1 1 ? 1 
ATOM   384 O OD2 A ASP A 1 42 ? 5.105   12.652  -8.419  0.870 38.611  0 40  ASP AAA OD2 1 ? 1 
ATOM   385 O OD2 B ASP A 1 42 ? 2.559   12.538  -6.061  0.130 29.738  0 40  ASP AAA OD2 1 ? 1 
ATOM   386 N N   . TRP A 1 43 ? 2.636   7.843   -6.548  1.000 11.796  0 41  TRP AAA N   1 ? 1 
ATOM   387 C CA  . TRP A 1 43 ? 1.442   7.212   -5.951  1.000 10.827  0 41  TRP AAA CA  1 ? 1 
ATOM   388 C C   . TRP A 1 43 ? 1.433   5.737   -6.331  1.000 10.126  0 41  TRP AAA C   1 ? 1 
ATOM   389 O O   . TRP A 1 43 ? 1.415   5.428   -7.523  1.000 11.466  0 41  TRP AAA O   1 ? 1 
ATOM   390 C CB  . TRP A 1 43 ? 0.174   7.820   -6.499  1.000 12.865  0 41  TRP AAA CB  1 ? 1 
ATOM   391 C CG  . TRP A 1 43 ? -0.063  9.219   -6.032  1.000 13.181  0 41  TRP AAA CG  1 ? 1 
ATOM   392 C CD1 . TRP A 1 43 ? 0.238   10.364  -6.675  1.000 14.931  0 41  TRP AAA CD1 1 ? 1 
ATOM   393 C CD2 . TRP A 1 43 ? -0.719  9.569   -4.822  1.000 12.598  0 41  TRP AAA CD2 1 ? 1 
ATOM   394 N NE1 . TRP A 1 43 ? -0.185  11.436  -5.916  1.000 15.695  0 41  TRP AAA NE1 1 ? 1 
ATOM   395 C CE2 . TRP A 1 43 ? -0.784  10.981  -4.785  1.000 14.143  0 41  TRP AAA CE2 1 ? 1 
ATOM   396 C CE3 . TRP A 1 43 ? -1.317  8.854   -3.759  1.000 12.976  0 41  TRP AAA CE3 1 ? 1 
ATOM   397 C CZ2 . TRP A 1 43 ? -1.421  11.665  -3.759  1.000 16.398  0 41  TRP AAA CZ2 1 ? 1 
ATOM   398 C CZ3 . TRP A 1 43 ? -1.958  9.536   -2.779  1.000 14.525  0 41  TRP AAA CZ3 1 ? 1 
ATOM   399 C CH2 . TRP A 1 43 ? -2.005  10.924  -2.782  1.000 15.857  0 41  TRP AAA CH2 1 ? 1 
ATOM   400 N N   . TRP A 1 44 ? 1.398   4.854   -5.345  1.000 9.262   0 42  TRP AAA N   1 ? 1 
ATOM   401 C CA  . TRP A 1 44 ? 1.308   3.419   -5.595  1.000 9.128   0 42  TRP AAA CA  1 ? 1 
ATOM   402 C C   . TRP A 1 44 ? -0.075  2.924   -5.264  1.000 9.147   0 42  TRP AAA C   1 ? 1 
ATOM   403 O O   . TRP A 1 44 ? -0.696  3.341   -4.275  1.000 9.655   0 42  TRP AAA O   1 ? 1 
ATOM   404 C CB  . TRP A 1 44 ? 2.359   2.655   -4.815  1.000 9.538   0 42  TRP AAA CB  1 ? 1 
ATOM   405 C CG  . TRP A 1 44 ? 3.768   2.885   -5.326  1.000 9.800   0 42  TRP AAA CG  1 ? 1 
ATOM   406 C CD1 . TRP A 1 44 ? 4.142   3.600   -6.444  1.000 9.999   0 42  TRP AAA CD1 1 ? 1 
ATOM   407 C CD2 . TRP A 1 44 ? 4.970   2.407   -4.709  1.000 10.797  0 42  TRP AAA CD2 1 ? 1 
ATOM   408 N NE1 . TRP A 1 44 ? 5.513   3.550   -6.558  1.000 11.137  0 42  TRP AAA NE1 1 ? 1 
ATOM   409 C CE2 . TRP A 1 44 ? 6.041   2.832   -5.520  1.000 11.588  0 42  TRP AAA CE2 1 ? 1 
ATOM   410 C CE3 . TRP A 1 44 ? 5.272   1.662   -3.555  1.000 12.066  0 42  TRP AAA CE3 1 ? 1 
ATOM   411 C CZ2 . TRP A 1 44 ? 7.385   2.576   -5.202  1.000 13.476  0 42  TRP AAA CZ2 1 ? 1 
ATOM   412 C CZ3 . TRP A 1 44 ? 6.581   1.433   -3.225  1.000 14.076  0 42  TRP AAA CZ3 1 ? 1 
ATOM   413 C CH2 . TRP A 1 44 ? 7.627   1.878   -4.038  1.000 15.040  0 42  TRP AAA CH2 1 ? 1 
ATOM   414 N N   . LYS A 1 45 ? -0.608  2.041   -6.111  1.000 9.133   0 43  LYS AAA N   1 ? 1 
ATOM   415 C CA  . LYS A 1 45 ? -1.863  1.363   -5.821  1.000 9.270   0 43  LYS AAA CA  1 ? 1 
ATOM   416 C C   . LYS A 1 45 ? -1.549  0.165   -4.967  1.000 8.987   0 43  LYS AAA C   1 ? 1 
ATOM   417 O O   . LYS A 1 45 ? -0.635  -0.617  -5.269  1.000 9.524   0 43  LYS AAA O   1 ? 1 
ATOM   418 C CB  . LYS A 1 45 ? -2.584  0.960   -7.109  1.000 10.354  0 43  LYS AAA CB  1 ? 1 
ATOM   419 C CG  . LYS A 1 45 ? -4.071  0.742   -6.857  1.000 13.657  0 43  LYS AAA CG  1 ? 1 
ATOM   420 C CD  . LYS A 1 45 ? -4.871  0.348   -8.006  1.000 16.967  0 43  LYS AAA CD  1 ? 1 
ATOM   421 C CE  . LYS A 1 45 ? -6.277  0.263   -7.561  1.000 23.225  0 43  LYS AAA CE  1 ? 1 
ATOM   422 N NZ  . LYS A 1 45 ? -7.044  -0.039  -8.763  1.000 31.354  0 43  LYS AAA NZ  1 ? 1 
ATOM   423 N N   . VAL A 1 46 ? -2.332  0.006   -3.895  1.000 8.979   0 44  VAL AAA N   1 ? 1 
ATOM   424 C CA  . VAL A 1 46 ? -2.102  -0.997  -2.876  1.000 9.458   0 44  VAL AAA CA  1 ? 1 
ATOM   425 C C   . VAL A 1 46 ? -3.420  -1.681  -2.551  1.000 9.948   0 44  VAL AAA C   1 ? 1 
ATOM   426 O O   . VAL A 1 46 ? -4.519  -1.163  -2.814  1.000 10.724  0 44  VAL AAA O   1 ? 1 
ATOM   427 C CB  . VAL A 1 46 ? -1.514  -0.352  -1.583  1.000 10.412  0 44  VAL AAA CB  1 ? 1 
ATOM   428 C CG1 . VAL A 1 46 ? -0.296  0.477   -1.922  1.000 10.932  0 44  VAL AAA CG1 1 ? 1 
ATOM   429 C CG2 . VAL A 1 46 ? -2.542  0.468   -0.822  1.000 11.720  0 44  VAL AAA CG2 1 ? 1 
ATOM   430 N N   . GLU A 1 47 ? -3.281  -2.857  -1.933  1.000 11.134  0 45  GLU AAA N   1 ? 1 
ATOM   431 C CA  . GLU A 1 47 ? -4.424  -3.589  -1.359  1.000 11.487  0 45  GLU AAA CA  1 ? 1 
ATOM   432 C C   . GLU A 1 47 ? -4.146  -3.791  0.118   1.000 12.158  0 45  GLU AAA C   1 ? 1 
ATOM   433 O O   . GLU A 1 47 ? -3.040  -4.199  0.515   1.000 12.996  0 45  GLU AAA O   1 ? 1 
ATOM   434 C CB  . GLU A 1 47 ? -4.633  -4.919  -2.080  1.000 13.322  0 45  GLU AAA CB  1 ? 1 
ATOM   435 C CG  . GLU A 1 47 ? -5.751  -5.741  -1.537  1.000 15.798  0 45  GLU AAA CG  1 ? 1 
ATOM   436 C CD  . GLU A 1 47 ? -5.955  -6.969  -2.404  1.000 21.276  0 45  GLU AAA CD  1 ? 1 
ATOM   437 O OE1 . GLU A 1 47 ? -5.074  -7.906  -2.427  1.000 27.478  0 45  GLU AAA OE1 1 ? 1 
ATOM   438 O OE2 . GLU A 1 47 ? -6.960  -7.040  -3.091  1.000 25.630  0 45  GLU AAA OE2 1 ? 1 
ATOM   439 N N   . PHE A 1 48 ? -5.159  -3.523  0.923   1.000 12.423  0 46  PHE AAA N   1 ? 1 
ATOM   440 C CA  . PHE A 1 48 ? -5.028  -3.637  2.384   1.000 13.589  0 46  PHE AAA CA  1 ? 1 
ATOM   441 C C   . PHE A 1 48 ? -6.439  -3.901  2.919   1.000 15.109  0 46  PHE AAA C   1 ? 1 
ATOM   442 O O   . PHE A 1 48 ? -7.305  -3.092  2.768   1.000 16.093  0 46  PHE AAA O   1 ? 1 
ATOM   443 C CB  . PHE A 1 48 ? -4.487  -2.343  2.951   1.000 14.674  0 46  PHE AAA CB  1 ? 1 
ATOM   444 C CG  . PHE A 1 48 ? -4.267  -2.368  4.428   1.000 15.545  0 46  PHE AAA CG  1 ? 1 
ATOM   445 C CD1 . PHE A 1 48 ? -3.500  -3.355  5.069   1.000 16.685  0 46  PHE AAA CD1 1 ? 1 
ATOM   446 C CD2 . PHE A 1 48 ? -4.747  -1.343  5.201   1.000 18.183  0 46  PHE AAA CD2 1 ? 1 
ATOM   447 C CE1 . PHE A 1 48 ? -3.288  -3.342  6.437   1.000 18.935  0 46  PHE AAA CE1 1 ? 1 
ATOM   448 C CE2 . PHE A 1 48 ? -4.539  -1.296  6.574   1.000 22.305  0 46  PHE AAA CE2 1 ? 1 
ATOM   449 C CZ  . PHE A 1 48 ? -3.846  -2.327  7.166   1.000 21.879  0 46  PHE AAA CZ  1 ? 1 
ATOM   450 N N   . ASN A 1 49 ? -6.661  -4.979  3.598   1.000 19.569  0 47  ASN AAA N   1 ? 1 
ATOM   451 C CA  . ASN A 1 49 ? -7.950  -5.265  4.337   1.000 22.612  0 47  ASN AAA CA  1 ? 1 
ATOM   452 C C   . ASN A 1 49 ? -9.172  -4.963  3.450   1.000 19.907  0 47  ASN AAA C   1 ? 1 
ATOM   453 O O   . ASN A 1 49 ? -10.179 -4.211  3.810   1.000 22.434  0 47  ASN AAA O   1 ? 1 
ATOM   454 C CB  . ASN A 1 49 ? -8.025  -4.460  5.603   1.000 25.832  0 47  ASN AAA CB  1 ? 1 
ATOM   455 C CG  . ASN A 1 49 ? -6.975  -4.963  6.566   1.000 28.444  0 47  ASN AAA CG  1 ? 1 
ATOM   456 O OD1 . ASN A 1 49 ? -6.559  -6.135  6.486   1.000 33.701  0 47  ASN AAA OD1 1 ? 1 
ATOM   457 N ND2 . ASN A 1 49 ? -6.526  -4.091  7.415   1.000 34.457  0 47  ASN AAA ND2 1 ? 1 
ATOM   458 N N   . ASP A 1 50 ? -9.208  -5.591  2.327   1.000 20.315  0 48  ASP AAA N   1 ? 1 
ATOM   459 C CA  . ASP A 1 50 ? -10.424 -5.503  1.401   1.000 21.214  0 48  ASP AAA CA  1 ? 1 
ATOM   460 C C   . ASP A 1 50 ? -10.534 -4.107  0.758   1.000 15.978  0 48  ASP AAA C   1 ? 1 
ATOM   461 O O   . ASP A 1 50 ? -11.534 -3.843  0.086   1.000 19.178  0 48  ASP AAA O   1 ? 1 
ATOM   462 C CB  . ASP A 1 50 ? -11.850 -5.916  2.005   1.000 32.603  0 48  ASP AAA CB  1 ? 1 
ATOM   463 C CG  . ASP A 1 50 ? -12.082 -7.326  2.388   1.000 37.139  0 48  ASP AAA CG  1 ? 1 
ATOM   464 O OD1 . ASP A 1 50 ? -11.235 -8.092  2.043   1.000 41.329  0 48  ASP AAA OD1 1 ? 1 
ATOM   465 O OD2 . ASP A 1 50 ? -13.108 -7.591  3.020   1.000 41.278  0 48  ASP AAA OD2 1 ? 1 
ATOM   466 N N   A ARG A 1 51 ? -9.510  -3.244  0.864   0.610 14.327  0 49  ARG AAA N   1 ? 1 
ATOM   467 N N   B ARG A 1 51 ? -9.493  -3.264  0.836   0.390 13.890  0 49  ARG AAA N   1 ? 1 
ATOM   468 C CA  A ARG A 1 51 ? -9.508  -1.975  0.146   0.610 14.088  0 49  ARG AAA CA  1 ? 1 
ATOM   469 C CA  B ARG A 1 51 ? -9.478  -1.937  0.193   0.390 13.813  0 49  ARG AAA CA  1 ? 1 
ATOM   470 C C   A ARG A 1 51 ? -8.447  -2.061  -0.937  0.610 12.774  0 49  ARG AAA C   1 ? 1 
ATOM   471 C C   B ARG A 1 51 ? -8.381  -1.878  -0.868  0.390 12.476  0 49  ARG AAA C   1 ? 1 
ATOM   472 O O   A ARG A 1 51 ? -7.387  -2.723  -0.709  0.610 13.151  0 49  ARG AAA O   1 ? 1 
ATOM   473 O O   B ARG A 1 51 ? -7.221  -2.203  -0.587  0.390 11.740  0 49  ARG AAA O   1 ? 1 
ATOM   474 C CB  A ARG A 1 51 ? -9.222  -0.814  1.098   0.610 15.210  0 49  ARG AAA CB  1 ? 1 
ATOM   475 C CB  B ARG A 1 51 ? -9.219  -0.821  1.208   0.390 15.575  0 49  ARG AAA CB  1 ? 1 
ATOM   476 C CG  A ARG A 1 51 ? -10.268 -0.632  2.172   0.610 18.276  0 49  ARG AAA CG  1 ? 1 
ATOM   477 C CG  B ARG A 1 51 ? -10.374 -0.507  2.143   0.390 19.083  0 49  ARG AAA CG  1 ? 1 
ATOM   478 C CD  A ARG A 1 51 ? -9.813  0.264   3.253   0.610 20.959  0 49  ARG AAA CD  1 ? 1 
ATOM   479 C CD  B ARG A 1 51 ? -9.984  0.638   3.052   0.390 19.260  0 49  ARG AAA CD  1 ? 1 
ATOM   480 N NE  A ARG A 1 51 ? -9.746  1.636   2.761   0.610 20.030  0 49  ARG AAA NE  1 ? 1 
ATOM   481 N NE  B ARG A 1 51 ? -9.337  0.147   4.270   0.390 22.899  0 49  ARG AAA NE  1 ? 1 
ATOM   482 C CZ  A ARG A 1 51 ? -9.627  2.711   3.544   0.610 18.941  0 49  ARG AAA CZ  1 ? 1 
ATOM   483 C CZ  B ARG A 1 51 ? -8.431  0.754   5.065   0.390 20.497  0 49  ARG AAA CZ  1 ? 1 
ATOM   484 N NH1 A ARG A 1 51 ? -9.502  2.562   4.849   0.610 22.508  0 49  ARG AAA NH1 1 ? 1 
ATOM   485 N NH1 B ARG A 1 51 ? -8.003  2.014   4.940   0.390 20.928  0 49  ARG AAA NH1 1 ? 1 
ATOM   486 N NH2 A ARG A 1 51 ? -9.579  3.948   3.054   0.610 21.365  0 49  ARG AAA NH2 1 ? 1 
ATOM   487 N NH2 B ARG A 1 51 ? -8.056  0.105   6.159   0.390 27.093  0 49  ARG AAA NH2 1 ? 1 
ATOM   488 N N   . GLN A 1 52 ? -8.706  -1.367  -2.036  1.000 11.806  0 50  GLN AAA N   1 ? 1 
ATOM   489 C CA  . GLN A 1 52 ? -7.728  -1.147  -3.100  1.000 11.016  0 50  GLN AAA CA  1 ? 1 
ATOM   490 C C   . GLN A 1 52 ? -7.721  0.328   -3.427  1.000 10.818  0 50  GLN AAA C   1 ? 1 
ATOM   491 O O   . GLN A 1 52 ? -8.762  0.905   -3.726  1.000 12.554  0 50  GLN AAA O   1 ? 1 
ATOM   492 C CB  . GLN A 1 52 ? -8.007  -1.960  -4.348  1.000 12.475  0 50  GLN AAA CB  1 ? 1 
ATOM   493 C CG  . GLN A 1 52 ? -8.023  -3.439  -4.088  1.000 13.585  0 50  GLN AAA CG  1 ? 1 
ATOM   494 C CD  . GLN A 1 52 ? -8.133  -4.245  -5.355  1.000 17.888  0 50  GLN AAA CD  1 ? 1 
ATOM   495 O OE1 . GLN A 1 52 ? -8.404  -3.737  -6.427  1.000 22.735  0 50  GLN AAA OE1 1 ? 1 
ATOM   496 N NE2 . GLN A 1 52 ? -7.830  -5.505  -5.298  1.000 22.605  0 50  GLN AAA NE2 1 ? 1 
ATOM   497 N N   . GLY A 1 53 ? -6.550  0.943   -3.393  1.000 10.045  0 51  GLY AAA N   1 ? 1 
ATOM   498 C CA  . GLY A 1 53 ? -6.483  2.370   -3.695  1.000 9.957   0 51  GLY AAA CA  1 ? 1 
ATOM   499 C C   . GLY A 1 53 ? -5.085  2.877   -3.511  1.000 9.418   0 51  GLY AAA C   1 ? 1 
ATOM   500 O O   . GLY A 1 53 ? -4.129  2.102   -3.459  1.000 10.750  0 51  GLY AAA O   1 ? 1 
ATOM   501 N N   . PHE A 1 54 ? -4.922  4.189   -3.435  1.000 9.615   0 52  PHE AAA N   1 ? 1 
ATOM   502 C CA  . PHE A 1 54 ? -3.608  4.800   -3.577  1.000 9.400   0 52  PHE AAA CA  1 ? 1 
ATOM   503 C C   . PHE A 1 54 ? -3.070  5.331   -2.274  1.000 9.131   0 52  PHE AAA C   1 ? 1 
ATOM   504 O O   . PHE A 1 54 ? -3.812  5.902   -1.439  1.000 10.153  0 52  PHE AAA O   1 ? 1 
ATOM   505 C CB  . PHE A 1 54 ? -3.665  5.900   -4.626  1.000 10.521  0 52  PHE AAA CB  1 ? 1 
ATOM   506 C CG  . PHE A 1 54 ? -3.841  5.365   -6.026  1.000 12.201  0 52  PHE AAA CG  1 ? 1 
ATOM   507 C CD1 . PHE A 1 54 ? -2.703  4.943   -6.717  1.000 13.502  0 52  PHE AAA CD1 1 ? 1 
ATOM   508 C CD2 . PHE A 1 54 ? -5.054  5.240   -6.617  1.000 16.112  0 52  PHE AAA CD2 1 ? 1 
ATOM   509 C CE1 . PHE A 1 54 ? -2.775  4.413   -7.987  1.000 16.412  0 52  PHE AAA CE1 1 ? 1 
ATOM   510 C CE2 . PHE A 1 54 ? -5.138  4.648   -7.897  1.000 18.665  0 52  PHE AAA CE2 1 ? 1 
ATOM   511 C CZ  . PHE A 1 54 ? -3.961  4.291   -8.549  1.000 19.024  0 52  PHE AAA CZ  1 ? 1 
ATOM   512 N N   . VAL A 1 55 ? -1.763  5.226   -2.132  1.000 8.942   0 53  VAL AAA N   1 ? 1 
ATOM   513 C CA  . VAL A 1 55 ? -0.970  5.774   -1.034  1.000 9.094   0 53  VAL AAA CA  1 ? 1 
ATOM   514 C C   . VAL A 1 55 ? 0.277   6.383   -1.668  1.000 9.028   0 53  VAL AAA C   1 ? 1 
ATOM   515 O O   . VAL A 1 55 ? 0.810   5.772   -2.623  1.000 9.395   0 53  VAL AAA O   1 ? 1 
ATOM   516 C CB  . VAL A 1 55 ? -0.590  4.701   -0.001  1.000 9.695   0 53  VAL AAA CB  1 ? 1 
ATOM   517 C CG1 . VAL A 1 55 ? 0.333   5.221   1.088   1.000 10.910  0 53  VAL AAA CG1 1 ? 1 
ATOM   518 C CG2 . VAL A 1 55 ? -1.824  4.047   0.613   1.000 11.242  0 53  VAL AAA CG2 1 ? 1 
ATOM   519 N N   . PRO A 1 56 ? 0.803   7.514   -1.217  1.000 9.311   0 54  PRO AAA N   1 ? 1 
ATOM   520 C CA  . PRO A 1 56 ? 2.014   8.032   -1.882  1.000 9.676   0 54  PRO AAA CA  1 ? 1 
ATOM   521 C C   . PRO A 1 56 ? 3.191   7.078   -1.680  1.000 9.617   0 54  PRO AAA C   1 ? 1 
ATOM   522 O O   . PRO A 1 56 ? 3.413   6.539   -0.594  1.000 9.925   0 54  PRO AAA O   1 ? 1 
ATOM   523 C CB  . PRO A 1 56 ? 2.242   9.425   -1.255  1.000 10.968  0 54  PRO AAA CB  1 ? 1 
ATOM   524 C CG  . PRO A 1 56 ? 0.905   9.765   -0.588  1.000 11.449  0 54  PRO AAA CG  1 ? 1 
ATOM   525 C CD  . PRO A 1 56 ? 0.355   8.414   -0.146  1.000 10.926  0 54  PRO AAA CD  1 ? 1 
ATOM   526 N N   . ALA A 1 57 ? 3.987   6.931   -2.743  1.000 9.843   0 55  ALA AAA N   1 ? 1 
ATOM   527 C CA  . ALA A 1 57 ? 5.121   6.018   -2.721  1.000 10.081  0 55  ALA AAA CA  1 ? 1 
ATOM   528 C C   . ALA A 1 57 ? 6.120   6.331   -1.644  1.000 10.044  0 55  ALA AAA C   1 ? 1 
ATOM   529 O O   . ALA A 1 57 ? 6.762   5.406   -1.091  1.000 11.264  0 55  ALA AAA O   1 ? 1 
ATOM   530 C CB  . ALA A 1 57 ? 5.818   6.042   -4.084  1.000 11.690  0 55  ALA AAA CB  1 ? 1 
ATOM   531 N N   . ALA A 1 58 ? 6.272   7.606   -1.266  1.000 10.187  0 56  ALA AAA N   1 ? 1 
ATOM   532 C CA  . ALA A 1 58 ? 7.249   7.981   -0.235  1.000 11.024  0 56  ALA AAA CA  1 ? 1 
ATOM   533 C C   . ALA A 1 58 ? 6.922   7.409   1.132   1.000 10.914  0 56  ALA AAA C   1 ? 1 
ATOM   534 O O   . ALA A 1 58 ? 7.789   7.387   2.010   1.000 12.994  0 56  ALA AAA O   1 ? 1 
ATOM   535 C CB  . ALA A 1 58 ? 7.372   9.470   -0.168  1.000 13.028  0 56  ALA AAA CB  1 ? 1 
ATOM   536 N N   . TYR A 1 59 ? 5.686   6.976   1.323   1.000 10.347  0 57  TYR AAA N   1 ? 1 
ATOM   537 C CA  . TYR A 1 59 ? 5.261   6.405   2.606   1.000 10.607  0 57  TYR AAA CA  1 ? 1 
ATOM   538 C C   . TYR A 1 59 ? 5.502   4.886   2.688   1.000 10.926  0 57  TYR AAA C   1 ? 1 
ATOM   539 O O   . TYR A 1 59 ? 5.127   4.304   3.715   1.000 12.207  0 57  TYR AAA O   1 ? 1 
ATOM   540 C CB  . TYR A 1 59 ? 3.799   6.710   2.853   1.000 10.417  0 57  TYR AAA CB  1 ? 1 
ATOM   541 C CG  . TYR A 1 59 ? 3.475   8.169   3.132   1.000 10.390  0 57  TYR AAA CG  1 ? 1 
ATOM   542 C CD1 . TYR A 1 59 ? 3.546   9.124   2.142   1.000 11.756  0 57  TYR AAA CD1 1 ? 1 
ATOM   543 C CD2 . TYR A 1 59 ? 3.091   8.581   4.386   1.000 11.152  0 57  TYR AAA CD2 1 ? 1 
ATOM   544 C CE1 . TYR A 1 59 ? 3.282   10.466  2.393   1.000 11.871  0 57  TYR AAA CE1 1 ? 1 
ATOM   545 C CE2 . TYR A 1 59 ? 2.814   9.911   4.634   1.000 12.043  0 57  TYR AAA CE2 1 ? 1 
ATOM   546 C CZ  . TYR A 1 59 ? 2.912   10.861  3.658   1.000 11.060  0 57  TYR AAA CZ  1 ? 1 
ATOM   547 O OH  . TYR A 1 59 ? 2.617   12.172  3.900   1.000 12.729  0 57  TYR AAA OH  1 ? 1 
ATOM   548 N N   . LEU A 1 60 ? 6.076   4.295   1.661   1.000 10.751  0 58  LEU AAA N   1 ? 1 
ATOM   549 C CA  . LEU A 1 60 ? 6.054   2.843   1.493   1.000 10.716  0 58  LEU AAA CA  1 ? 1 
ATOM   550 C C   . LEU A 1 60 ? 7.450   2.327   1.229   1.000 11.802  0 58  LEU AAA C   1 ? 1 
ATOM   551 O O   . LEU A 1 60 ? 8.265   2.989   0.559   1.000 13.552  0 58  LEU AAA O   1 ? 1 
ATOM   552 C CB  . LEU A 1 60 ? 5.161   2.497   0.310   1.000 10.472  0 58  LEU AAA CB  1 ? 1 
ATOM   553 C CG  . LEU A 1 60 ? 3.716   2.970   0.442   1.000 10.513  0 58  LEU AAA CG  1 ? 1 
ATOM   554 C CD1 . LEU A 1 60 ? 2.955   2.801   -0.827  1.000 10.979  0 58  LEU AAA CD1 1 ? 1 
ATOM   555 C CD2 . LEU A 1 60 ? 3.008   2.271   1.597   1.000 12.835  0 58  LEU AAA CD2 1 ? 1 
ATOM   556 N N   . LYS A 1 61 ? 7.711   1.099   1.710   1.000 11.648  0 59  LYS AAA N   1 ? 1 
ATOM   557 C CA  . LYS A 1 61 ? 8.970   0.374   1.466   1.000 12.494  0 59  LYS AAA CA  1 ? 1 
ATOM   558 C C   . LYS A 1 61 ? 8.627   -0.976  0.869   1.000 11.389  0 59  LYS AAA C   1 ? 1 
ATOM   559 O O   . LYS A 1 61 ? 7.889   -1.760  1.460   1.000 12.165  0 59  LYS AAA O   1 ? 1 
ATOM   560 C CB  . LYS A 1 61 ? 9.719   0.190   2.796   1.000 13.836  0 59  LYS AAA CB  1 ? 1 
ATOM   561 C CG  . LYS A 1 61 ? 10.989  -0.656  2.689   1.000 14.860  0 59  LYS AAA CG  1 ? 1 
ATOM   562 C CD  . LYS A 1 61 ? 12.116  0.032   2.088   1.000 18.293  0 59  LYS AAA CD  1 ? 1 
ATOM   563 C CE  . LYS A 1 61 ? 13.374  -0.809  1.908   1.000 18.841  0 59  LYS AAA CE  1 ? 1 
ATOM   564 N NZ  . LYS A 1 61 ? 13.151  -1.784  0.820   1.000 20.204  0 59  LYS AAA NZ  1 ? 1 
ATOM   565 N N   . LYS A 1 62 ? 9.208   -1.302  -0.269  1.000 12.673  0 60  LYS AAA N   1 ? 1 
ATOM   566 C CA  . LYS A 1 62 ? 9.053   -2.650  -0.823  1.000 12.321  0 60  LYS AAA CA  1 ? 1 
ATOM   567 C C   . LYS A 1 62 ? 9.762   -3.688  0.034   1.000 12.719  0 60  LYS AAA C   1 ? 1 
ATOM   568 O O   . LYS A 1 62 ? 10.917  -3.507  0.412   1.000 14.974  0 60  LYS AAA O   1 ? 1 
ATOM   569 C CB  . LYS A 1 62 ? 9.646   -2.669  -2.224  1.000 14.942  0 60  LYS AAA CB  1 ? 1 
ATOM   570 C CG  . LYS A 1 62 ? 8.847   -1.912  -3.251  1.000 16.263  0 60  LYS AAA CG  1 ? 1 
ATOM   571 C CD  . LYS A 1 62 ? 9.557   -1.849  -4.572  1.000 18.931  0 60  LYS AAA CD  1 ? 1 
ATOM   572 C CE  . LYS A 1 62 ? 8.747   -1.174  -5.606  1.000 25.787  0 60  LYS AAA CE  1 ? 1 
ATOM   573 N NZ  . LYS A 1 62 ? 9.581   -0.901  -6.796  1.000 34.917  0 60  LYS AAA NZ  1 ? 1 
ATOM   574 N N   . LEU A 1 63 ? 9.063   -4.768  0.317   1.000 13.042  0 61  LEU AAA N   1 ? 1 
ATOM   575 C CA  . LEU A 1 63 ? 9.596   -5.879  1.153   1.000 13.410  0 61  LEU AAA CA  1 ? 1 
ATOM   576 C C   . LEU A 1 63 ? 10.123  -7.028  0.281   1.000 16.803  0 61  LEU AAA C   1 ? 1 
ATOM   577 O O   . LEU A 1 63 ? 10.882  -7.853  0.813   1.000 21.869  0 61  LEU AAA O   1 ? 1 
ATOM   578 C CB  . LEU A 1 63 ? 8.531   -6.350  2.159   1.000 13.223  0 61  LEU AAA CB  1 ? 1 
ATOM   579 C CG  . LEU A 1 63 ? 8.155   -5.320  3.204   1.000 12.856  0 61  LEU AAA CG  1 ? 1 
ATOM   580 C CD1 . LEU A 1 63 ? 6.952   -5.798  3.961   1.000 13.509  0 61  LEU AAA CD1 1 ? 1 
ATOM   581 C CD2 . LEU A 1 63 ? 9.336   -4.997  4.103   1.000 14.509  0 61  LEU AAA CD2 1 ? 1 
ATOM   582 N N   . ASP A 1 64 ? 9.805   -7.187  -0.983  1.000 27.401  0 62  ASP AAA N   1 ? 1 
ATOM   583 C CA  . ASP A 1 64 ? 10.642  -7.982  -1.958  1.000 44.319  0 62  ASP AAA CA  1 ? 1 
ATOM   584 C C   . ASP A 1 64 ? 10.622  -9.459  -1.543  1.000 58.695  0 62  ASP AAA C   1 ? 1 
ATOM   585 O O   . ASP A 1 64 ? 9.535   -10.081 -1.406  1.000 82.691  0 62  ASP AAA O   1 ? 1 
ATOM   586 C CB  . ASP A 1 64 ? 12.084  -7.410  -2.060  1.000 64.756  0 62  ASP AAA CB  1 ? 1 
ATOM   587 C CG  . ASP A 1 64 ? 12.216  -5.914  -2.421  1.000 112.042 0 62  ASP AAA CG  1 ? 1 
ATOM   588 O OD1 . ASP A 1 64 ? 11.673  -5.577  -3.503  1.000 65.328  0 62  ASP AAA OD1 1 ? 1 
ATOM   589 O OD2 . ASP A 1 64 ? 12.880  -5.061  -1.647  1.000 56.479  0 62  ASP AAA OD2 1 ? 1 
HETATM 590 S S   . SO4 B 2 .  ? 11.654  1.055   -1.873  1.000 22.980  0 101 SO4 AAA S   1 ? ? 
HETATM 591 O O1  . SO4 B 2 .  ? 11.973  -0.328  -1.475  1.000 28.445  0 101 SO4 AAA O1  1 ? ? 
HETATM 592 O O2  . SO4 B 2 .  ? 11.915  1.240   -3.228  1.000 33.960  0 101 SO4 AAA O2  1 ? ? 
HETATM 593 O O3  . SO4 B 2 .  ? 10.389  1.224   -1.729  1.000 19.231  0 101 SO4 AAA O3  1 ? ? 
HETATM 594 O O4  . SO4 B 2 .  ? 12.506  1.973   -1.092  1.000 27.625  0 101 SO4 AAA O4  1 ? ? 
HETATM 595 S S   . SO4 C 2 .  ? -4.815  -19.307 2.966   1.000 59.246  0 102 SO4 AAA S   1 ? ? 
HETATM 596 O O1  . SO4 C 2 .  ? -5.862  -19.934 3.263   1.000 83.502  0 102 SO4 AAA O1  1 ? ? 
HETATM 597 O O2  . SO4 C 2 .  ? -4.287  -18.553 1.614   1.000 105.153 0 102 SO4 AAA O2  1 ? ? 
HETATM 598 O O3  . SO4 C 2 .  ? -4.918  -18.520 4.338   1.000 56.637  0 102 SO4 AAA O3  1 ? ? 
HETATM 599 O O4  . SO4 C 2 .  ? -2.850  -19.596 2.943   1.000 41.795  0 102 SO4 AAA O4  1 ? ? 
HETATM 600 O O   . HOH D 3 .  ? 1.289   5.047   13.492  1.000 41.544  0 201 HOH AAA O   1 ? ? 
HETATM 601 O O   . HOH D 3 .  ? -0.614  10.061  11.972  1.000 49.830  0 202 HOH AAA O   1 ? ? 
HETATM 602 O O   . HOH D 3 .  ? 12.453  7.426   7.894   1.000 48.247  0 203 HOH AAA O   1 ? ? 
HETATM 603 O O   . HOH D 3 .  ? 10.978  2.030   -5.387  1.000 39.618  0 204 HOH AAA O   1 ? ? 
HETATM 604 O O   . HOH D 3 .  ? 11.803  7.085   4.000   1.000 24.474  0 205 HOH AAA O   1 ? ? 
HETATM 605 O O   . HOH D 3 .  ? 5.008   -17.076 0.803   1.000 40.766  0 206 HOH AAA O   1 ? ? 
HETATM 606 O O   . HOH D 3 .  ? -7.389  -7.198  1.497   1.000 36.400  0 207 HOH AAA O   1 ? ? 
HETATM 607 O O   . HOH D 3 .  ? -3.544  -8.717  -0.534  1.000 24.592  0 208 HOH AAA O   1 ? ? 
HETATM 608 O O   . HOH D 3 .  ? 4.038   -4.841  11.009  1.000 27.143  0 209 HOH AAA O   1 ? ? 
HETATM 609 O O   . HOH D 3 .  ? -2.192  -14.845 -3.759  1.000 45.438  0 210 HOH AAA O   1 ? ? 
HETATM 610 O O   . HOH D 3 .  ? 7.102   -9.214  -0.920  1.000 23.937  0 211 HOH AAA O   1 ? ? 
HETATM 611 O O   . HOH D 3 .  ? -9.856  2.636   -5.385  1.000 34.294  0 212 HOH AAA O   1 ? ? 
HETATM 612 O O   . HOH D 3 .  ? 2.373   11.153  8.511   1.000 18.015  0 213 HOH AAA O   1 ? ? 
HETATM 613 O O   . HOH D 3 .  ? -10.743 0.516   -5.436  1.000 39.079  0 214 HOH AAA O   1 ? ? 
HETATM 614 O O   . HOH D 3 .  ? 10.412  7.539   1.696   1.000 21.290  0 215 HOH AAA O   1 ? ? 
HETATM 615 O O   . HOH D 3 .  ? -4.374  0.563   9.678   1.000 25.694  0 216 HOH AAA O   1 ? ? 
HETATM 616 O O   . HOH D 3 .  ? 8.749   5.972   -6.636  1.000 24.647  0 217 HOH AAA O   1 ? ? 
HETATM 617 O O   . HOH D 3 .  ? -3.134  -21.792 1.452   1.000 32.987  0 218 HOH AAA O   1 ? ? 
HETATM 618 O O   . HOH D 3 .  ? -1.483  17.178  2.703   1.000 31.261  0 219 HOH AAA O   1 ? ? 
HETATM 619 O O   . HOH D 3 .  ? -9.232  -1.524  -7.691  1.000 36.048  0 220 HOH AAA O   1 ? ? 
HETATM 620 O O   . HOH D 3 .  ? -1.502  -6.604  6.709   1.000 25.869  0 221 HOH AAA O   1 ? ? 
HETATM 621 O O   . HOH D 3 .  ? -6.384  1.688   7.791   1.000 35.535  0 222 HOH AAA O   1 ? ? 
HETATM 622 O O   . HOH D 3 .  ? -4.408  13.802  -2.052  1.000 28.550  0 223 HOH AAA O   1 ? ? 
HETATM 623 O O   . HOH D 3 .  ? 1.634   12.758  6.335   1.000 17.494  0 224 HOH AAA O   1 ? ? 
HETATM 624 O O   . HOH D 3 .  ? -0.584  -6.026  -10.093 1.000 22.987  0 225 HOH AAA O   1 ? ? 
HETATM 625 O O   . HOH D 3 .  ? -2.655  -0.605  12.152  1.000 46.033  0 226 HOH AAA O   1 ? ? 
HETATM 626 O O   . HOH D 3 .  ? -1.622  13.569  -0.311  1.000 30.589  0 227 HOH AAA O   1 ? ? 
HETATM 627 O O   . HOH D 3 .  ? -5.953  -16.031 4.070   1.000 49.619  0 228 HOH AAA O   1 ? ? 
HETATM 628 O O   . HOH D 3 .  ? 7.410   4.286   -10.893 1.000 31.711  0 229 HOH AAA O   1 ? ? 
HETATM 629 O O   . HOH D 3 .  ? 7.664   -2.368  -8.624  1.000 24.589  0 230 HOH AAA O   1 ? ? 
HETATM 630 O O   . HOH D 3 .  ? 1.527   -7.978  -5.479  1.000 16.735  0 231 HOH AAA O   1 ? ? 
HETATM 631 O O   . HOH D 3 .  ? 1.305   3.498   -9.460  1.000 14.421  0 232 HOH AAA O   1 ? ? 
HETATM 632 O O   . HOH D 3 .  ? 1.610   13.761  1.909   1.000 21.329  0 233 HOH AAA O   1 ? ? 
HETATM 633 O O   . HOH D 3 .  ? -9.298  -6.316  -1.848  1.000 37.255  0 234 HOH AAA O   1 ? ? 
HETATM 634 O O   . HOH D 3 .  ? -3.201  7.317   9.470   1.000 26.154  0 235 HOH AAA O   1 ? ? 
HETATM 635 O O   . HOH D 3 .  ? -2.146  -3.680  10.303  1.000 31.148  0 236 HOH AAA O   1 ? ? 
HETATM 636 O O   . HOH D 3 .  ? 7.698   -5.696  -2.604  1.000 21.758  0 237 HOH AAA O   1 ? ? 
HETATM 637 O O   . HOH D 3 .  ? -0.359  -15.957 5.046   1.000 27.456  0 238 HOH AAA O   1 ? ? 
HETATM 638 O O   . HOH D 3 .  ? 7.776   -4.849  -5.272  1.000 24.312  0 239 HOH AAA O   1 ? ? 
HETATM 639 O O   . HOH D 3 .  ? 1.427   2.468   14.082  1.000 30.096  0 240 HOH AAA O   1 ? ? 
HETATM 640 O O   . HOH D 3 .  ? 3.676   11.525  -10.520 1.000 35.058  0 241 HOH AAA O   1 ? ? 
HETATM 641 O O   . HOH D 3 .  ? 6.982   6.317   -13.043 1.000 39.519  0 242 HOH AAA O   1 ? ? 
HETATM 642 O O   . HOH D 3 .  ? 9.235   4.061   -1.826  1.000 19.718  0 243 HOH AAA O   1 ? ? 
HETATM 643 O O   . HOH D 3 .  ? 5.283   9.854   -2.841  1.000 14.988  0 244 HOH AAA O   1 ? ? 
HETATM 644 O O   . HOH D 3 .  ? -2.592  13.213  4.181   1.000 20.463  0 245 HOH AAA O   1 ? ? 
HETATM 645 O O   . HOH D 3 .  ? 7.432   0.431   -11.265 1.000 26.980  0 246 HOH AAA O   1 ? ? 
HETATM 646 O O   . HOH D 3 .  ? 0.514   -0.702  12.181  1.000 31.384  0 247 HOH AAA O   1 ? ? 
HETATM 647 O O   . HOH D 3 .  ? -9.909  4.439   6.945   1.000 37.382  0 248 HOH AAA O   1 ? ? 
HETATM 648 O O   . HOH D 3 .  ? -0.614  -12.338 -6.437  1.000 47.304  0 249 HOH AAA O   1 ? ? 
HETATM 649 O O   . HOH D 3 .  ? 6.522   -11.889 -4.348  1.000 60.972  0 250 HOH AAA O   1 ? ? 
HETATM 650 O O   . HOH D 3 .  ? 11.106  3.288   1.013   1.000 24.271  0 251 HOH AAA O   1 ? ? 
HETATM 651 O O   . HOH D 3 .  ? -1.071  12.051  6.167   1.000 18.695  0 252 HOH AAA O   1 ? ? 
HETATM 652 O O   . HOH D 3 .  ? 3.689   -12.498 -0.412  1.000 36.780  0 253 HOH AAA O   1 ? ? 
HETATM 653 O O   . HOH D 3 .  ? 7.331   1.038   9.805   1.000 23.809  0 254 HOH AAA O   1 ? ? 
HETATM 654 O O   . HOH D 3 .  ? -1.269  -7.334  2.458   1.000 37.242  0 255 HOH AAA O   1 ? ? 
HETATM 655 O O   . HOH D 3 .  ? 5.530   8.628   -12.668 1.000 36.528  0 256 HOH AAA O   1 ? ? 
HETATM 656 O O   . HOH D 3 .  ? -3.867  -9.160  -4.815  1.000 46.601  0 257 HOH AAA O   1 ? ? 
HETATM 657 O O   . HOH D 3 .  ? -12.611 -2.535  4.053   1.000 40.147  0 258 HOH AAA O   1 ? ? 
HETATM 658 O O   . HOH D 3 .  ? 8.877   1.389   -8.549  1.000 31.131  0 259 HOH AAA O   1 ? ? 
HETATM 659 O O   . HOH D 3 .  ? -0.219  11.471  -11.013 1.000 31.686  0 260 HOH AAA O   1 ? ? 
HETATM 660 O O   . HOH D 3 .  ? 7.774   3.906   -8.484  1.000 26.457  0 261 HOH AAA O   1 ? ? 
HETATM 661 O O   . HOH D 3 .  ? -0.483  -5.114  8.816   1.000 23.673  0 262 HOH AAA O   1 ? ? 
HETATM 662 O O   . HOH D 3 .  ? -8.254  3.873   -6.107  1.000 26.580  0 263 HOH AAA O   1 ? ? 
HETATM 663 O O   . HOH D 3 .  ? 7.105   11.665  -3.820  1.000 24.552  0 264 HOH AAA O   1 ? ? 
HETATM 664 O O   . HOH D 3 .  ? -9.995  0.498   -7.884  1.000 43.632  0 265 HOH AAA O   1 ? ? 
HETATM 665 O O   . HOH D 3 .  ? 0.457   11.971  10.240  1.000 32.522  0 266 HOH AAA O   1 ? ? 
HETATM 666 O O   . HOH D 3 .  ? -5.908  -2.801  -9.751  1.000 42.257  0 267 HOH AAA O   1 ? ? 
HETATM 667 O O   . HOH D 3 .  ? 10.039  4.818   9.486   1.000 31.697  0 268 HOH AAA O   1 ? ? 
HETATM 668 O O   . HOH D 3 .  ? 4.033   8.770   11.407  1.000 28.956  0 269 HOH AAA O   1 ? ? 
HETATM 669 O O   . HOH D 3 .  ? -5.416  2.727   9.032   1.000 44.060  0 270 HOH AAA O   1 ? ? 
HETATM 670 O O   . HOH D 3 .  ? -1.044  3.476   -11.115 1.000 25.955  0 271 HOH AAA O   1 ? ? 
HETATM 671 O O   . HOH D 3 .  ? -4.111  15.027  5.312   1.000 49.167  0 272 HOH AAA O   1 ? ? 
HETATM 672 O O   . HOH D 3 .  ? 4.299   14.708  -2.931  1.000 37.541  0 273 HOH AAA O   1 ? ? 
HETATM 673 O O   . HOH D 3 .  ? 12.046  5.027   7.661   1.000 54.415  0 274 HOH AAA O   1 ? ? 
HETATM 674 O O   . HOH D 3 .  ? 11.006  5.589   -0.348  1.000 30.738  0 275 HOH AAA O   1 ? ? 
HETATM 675 O O   . HOH D 3 .  ? -3.005  1.621   -10.953 1.000 34.959  0 276 HOH AAA O   1 ? ? 
HETATM 676 O O   . HOH D 3 .  ? -1.041  14.544  2.319   1.000 22.874  0 277 HOH AAA O   1 ? ? 
HETATM 677 O O   . HOH D 3 .  ? -5.469  -8.144  -7.325  1.000 52.651  0 278 HOH AAA O   1 ? ? 
HETATM 678 O O   . HOH D 3 .  ? 1.268   -6.321  10.563  1.000 41.457  0 279 HOH AAA O   1 ? ? 
HETATM 679 O O   . HOH D 3 .  ? 10.279  -1.218  -10.823 1.000 46.751  0 280 HOH AAA O   1 ? ? 
HETATM 680 O O   . HOH D 3 .  ? -8.521  3.257   8.842   1.000 48.499  0 281 HOH AAA O   1 ? ? 
HETATM 681 O O   . HOH D 3 .  ? -1.023  -8.997  -5.979  1.000 41.423  0 282 HOH AAA O   1 ? ? 
HETATM 682 O O   . HOH D 3 .  ? 11.188  6.808   10.554  1.000 44.323  0 283 HOH AAA O   1 ? ? 
HETATM 683 O O   . HOH D 3 .  ? -2.060  5.830   -11.729 1.000 39.567  0 284 HOH AAA O   1 ? ? 
HETATM 684 O O   . HOH D 3 .  ? 14.347  7.981   3.699   1.000 42.699  0 285 HOH AAA O   1 ? ? 
HETATM 685 O O   . HOH D 3 .  ? 11.005  7.096   -7.712  1.000 41.680  0 286 HOH AAA O   1 ? ? 
HETATM 686 O O   . HOH D 3 .  ? 12.809  4.424   5.422   1.000 44.750  0 287 HOH AAA O   1 ? ? 
HETATM 687 O O   . HOH D 3 .  ? -2.714  14.935  -1.951  1.000 39.242  0 288 HOH AAA O   1 ? ? 
HETATM 688 O O   . HOH D 3 .  ? 9.785   5.052   -4.388  1.000 28.673  0 289 HOH AAA O   1 ? ? 
HETATM 689 O O   . HOH D 3 .  ? -7.846  6.580   -9.656  1.000 43.076  0 290 HOH AAA O   1 ? ? 
HETATM 690 O O   . HOH D 3 .  ? 12.910  3.891   3.008   1.000 37.832  0 291 HOH AAA O   1 ? ? 
HETATM 691 O O   . HOH D 3 .  ? 0.246   -8.273  -9.077  1.000 30.975  0 292 HOH AAA O   1 ? ? 
HETATM 692 O O   . HOH D 3 .  ? -8.591  4.326   -8.618  1.000 37.563  0 293 HOH AAA O   1 ? ? 
HETATM 693 O O   . HOH D 3 .  ? 0.020   14.678  -2.513  1.000 68.747  0 294 HOH AAA O   1 ? ? 
HETATM 694 O O   . HOH D 3 .  ? 6.876   9.143   -14.176 1.000 50.135  0 295 HOH AAA O   1 ? ? 
HETATM 695 O O   . HOH D 3 .  ? 2.007   13.166  -0.824  1.000 36.186  0 296 HOH AAA O   1 ? ? 
HETATM 696 O O   . HOH D 3 .  ? -8.045  -15.628 7.525   1.000 40.719  0 297 HOH AAA O   1 ? ? 
HETATM 697 O O   . HOH D 3 .  ? 9.450   10.244  -14.196 1.000 47.318  0 298 HOH AAA O   1 ? ? 
HETATM 698 O O   . HOH D 3 .  ? 15.922  9.149   5.197   1.000 40.500  0 299 HOH AAA O   1 ? ? 
HETATM 699 O O   . HOH D 3 .  ? -4.107  8.694   -13.116 1.000 46.245  0 300 HOH AAA O   1 ? ? 
HETATM 700 O O   . HOH D 3 .  ? 16.116  4.547   5.712   1.000 53.587  0 301 HOH AAA O   1 ? ? 
HETATM 701 O O   . HOH D 3 .  ? -13.728 -8.405  -5.672  1.000 54.764  0 302 HOH AAA O   1 ? ? 
HETATM 702 O O   . HOH D 3 .  ? 0.817   15.512  -12.901 1.000 63.102  0 303 HOH AAA O   1 ? ? 
# 
loop_
_atom_site_anisotrop.id 
_atom_site_anisotrop.type_symbol 
_atom_site_anisotrop.pdbx_label_atom_id 
_atom_site_anisotrop.pdbx_label_alt_id 
_atom_site_anisotrop.pdbx_label_comp_id 
_atom_site_anisotrop.pdbx_label_asym_id 
_atom_site_anisotrop.pdbx_label_seq_id 
_atom_site_anisotrop.pdbx_PDB_ins_code 
_atom_site_anisotrop.U[1][1] 
_atom_site_anisotrop.U[2][2] 
_atom_site_anisotrop.U[3][3] 
_atom_site_anisotrop.U[1][2] 
_atom_site_anisotrop.U[1][3] 
_atom_site_anisotrop.U[2][3] 
_atom_site_anisotrop.pdbx_auth_seq_id 
_atom_site_anisotrop.pdbx_auth_comp_id 
_atom_site_anisotrop.pdbx_auth_asym_id 
_atom_site_anisotrop.pdbx_auth_atom_id 
1   N N   . GLY A 1  ? 0.2829 0.1970 0.2641 0.0100  -0.0294 -0.0271 -1  GLY AAA N   
2   C CA  . GLY A 1  ? 0.2358 0.2098 0.2144 0.0083  -0.0394 -0.0323 -1  GLY AAA CA  
3   C C   . GLY A 1  ? 0.3178 0.1311 0.2260 -0.0237 0.0415  -0.0180 -1  GLY AAA C   
4   O O   . GLY A 1  ? 0.3047 0.1968 0.2226 0.0150  -0.0090 -0.0366 -1  GLY AAA O   
5   N N   . PRO A 2  ? 0.2750 0.1552 0.1958 -0.0090 -0.0273 -0.0114 0   PRO AAA N   
6   C CA  . PRO A 2  ? 0.2991 0.2028 0.1791 -0.0228 0.0009  0.0162  0   PRO AAA CA  
7   C C   . PRO A 2  ? 0.3984 0.1690 0.1706 -0.0245 -0.0192 0.0094  0   PRO AAA C   
8   O O   . PRO A 2  ? 0.4328 0.1873 0.2150 -0.0148 -0.0132 0.0411  0   PRO AAA O   
9   C CB  . PRO A 2  ? 0.3521 0.1693 0.2316 -0.0161 0.0372  -0.0158 0   PRO AAA CB  
10  C CG  . PRO A 2  ? 0.3645 0.1688 0.2738 -0.0294 0.0346  -0.0173 0   PRO AAA CG  
11  C CD  . PRO A 2  ? 0.3313 0.1389 0.2268 0.0142  -0.0821 -0.0223 0   PRO AAA CD  
12  N N   . MET A 3  ? 0.3146 0.1965 0.2639 -0.0383 -0.0705 0.0247  1   MET AAA N   
13  C CA  . MET A 3  ? 0.3793 0.2624 0.2233 -0.0937 -0.1272 0.0391  1   MET AAA CA  
14  C C   . MET A 3  ? 0.3422 0.2525 0.2783 -0.0418 -0.0852 0.0498  1   MET AAA C   
15  O O   . MET A 3  ? 0.4258 0.3268 0.2864 0.0171  -0.1043 0.0913  1   MET AAA O   
16  C CB  . MET A 3  ? 0.3702 0.3524 0.3565 -0.0585 -0.0727 0.0242  1   MET AAA CB  
17  C CG  . MET A 3  ? 0.4514 0.4302 0.4075 -0.0066 0.0066  0.0035  1   MET AAA CG  
18  S SD  . MET A 3  ? 0.4901 0.4690 0.4609 0.0013  -0.0109 -0.0130 1   MET AAA SD  
19  C CE  . MET A 3  ? 0.4307 0.4840 0.4974 0.0244  0.0006  -0.0022 1   MET AAA CE  
20  N N   . ASP A 4  ? 0.3583 0.2373 0.3305 0.0175  -0.0342 0.0321  2   ASP AAA N   
21  C CA  . ASP A 4  ? 0.3746 0.2307 0.4298 0.0297  0.1031  0.1013  2   ASP AAA CA  
22  C C   . ASP A 4  ? 0.3127 0.3821 0.4011 0.0116  0.0320  0.0326  2   ASP AAA C   
23  O O   . ASP A 4  ? 0.4336 0.4109 0.6444 -0.0421 0.1095  0.0893  2   ASP AAA O   
24  C CB  . ASP A 4  ? 0.5662 0.2625 0.4664 -0.0082 0.0047  -0.0761 2   ASP AAA CB  
25  C CG  . ASP A 4  ? 0.6098 0.3055 0.7187 0.0144  -0.1030 -0.0294 2   ASP AAA CG  
26  O OD1 . ASP A 4  ? 0.4170 0.4138 0.6571 0.0253  0.0517  -0.0123 2   ASP AAA OD1 
27  O OD2 . ASP A 4  ? 0.7823 0.4482 0.6354 -0.1630 0.0197  -0.1129 2   ASP AAA OD2 
28  N N   . GLU A 5  ? 0.3472 0.1885 0.3042 -0.0028 0.0426  0.0164  3   GLU AAA N   
29  C CA  . GLU A 5  ? 0.3672 0.1812 0.3005 -0.0169 0.0318  0.0172  3   GLU AAA CA  
30  C C   . GLU A 5  ? 0.3929 0.2655 0.2916 0.0278  0.0344  0.1209  3   GLU AAA C   
31  O O   . GLU A 5  ? 0.3853 0.1631 0.3636 -0.0370 -0.0242 0.0263  3   GLU AAA O   
32  C CB  . GLU A 5  ? 0.3566 0.1699 0.3335 -0.0065 0.0327  0.0393  3   GLU AAA CB  
33  C CG  . GLU A 5  ? 0.3961 0.2278 0.3111 0.0038  -0.0057 0.0266  3   GLU AAA CG  
34  C CD  . GLU A 5  ? 0.3864 0.3027 0.3679 -0.0457 -0.0502 0.0495  3   GLU AAA CD  
35  O OE1 . GLU A 5  ? 0.7455 0.4304 0.3661 -0.1402 0.0104  0.0412  3   GLU AAA OE1 
36  O OE2 . GLU A 5  ? 0.5297 0.2096 0.6347 -0.0322 0.1006  0.0968  3   GLU AAA OE2 
37  N N   A THR A 6  ? 0.3887 0.4204 0.3839 -0.1068 -0.1743 0.1033  4   THR AAA N   
38  N N   B THR A 6  ? 0.4010 0.4257 0.1883 -0.1979 -0.0746 0.0780  4   THR AAA N   
39  C CA  A THR A 6  ? 0.4283 1.6845 0.2652 0.1762  0.2336  0.3147  4   THR AAA CA  
40  C CA  B THR A 6  ? 0.3555 0.5301 0.3534 0.0664  0.0690  0.2241  4   THR AAA CA  
41  C C   A THR A 6  ? 0.2868 0.8723 0.8729 -0.0846 -0.0212 -0.0823 4   THR AAA C   
42  C C   B THR A 6  ? 0.3662 0.4785 0.3343 -0.0183 0.1717  0.2031  4   THR AAA C   
43  O O   A THR A 6  ? 0.4626 0.3137 0.4067 -0.0186 0.0159  0.0015  4   THR AAA O   
44  O O   B THR A 6  ? 0.2340 0.5819 0.4001 0.1084  0.0316  0.0746  4   THR AAA O   
45  C CB  A THR A 6  ? 1.1731 0.3540 0.9249 -0.4045 -0.3365 -0.2967 4   THR AAA CB  
46  C CB  B THR A 6  ? 0.3519 0.5731 0.6600 -0.1727 -0.1402 0.2235  4   THR AAA CB  
47  O OG1 A THR A 6  ? 0.8177 0.7534 1.1469 -0.1514 -0.2138 -0.1926 4   THR AAA OG1 
48  O OG1 B THR A 6  ? 0.3088 0.7419 0.2972 -0.1398 -0.1314 0.1002  4   THR AAA OG1 
49  C CG2 A THR A 6  ? 0.6308 0.5164 0.8138 -0.3768 -0.2718 0.1826  4   THR AAA CG2 
50  C CG2 B THR A 6  ? 0.3540 0.5600 0.4990 -0.3124 0.1128  0.1922  4   THR AAA CG2 
51  N N   . GLY A 7  ? 0.3654 0.2632 0.3804 0.0099  0.0308  -0.0115 5   GLY AAA N   
52  C CA  . GLY A 7  ? 0.5270 0.1783 0.3197 -0.0667 0.0147  -0.0486 5   GLY AAA CA  
53  C C   . GLY A 7  ? 0.4776 0.1857 0.2637 -0.0400 0.0291  -0.0496 5   GLY AAA C   
54  O O   . GLY A 7  ? 0.6580 0.2824 0.2886 -0.0846 0.1106  -0.0251 5   GLY AAA O   
55  N N   . LYS A 8  ? 0.3066 0.1554 0.3240 -0.0573 -0.0242 -0.0520 6   LYS AAA N   
56  C CA  . LYS A 8  ? 0.2804 0.1391 0.2545 -0.0367 -0.0349 -0.0265 6   LYS AAA CA  
57  C C   . LYS A 8  ? 0.2450 0.1455 0.2335 -0.0079 -0.0459 -0.0165 6   LYS AAA C   
58  O O   . LYS A 8  ? 0.3126 0.1691 0.3393 -0.0080 -0.0823 0.0499  6   LYS AAA O   
59  C CB  . LYS A 8  ? 0.2759 0.1436 0.2905 -0.0128 -0.0103 -0.0194 6   LYS AAA CB  
60  C CG  . LYS A 8  ? 0.3338 0.2061 0.3501 -0.0292 -0.0263 -0.0497 6   LYS AAA CG  
61  C CD  . LYS A 8  ? 0.3447 0.1898 0.4475 -0.0431 0.0078  0.0067  6   LYS AAA CD  
62  C CE  . LYS A 8  ? 0.3194 0.2724 0.5031 0.0084  0.0061  0.0125  6   LYS AAA CE  
63  N NZ  . LYS A 8  ? 0.3263 0.2147 0.6060 -0.0042 0.0685  0.0603  6   LYS AAA NZ  
64  N N   . GLU A 9  ? 0.2403 0.1242 0.1805 -0.0056 -0.0388 -0.0270 7   GLU AAA N   
65  C CA  . GLU A 9  ? 0.2077 0.1337 0.1585 0.0048  -0.0355 -0.0214 7   GLU AAA CA  
66  C C   . GLU A 9  ? 0.1893 0.1214 0.1343 0.0063  -0.0372 -0.0127 7   GLU AAA C   
67  O O   . GLU A 9  ? 0.2160 0.1731 0.1359 0.0398  -0.0347 -0.0090 7   GLU AAA O   
68  C CB  . GLU A 9  ? 0.2156 0.1567 0.1637 0.0017  -0.0228 -0.0273 7   GLU AAA CB  
69  C CG  . GLU A 9  ? 0.3037 0.1913 0.1640 0.0133  0.0130  -0.0463 7   GLU AAA CG  
70  C CD  . GLU A 9  ? 0.3107 0.2150 0.1653 0.0239  0.0119  -0.0494 7   GLU AAA CD  
71  O OE1 . GLU A 9  ? 0.3243 0.2209 0.1868 -0.0034 -0.0021 -0.0200 7   GLU AAA OE1 
72  O OE2 . GLU A 9  ? 0.4675 0.2817 0.1798 -0.0492 0.0148  -0.0360 7   GLU AAA OE2 
73  N N   . LEU A 10 ? 0.1712 0.1342 0.1486 0.0078  -0.0531 -0.0226 8   LEU AAA N   
74  C CA  . LEU A 10 ? 0.1760 0.1349 0.1361 -0.0039 -0.0444 -0.0201 8   LEU AAA CA  
75  C C   . LEU A 10 ? 0.1501 0.1486 0.1404 -0.0034 -0.0393 -0.0139 8   LEU AAA C   
76  O O   . LEU A 10 ? 0.1620 0.1516 0.1474 -0.0107 -0.0282 -0.0248 8   LEU AAA O   
77  C CB  . LEU A 10 ? 0.1952 0.1505 0.1503 -0.0132 -0.0561 -0.0155 8   LEU AAA CB  
78  C CG  . LEU A 10 ? 0.2412 0.1450 0.1828 -0.0269 -0.0580 0.0040  8   LEU AAA CG  
79  C CD1 . LEU A 10 ? 0.3011 0.1730 0.2098 -0.0276 -0.0634 0.0283  8   LEU AAA CD1 
80  C CD2 . LEU A 10 ? 0.2295 0.1510 0.2435 -0.0454 -0.0357 -0.0080 8   LEU AAA CD2 
81  N N   A LEU A 11 ? 0.1623 0.1290 0.1206 -0.0063 -0.0302 -0.0053 9   LEU AAA N   
82  N N   B LEU A 11 ? 0.1411 0.1252 0.0957 -0.0281 -0.0853 -0.0453 9   LEU AAA N   
83  C CA  A LEU A 11 ? 0.1502 0.1248 0.1231 -0.0024 -0.0387 -0.0072 9   LEU AAA CA  
84  C CA  B LEU A 11 ? 0.1512 0.1303 0.1165 -0.0171 -0.0860 -0.0741 9   LEU AAA CA  
85  C C   A LEU A 11 ? 0.1578 0.1241 0.1181 -0.0050 -0.0377 -0.0079 9   LEU AAA C   
86  C C   B LEU A 11 ? 0.1767 0.1185 0.1138 0.0161  -0.0493 -0.0531 9   LEU AAA C   
87  O O   A LEU A 11 ? 0.1773 0.1638 0.1219 -0.0116 -0.0282 -0.0061 9   LEU AAA O   
88  O O   B LEU A 11 ? 0.1496 0.0986 0.1248 0.0118  -0.0831 -0.0366 9   LEU AAA O   
89  C CB  A LEU A 11 ? 0.1424 0.1293 0.1073 -0.0058 -0.0333 -0.0079 9   LEU AAA CB  
90  C CB  B LEU A 11 ? 0.1637 0.1276 0.1057 -0.0076 -0.0401 -0.0658 9   LEU AAA CB  
91  C CG  A LEU A 11 ? 0.1448 0.1279 0.1053 -0.0138 -0.0299 -0.0003 9   LEU AAA CG  
92  C CG  B LEU A 11 ? 0.1629 0.1673 0.1838 -0.0037 -0.0083 -0.0242 9   LEU AAA CG  
93  C CD1 A LEU A 11 ? 0.1544 0.1436 0.1000 -0.0054 -0.0302 -0.0021 9   LEU AAA CD1 
94  C CD1 B LEU A 11 ? 0.1559 0.1627 0.1904 0.0033  -0.0250 -0.0260 9   LEU AAA CD1 
95  C CD2 A LEU A 11 ? 0.1477 0.2104 0.1260 -0.0251 -0.0347 0.0113  9   LEU AAA CD2 
96  C CD2 B LEU A 11 ? 0.1685 0.1693 0.1863 0.0118  0.0347  -0.0022 9   LEU AAA CD2 
97  N N   . LEU A 12 ? 0.1616 0.1336 0.1248 -0.0076 -0.0457 -0.0109 10  LEU AAA N   
98  C CA  . LEU A 12 ? 0.1864 0.1329 0.1137 -0.0085 -0.0530 -0.0104 10  LEU AAA CA  
99  C C   . LEU A 12 ? 0.1642 0.1403 0.1185 -0.0138 -0.0523 -0.0071 10  LEU AAA C   
100 O O   . LEU A 12 ? 0.1556 0.1479 0.1435 -0.0012 -0.0421 -0.0119 10  LEU AAA O   
101 C CB  . LEU A 12 ? 0.1928 0.1488 0.1454 0.0107  -0.0676 -0.0096 10  LEU AAA CB  
102 C CG  . LEU A 12 ? 0.2002 0.1649 0.1468 0.0160  -0.0767 -0.0235 10  LEU AAA CG  
103 C CD1 . LEU A 12 ? 0.2374 0.1879 0.1267 0.0108  -0.0647 0.0006  10  LEU AAA CD1 
104 C CD2 . LEU A 12 ? 0.2217 0.2078 0.1696 0.0236  -0.0837 -0.0222 10  LEU AAA CD2 
105 N N   . VAL A 13 ? 0.1774 0.1363 0.1093 -0.0125 -0.0433 -0.0035 11  VAL AAA N   
106 C CA  . VAL A 13 ? 0.1659 0.1306 0.1085 -0.0119 -0.0359 -0.0104 11  VAL AAA CA  
107 C C   . VAL A 13 ? 0.1694 0.1423 0.1153 -0.0002 -0.0508 -0.0123 11  VAL AAA C   
108 O O   . VAL A 13 ? 0.2096 0.1523 0.1171 -0.0010 -0.0618 -0.0106 11  VAL AAA O   
109 C CB  . VAL A 13 ? 0.1789 0.1359 0.1022 -0.0153 -0.0292 -0.0044 11  VAL AAA CB  
110 C CG1 . VAL A 13 ? 0.1828 0.1423 0.1109 -0.0102 -0.0298 -0.0139 11  VAL AAA CG1 
111 C CG2 . VAL A 13 ? 0.1726 0.1441 0.1064 -0.0199 -0.0163 -0.0107 11  VAL AAA CG2 
112 N N   . LEU A 14 ? 0.1757 0.1387 0.1276 -0.0116 -0.0578 -0.0178 12  LEU AAA N   
113 C CA  . LEU A 14 ? 0.1737 0.1568 0.1545 -0.0060 -0.0780 -0.0157 12  LEU AAA CA  
114 C C   . LEU A 14 ? 0.1937 0.1517 0.1275 -0.0094 -0.0771 -0.0124 12  LEU AAA C   
115 O O   . LEU A 14 ? 0.2195 0.1699 0.1566 -0.0024 -0.0868 -0.0241 12  LEU AAA O   
116 C CB  . LEU A 14 ? 0.1658 0.1583 0.1819 -0.0039 -0.0518 -0.0294 12  LEU AAA CB  
117 C CG  . LEU A 14 ? 0.1631 0.1690 0.1968 -0.0135 -0.0534 -0.0418 12  LEU AAA CG  
118 C CD1 . LEU A 14 ? 0.1645 0.1909 0.2446 -0.0041 -0.0326 -0.0478 12  LEU AAA CD1 
119 C CD2 . LEU A 14 ? 0.1879 0.1879 0.2393 0.0253  -0.0735 -0.0297 12  LEU AAA CD2 
120 N N   A TYR A 15 ? 0.1870 0.1427 0.1243 -0.0180 -0.0621 -0.0275 13  TYR AAA N   
121 N N   B TYR A 15 ? 0.1875 0.1427 0.1248 -0.0181 -0.0626 -0.0274 13  TYR AAA N   
122 C CA  A TYR A 15 ? 0.1932 0.1546 0.1323 -0.0104 -0.0660 -0.0350 13  TYR AAA CA  
123 C CA  B TYR A 15 ? 0.1938 0.1532 0.1330 -0.0110 -0.0663 -0.0352 13  TYR AAA CA  
124 C C   A TYR A 15 ? 0.1924 0.1404 0.1162 -0.0147 -0.0442 -0.0211 13  TYR AAA C   
125 C C   B TYR A 15 ? 0.1923 0.1401 0.1167 -0.0140 -0.0443 -0.0217 13  TYR AAA C   
126 O O   A TYR A 15 ? 0.1846 0.1461 0.1203 -0.0177 -0.0362 -0.0253 13  TYR AAA O   
127 O O   B TYR A 15 ? 0.1839 0.1460 0.1220 -0.0169 -0.0359 -0.0254 13  TYR AAA O   
128 C CB  A TYR A 15 ? 0.2037 0.1407 0.1426 -0.0181 -0.0640 -0.0275 13  TYR AAA CB  
129 C CB  B TYR A 15 ? 0.2067 0.1428 0.1375 -0.0205 -0.0651 -0.0260 13  TYR AAA CB  
130 C CG  A TYR A 15 ? 0.2012 0.1435 0.1823 -0.0207 -0.0288 -0.0189 13  TYR AAA CG  
131 C CG  B TYR A 15 ? 0.2045 0.1375 0.1840 -0.0218 -0.0278 -0.0222 13  TYR AAA CG  
132 C CD1 A TYR A 15 ? 0.2517 0.1795 0.2278 -0.0039 -0.0518 0.0074  13  TYR AAA CD1 
133 C CD1 B TYR A 15 ? 0.2274 0.1763 0.2432 -0.0043 -0.0390 0.0112  13  TYR AAA CD1 
134 C CD2 A TYR A 15 ? 0.2406 0.1311 0.1653 -0.0289 -0.0394 -0.0505 13  TYR AAA CD2 
135 C CD2 B TYR A 15 ? 0.2104 0.1395 0.1871 -0.0251 -0.0200 -0.0562 13  TYR AAA CD2 
136 C CE1 A TYR A 15 ? 0.2248 0.2973 0.3129 -0.0186 -0.0748 -0.0384 13  TYR AAA CE1 
137 C CE1 B TYR A 15 ? 0.1643 0.2817 0.3480 0.0087  -0.0826 -0.0183 13  TYR AAA CE1 
138 C CE2 A TYR A 15 ? 0.2521 0.1661 0.2298 -0.0004 0.0082  -0.0525 13  TYR AAA CE2 
139 C CE2 B TYR A 15 ? 0.2187 0.1622 0.2781 -0.0724 0.0485  -0.0701 13  TYR AAA CE2 
140 C CZ  A TYR A 15 ? 0.1587 0.3853 0.2891 0.0572  -0.0377 0.0237  13  TYR AAA CZ  
141 C CZ  B TYR A 15 ? 0.1178 0.4265 0.3897 0.0602  0.0469  -0.0303 13  TYR AAA CZ  
142 O OH  A TYR A 15 ? 0.1464 0.3026 0.4270 -0.0421 -0.0272 0.0228  13  TYR AAA OH  
143 O OH  B TYR A 15 ? 0.1297 0.4712 0.4531 0.0311  0.1330  0.0155  13  TYR AAA OH  
144 N N   . ASP A 16 ? 0.2036 0.1852 0.1122 -0.0019 -0.0331 -0.0383 14  ASP AAA N   
145 C CA  . ASP A 16 ? 0.2137 0.1758 0.1104 -0.0149 -0.0106 -0.0320 14  ASP AAA CA  
146 C C   . ASP A 16 ? 0.1970 0.1780 0.1150 -0.0166 -0.0241 -0.0275 14  ASP AAA C   
147 O O   . ASP A 16 ? 0.2054 0.1585 0.1481 -0.0251 -0.0319 -0.0206 14  ASP AAA O   
148 C CB  . ASP A 16 ? 0.2443 0.2140 0.1137 0.0063  -0.0229 -0.0307 14  ASP AAA CB  
149 C CG  . ASP A 16 ? 0.2848 0.2294 0.0937 0.0120  -0.0044 -0.0541 14  ASP AAA CG  
150 O OD1 . ASP A 16 ? 0.3275 0.2319 0.1067 0.0166  -0.0197 -0.0283 14  ASP AAA OD1 
151 O OD2 . ASP A 16 ? 0.4058 0.2800 0.0912 0.0395  0.0148  -0.0677 14  ASP AAA OD2 
152 N N   . TYR A 17 ? 0.1795 0.1578 0.1307 -0.0200 -0.0158 -0.0147 15  TYR AAA N   
153 C CA  . TYR A 17 ? 0.1766 0.1595 0.1189 -0.0063 -0.0136 -0.0202 15  TYR AAA CA  
154 C C   . TYR A 17 ? 0.1835 0.1695 0.1250 -0.0067 -0.0005 -0.0297 15  TYR AAA C   
155 O O   . TYR A 17 ? 0.1682 0.1870 0.1488 -0.0096 0.0148  -0.0205 15  TYR AAA O   
156 C CB  . TYR A 17 ? 0.1506 0.1607 0.1357 -0.0148 0.0020  -0.0149 15  TYR AAA CB  
157 C CG  . TYR A 17 ? 0.1367 0.1570 0.1242 -0.0143 -0.0020 -0.0164 15  TYR AAA CG  
158 C CD1 . TYR A 17 ? 0.1493 0.1619 0.1327 -0.0264 -0.0206 -0.0172 15  TYR AAA CD1 
159 C CD2 . TYR A 17 ? 0.1347 0.1537 0.1246 -0.0258 0.0009  -0.0242 15  TYR AAA CD2 
160 C CE1 . TYR A 17 ? 0.1627 0.1511 0.1372 -0.0190 -0.0150 -0.0211 15  TYR AAA CE1 
161 C CE2 . TYR A 17 ? 0.1427 0.1523 0.1359 -0.0154 -0.0113 -0.0310 15  TYR AAA CE2 
162 C CZ  . TYR A 17 ? 0.1545 0.1422 0.1353 -0.0179 -0.0129 -0.0131 15  TYR AAA CZ  
163 O OH  . TYR A 17 ? 0.1785 0.1654 0.1671 -0.0297 -0.0322 -0.0025 15  TYR AAA OH  
164 N N   A GLN A 18 ? 0.1821 0.1837 0.1392 0.0003  -0.0056 -0.0500 16  GLN AAA N   
165 N N   B GLN A 18 ? 0.1745 0.1858 0.1367 -0.0036 -0.0163 -0.0505 16  GLN AAA N   
166 C CA  A GLN A 18 ? 0.1938 0.2409 0.1232 0.0131  -0.0047 -0.0666 16  GLN AAA CA  
167 C CA  B GLN A 18 ? 0.1749 0.2519 0.1322 -0.0047 -0.0170 -0.0628 16  GLN AAA CA  
168 C C   A GLN A 18 ? 0.1702 0.2237 0.1442 0.0103  -0.0112 -0.0625 16  GLN AAA C   
169 C C   B GLN A 18 ? 0.1706 0.2282 0.1411 0.0078  -0.0124 -0.0656 16  GLN AAA C   
170 O O   A GLN A 18 ? 0.1912 0.2160 0.1728 0.0210  -0.0145 -0.0422 16  GLN AAA O   
171 O O   B GLN A 18 ? 0.1855 0.2162 0.1654 0.0207  -0.0221 -0.0476 16  GLN AAA O   
172 C CB  A GLN A 18 ? 0.2789 0.2960 0.1250 0.0477  -0.0160 -0.0912 16  GLN AAA CB  
173 C CB  B GLN A 18 ? 0.2087 0.2884 0.1500 0.0153  -0.0320 -0.0789 16  GLN AAA CB  
174 C CG  A GLN A 18 ? 0.3091 0.3330 0.1569 0.0745  -0.0494 -0.1295 16  GLN AAA CG  
175 C CG  B GLN A 18 ? 0.3027 0.3011 0.1792 0.0491  -0.0455 -0.0296 16  GLN AAA CG  
176 C CD  A GLN A 18 ? 0.3784 0.4152 0.3504 0.1118  0.0414  -0.0105 16  GLN AAA CD  
177 C CD  B GLN A 18 ? 0.4012 0.5470 0.4728 -0.0079 -0.1167 0.1958  16  GLN AAA CD  
178 O OE1 A GLN A 18 ? 0.3784 0.5954 0.4232 -0.0545 -0.0221 -0.0115 16  GLN AAA OE1 
179 O OE1 B GLN A 18 ? 0.5296 0.8665 0.4599 0.0914  0.1521  0.3475  16  GLN AAA OE1 
180 N NE2 A GLN A 18 ? 0.4854 0.4248 0.3428 -0.0077 0.1016  0.0431  16  GLN AAA NE2 
181 N NE2 B GLN A 18 ? 0.2801 0.3963 0.4566 0.2267  -0.1597 0.1374  16  GLN AAA NE2 
182 N N   . GLU A 19 ? 0.1761 0.2208 0.1501 0.0188  0.0084  -0.0407 17  GLU AAA N   
183 C CA  . GLU A 19 ? 0.1675 0.2193 0.1642 0.0205  -0.0309 -0.0528 17  GLU AAA CA  
184 C C   . GLU A 19 ? 0.2123 0.2062 0.1885 0.0371  -0.0048 -0.0642 17  GLU AAA C   
185 O O   . GLU A 19 ? 0.2588 0.2566 0.2107 0.0735  -0.0306 -0.0751 17  GLU AAA O   
186 C CB  . GLU A 19 ? 0.1983 0.2469 0.1498 0.0508  -0.0072 -0.0387 17  GLU AAA CB  
187 C CG  . GLU A 19 ? 0.1475 0.3270 0.2295 0.0190  -0.0064 -0.0457 17  GLU AAA CG  
188 C CD  . GLU A 19 ? 0.1795 0.3363 0.2102 0.0215  0.0047  -0.0783 17  GLU AAA CD  
189 O OE1 . GLU A 19 ? 0.2064 0.3438 0.3028 0.0048  -0.0204 -0.1156 17  GLU AAA OE1 
190 O OE2 . GLU A 19 ? 0.1950 0.3686 0.2474 -0.0095 0.0041  -0.0303 17  GLU AAA OE2 
191 N N   A LYS A 20 ? 0.2016 0.1741 0.2073 0.0340  -0.0294 -0.0402 18  LYS AAA N   
192 N N   B LYS A 20 ? 0.2121 0.1683 0.1976 0.0425  -0.0599 -0.0448 18  LYS AAA N   
193 C CA  A LYS A 20 ? 0.2365 0.1726 0.2339 0.0280  -0.0551 -0.0590 18  LYS AAA CA  
194 C CA  B LYS A 20 ? 0.2429 0.1657 0.2494 0.0439  -0.0858 -0.0554 18  LYS AAA CA  
195 C C   A LYS A 20 ? 0.2055 0.1615 0.2199 0.0105  -0.0388 -0.0434 18  LYS AAA C   
196 C C   B LYS A 20 ? 0.1932 0.1608 0.2510 0.0317  -0.0603 -0.0427 18  LYS AAA C   
197 O O   A LYS A 20 ? 0.2253 0.1626 0.2501 -0.0029 -0.0335 -0.0209 18  LYS AAA O   
198 O O   B LYS A 20 ? 0.2157 0.1775 0.2498 0.0333  -0.0559 0.0057  18  LYS AAA O   
199 C CB  A LYS A 20 ? 0.2688 0.1365 0.2997 -0.0477 -0.0760 -0.0761 18  LYS AAA CB  
200 C CB  B LYS A 20 ? 0.2672 0.2314 0.3223 -0.0372 -0.1211 -0.0278 18  LYS AAA CB  
201 C CG  A LYS A 20 ? 0.2816 0.1787 0.3548 0.0040  -0.1174 -0.1194 18  LYS AAA CG  
202 C CG  B LYS A 20 ? 0.2946 0.1672 0.3982 -0.0279 -0.1810 -0.0120 18  LYS AAA CG  
203 C CD  A LYS A 20 ? 0.3751 0.3324 0.4775 -0.0316 -0.0709 -0.0256 18  LYS AAA CD  
204 C CD  B LYS A 20 ? 0.3491 0.3725 0.3853 0.1345  -0.0928 0.0766  18  LYS AAA CD  
205 C CE  A LYS A 20 ? 0.4085 0.3244 0.4110 -0.0155 -0.1277 -0.0271 18  LYS AAA CE  
206 C CE  B LYS A 20 ? 0.5185 0.4940 0.5635 0.0312  -0.0442 0.2084  18  LYS AAA CE  
207 N NZ  A LYS A 20 ? 0.3870 0.4349 0.6891 -0.0267 -0.0801 -0.0928 18  LYS AAA NZ  
208 N NZ  B LYS A 20 ? 0.5714 0.6590 0.5756 0.0335  -0.0679 0.1780  18  LYS AAA NZ  
209 N N   . SER A 21 ? 0.1572 0.1532 0.1966 -0.0036 -0.0203 -0.0212 19  SER AAA N   
210 C CA  . SER A 21 ? 0.1506 0.1489 0.1805 -0.0068 -0.0115 -0.0009 19  SER AAA CA  
211 C C   . SER A 21 ? 0.1140 0.1449 0.1651 -0.0010 0.0076  -0.0119 19  SER AAA C   
212 O O   . SER A 21 ? 0.1304 0.1631 0.1575 0.0010  -0.0005 0.0051  19  SER AAA O   
213 C CB  . SER A 21 ? 0.2229 0.1845 0.1846 -0.0558 0.0169  0.0264  19  SER AAA CB  
214 O OG  . SER A 21 ? 0.2080 0.2194 0.2006 0.0113  0.0347  0.0077  19  SER AAA OG  
215 N N   . PRO A 22 ? 0.1185 0.1540 0.1666 0.0021  0.0104  0.0104  20  PRO AAA N   
216 C CA  . PRO A 22 ? 0.1073 0.1561 0.1896 -0.0146 0.0064  0.0243  20  PRO AAA CA  
217 C C   . PRO A 22 ? 0.1084 0.1547 0.1669 -0.0180 0.0023  0.0054  20  PRO AAA C   
218 O O   . PRO A 22 ? 0.1170 0.1574 0.2157 -0.0202 0.0223  0.0050  20  PRO AAA O   
219 C CB  . PRO A 22 ? 0.1161 0.1993 0.2326 -0.0072 -0.0008 0.0239  20  PRO AAA CB  
220 C CG  . PRO A 22 ? 0.1307 0.1871 0.2092 0.0012  -0.0129 0.0111  20  PRO AAA CG  
221 C CD  . PRO A 22 ? 0.1487 0.1706 0.1737 0.0073  -0.0014 0.0225  20  PRO AAA CD  
222 N N   . ARG A 23 ? 0.1101 0.1577 0.1601 -0.0196 0.0002  0.0041  21  ARG AAA N   
223 C CA  . ARG A 23 ? 0.1192 0.1635 0.1583 -0.0160 -0.0051 -0.0183 21  ARG AAA CA  
224 C C   . ARG A 23 ? 0.1022 0.1444 0.1554 -0.0284 0.0075  -0.0170 21  ARG AAA C   
225 O O   . ARG A 23 ? 0.1142 0.1738 0.1810 -0.0125 -0.0039 -0.0414 21  ARG AAA O   
226 C CB  . ARG A 23 ? 0.1689 0.2265 0.1575 -0.0115 -0.0104 -0.0223 21  ARG AAA CB  
227 C CG  . ARG A 23 ? 0.2571 0.2930 0.1489 0.0004  -0.0440 -0.0326 21  ARG AAA CG  
228 C CD  . ARG A 23 ? 0.2687 0.3187 0.2376 0.0111  -0.0810 -0.0275 21  ARG AAA CD  
229 N NE  . ARG A 23 ? 0.2065 0.2902 0.3103 0.0120  -0.0528 0.0160  21  ARG AAA NE  
230 C CZ  . ARG A 23 ? 0.2025 0.2723 0.2251 0.0135  -0.0276 0.0114  21  ARG AAA CZ  
231 N NH1 . ARG A 23 ? 0.1859 0.2814 0.2657 0.0135  -0.0080 0.0356  21  ARG AAA NH1 
232 N NH2 . ARG A 23 ? 0.2051 0.2749 0.2480 0.0014  0.0038  0.0234  21  ARG AAA NH2 
233 N N   . GLU A 24 ? 0.0985 0.1477 0.1498 -0.0149 0.0009  -0.0236 22  GLU AAA N   
234 C CA  . GLU A 24 ? 0.0984 0.1377 0.1519 -0.0115 -0.0016 -0.0211 22  GLU AAA CA  
235 C C   . GLU A 24 ? 0.1017 0.1393 0.1480 -0.0189 0.0077  -0.0225 22  GLU AAA C   
236 O O   . GLU A 24 ? 0.1131 0.1719 0.1750 -0.0175 0.0195  -0.0080 22  GLU AAA O   
237 C CB  . GLU A 24 ? 0.1136 0.1446 0.1548 -0.0117 0.0018  -0.0213 22  GLU AAA CB  
238 C CG  . GLU A 24 ? 0.1371 0.1470 0.1449 -0.0260 -0.0096 -0.0236 22  GLU AAA CG  
239 C CD  . GLU A 24 ? 0.1655 0.1419 0.1716 -0.0234 -0.0246 -0.0086 22  GLU AAA CD  
240 O OE1 . GLU A 24 ? 0.1700 0.1493 0.1848 -0.0155 -0.0345 -0.0230 22  GLU AAA OE1 
241 O OE2 . GLU A 24 ? 0.2499 0.1565 0.1946 -0.0064 -0.0185 -0.0031 22  GLU AAA OE2 
242 N N   . VAL A 25 ? 0.1124 0.1559 0.1408 -0.0167 0.0111  -0.0051 23  VAL AAA N   
243 C CA  . VAL A 25 ? 0.1280 0.1697 0.1482 -0.0316 0.0099  0.0056  23  VAL AAA CA  
244 C C   . VAL A 25 ? 0.1239 0.1689 0.1382 -0.0201 0.0216  -0.0018 23  VAL AAA C   
245 O O   . VAL A 25 ? 0.1367 0.2221 0.1311 -0.0362 0.0185  -0.0204 23  VAL AAA O   
246 C CB  . VAL A 25 ? 0.1596 0.1543 0.1461 -0.0281 0.0020  -0.0097 23  VAL AAA CB  
247 C CG1 . VAL A 25 ? 0.1906 0.1765 0.1669 -0.0327 -0.0007 0.0022  23  VAL AAA CG1 
248 C CG2 . VAL A 25 ? 0.1746 0.1577 0.1678 -0.0219 0.0079  -0.0091 23  VAL AAA CG2 
249 N N   . THR A 26 ? 0.1365 0.1886 0.1459 -0.0240 0.0185  -0.0137 24  THR AAA N   
250 C CA  . THR A 26 ? 0.1563 0.1922 0.1315 -0.0245 0.0352  -0.0201 24  THR AAA CA  
251 C C   . THR A 26 ? 0.1692 0.1970 0.1278 -0.0301 0.0208  0.0046  24  THR AAA C   
252 O O   . THR A 26 ? 0.1738 0.2083 0.1779 -0.0395 0.0258  0.0151  24  THR AAA O   
253 C CB  . THR A 26 ? 0.1802 0.2518 0.1330 -0.0095 0.0363  -0.0153 24  THR AAA CB  
254 O OG1 . THR A 26 ? 0.1814 0.2594 0.1642 0.0056  0.0404  -0.0430 24  THR AAA OG1 
255 C CG2 . THR A 26 ? 0.1882 0.2897 0.1551 -0.0034 0.0442  -0.0319 24  THR AAA CG2 
256 N N   . VAL A 27 ? 0.1586 0.1823 0.1271 -0.0226 0.0206  -0.0039 25  VAL AAA N   
257 C CA  . VAL A 27 ? 0.1848 0.1746 0.1346 -0.0201 0.0135  -0.0001 25  VAL AAA CA  
258 C C   . VAL A 27 ? 0.2142 0.1997 0.1051 -0.0145 0.0152  -0.0053 25  VAL AAA C   
259 O O   . VAL A 27 ? 0.2114 0.1857 0.1269 -0.0161 0.0051  -0.0085 25  VAL AAA O   
260 C CB  . VAL A 27 ? 0.1944 0.1719 0.1237 -0.0016 0.0111  -0.0075 25  VAL AAA CB  
261 C CG1 . VAL A 27 ? 0.1881 0.1881 0.1348 -0.0078 0.0146  -0.0127 25  VAL AAA CG1 
262 C CG2 . VAL A 27 ? 0.1659 0.1773 0.1179 -0.0012 0.0075  0.0074  25  VAL AAA CG2 
263 N N   . LYS A 28 ? 0.2298 0.1842 0.1129 -0.0157 -0.0032 0.0070  26  LYS AAA N   
264 C CA  . LYS A 28 ? 0.2610 0.2262 0.0868 -0.0218 -0.0035 -0.0040 26  LYS AAA CA  
265 C C   . LYS A 28 ? 0.2450 0.1969 0.1081 -0.0064 -0.0155 0.0076  26  LYS AAA C   
266 O O   . LYS A 28 ? 0.2524 0.1764 0.1112 -0.0136 -0.0125 -0.0050 26  LYS AAA O   
267 C CB  . LYS A 28 ? 0.3103 0.2694 0.1152 -0.0161 0.0124  0.0078  26  LYS AAA CB  
268 C CG  . LYS A 28 ? 0.3499 0.3418 0.1953 -0.0001 0.0939  0.0230  26  LYS AAA CG  
269 C CD  . LYS A 28 ? 0.3986 0.3553 0.4361 0.0573  0.0711  -0.0632 26  LYS AAA CD  
270 C CE  . LYS A 28 ? 0.7822 0.5849 0.4839 -0.0092 0.0569  -0.0842 26  LYS AAA CE  
271 N NZ  . LYS A 28 ? 0.9901 0.6009 0.6350 0.0741  0.0929  -0.0974 26  LYS AAA NZ  
272 N N   . LYS A 29 ? 0.2659 0.1992 0.1070 -0.0120 -0.0323 -0.0231 27  LYS AAA N   
273 C CA  . LYS A 29 ? 0.2414 0.1944 0.1182 0.0011  -0.0471 -0.0147 27  LYS AAA CA  
274 C C   . LYS A 29 ? 0.2743 0.2096 0.1141 -0.0068 -0.0482 -0.0092 27  LYS AAA C   
275 O O   . LYS A 29 ? 0.3242 0.2317 0.1022 0.0102  -0.0270 0.0048  27  LYS AAA O   
276 C CB  . LYS A 29 ? 0.2894 0.1973 0.1243 -0.0079 -0.0277 -0.0426 27  LYS AAA CB  
277 C CG  . LYS A 29 ? 0.2829 0.2265 0.1487 0.0019  -0.0788 -0.0409 27  LYS AAA CG  
278 C CD  . LYS A 29 ? 0.9527 0.5245 0.0899 -0.1987 -0.0780 -0.1752 27  LYS AAA CD  
279 C CE  . LYS A 29 ? 0.0446 0.9344 0.6870 0.0988  0.1092  0.1336  27  LYS AAA CE  
280 N NZ  . LYS A 29 ? 0.9482 0.6240 0.2628 -0.0941 -0.1231 -0.2094 27  LYS AAA NZ  
281 N N   . GLY A 30 ? 0.2630 0.1928 0.1072 -0.0001 -0.0458 -0.0093 28  GLY AAA N   
282 C CA  . GLY A 30 ? 0.2857 0.2015 0.1297 0.0035  -0.0520 -0.0023 28  GLY AAA CA  
283 C C   . GLY A 30 ? 0.2867 0.1829 0.1244 -0.0030 -0.0416 0.0147  28  GLY AAA C   
284 O O   . GLY A 30 ? 0.3227 0.1809 0.1564 -0.0028 -0.0386 0.0229  28  GLY AAA O   
285 N N   . ASP A 31 ? 0.2774 0.1763 0.1173 -0.0113 -0.0244 0.0011  29  ASP AAA N   
286 C CA  . ASP A 31 ? 0.2780 0.1658 0.1192 -0.0278 -0.0091 0.0046  29  ASP AAA CA  
287 C C   . ASP A 31 ? 0.2483 0.1476 0.1231 -0.0165 -0.0152 0.0100  29  ASP AAA C   
288 O O   . ASP A 31 ? 0.2338 0.1520 0.1302 -0.0228 -0.0193 -0.0013 29  ASP AAA O   
289 C CB  . ASP A 31 ? 0.2372 0.1850 0.1328 -0.0334 -0.0022 -0.0012 29  ASP AAA CB  
290 C CG  . ASP A 31 ? 0.3127 0.1961 0.1322 -0.0159 0.0138  0.0062  29  ASP AAA CG  
291 O OD1 . ASP A 31 ? 0.3403 0.2704 0.1493 -0.0120 0.0302  0.0177  29  ASP AAA OD1 
292 O OD2 . ASP A 31 ? 0.2564 0.2220 0.1696 -0.0259 0.0331  -0.0106 29  ASP AAA OD2 
293 N N   . ILE A 32 ? 0.2374 0.1670 0.1215 -0.0276 -0.0124 0.0179  30  ILE AAA N   
294 C CA  . ILE A 32 ? 0.2214 0.1551 0.1044 -0.0203 -0.0244 0.0080  30  ILE AAA CA  
295 C C   . ILE A 32 ? 0.1972 0.1505 0.1292 -0.0296 -0.0228 0.0113  30  ILE AAA C   
296 O O   . ILE A 32 ? 0.2179 0.1986 0.1614 -0.0452 -0.0188 0.0384  30  ILE AAA O   
297 C CB  . ILE A 32 ? 0.2402 0.1639 0.1429 -0.0137 -0.0409 0.0154  30  ILE AAA CB  
298 C CG1 . ILE A 32 ? 0.2542 0.1810 0.1337 -0.0009 -0.0471 0.0113  30  ILE AAA CG1 
299 C CG2 . ILE A 32 ? 0.2741 0.1621 0.1558 0.0082  -0.0672 -0.0039 30  ILE AAA CG2 
300 C CD1 . ILE A 32 ? 0.2608 0.2056 0.1466 -0.0198 -0.0405 0.0260  30  ILE AAA CD1 
301 N N   . LEU A 33 ? 0.1837 0.1474 0.1108 -0.0230 -0.0213 0.0029  31  LEU AAA N   
302 C CA  . LEU A 33 ? 0.1660 0.1440 0.1160 -0.0251 -0.0207 -0.0081 31  LEU AAA CA  
303 C C   . LEU A 33 ? 0.1609 0.1303 0.1178 -0.0204 -0.0266 -0.0020 31  LEU AAA C   
304 O O   . LEU A 33 ? 0.1625 0.1515 0.1350 -0.0138 -0.0346 -0.0162 31  LEU AAA O   
305 C CB  . LEU A 33 ? 0.1598 0.1456 0.1086 -0.0189 -0.0142 -0.0014 31  LEU AAA CB  
306 C CG  . LEU A 33 ? 0.1576 0.1500 0.1114 -0.0253 -0.0124 -0.0056 31  LEU AAA CG  
307 C CD1 . LEU A 33 ? 0.1599 0.1467 0.1175 -0.0284 -0.0110 -0.0119 31  LEU AAA CD1 
308 C CD2 . LEU A 33 ? 0.1806 0.1557 0.1306 -0.0152 0.0032  -0.0036 31  LEU AAA CD2 
309 N N   . THR A 34 ? 0.1520 0.1371 0.1199 -0.0176 -0.0143 -0.0064 32  THR AAA N   
310 C CA  . THR A 34 ? 0.1571 0.1249 0.1240 -0.0166 -0.0259 -0.0089 32  THR AAA CA  
311 C C   . THR A 34 ? 0.1506 0.1195 0.1229 -0.0162 -0.0249 -0.0037 32  THR AAA C   
312 O O   . THR A 34 ? 0.1464 0.1351 0.1405 -0.0058 0.0002  0.0086  32  THR AAA O   
313 C CB  . THR A 34 ? 0.1880 0.1228 0.1362 -0.0328 -0.0248 -0.0021 32  THR AAA CB  
314 O OG1 . THR A 34 ? 0.2246 0.1397 0.1787 -0.0305 -0.0159 0.0197  32  THR AAA OG1 
315 C CG2 . THR A 34 ? 0.2030 0.1342 0.1728 -0.0333 -0.0275 -0.0319 32  THR AAA CG2 
316 N N   . LEU A 35 ? 0.1419 0.1253 0.1178 -0.0107 -0.0187 -0.0091 33  LEU AAA N   
317 C CA  . LEU A 35 ? 0.1416 0.1176 0.1138 -0.0086 -0.0167 -0.0118 33  LEU AAA CA  
318 C C   . LEU A 35 ? 0.1491 0.1180 0.1189 -0.0109 -0.0187 -0.0149 33  LEU AAA C   
319 O O   . LEU A 35 ? 0.1831 0.1326 0.1333 -0.0065 -0.0292 -0.0248 33  LEU AAA O   
320 C CB  . LEU A 35 ? 0.1331 0.1405 0.1264 -0.0015 -0.0210 -0.0155 33  LEU AAA CB  
321 C CG  . LEU A 35 ? 0.1435 0.1567 0.1248 -0.0114 -0.0098 -0.0151 33  LEU AAA CG  
322 C CD1 . LEU A 35 ? 0.1441 0.1480 0.1199 -0.0224 -0.0038 -0.0059 33  LEU AAA CD1 
323 C CD2 . LEU A 35 ? 0.1622 0.1744 0.1494 -0.0035 0.0046  -0.0139 33  LEU AAA CD2 
324 N N   . LEU A 36 ? 0.1221 0.1246 0.1133 -0.0148 -0.0169 -0.0131 34  LEU AAA N   
325 C CA  . LEU A 36 ? 0.1394 0.1309 0.1097 -0.0229 -0.0196 -0.0167 34  LEU AAA CA  
326 C C   . LEU A 36 ? 0.1423 0.1357 0.1060 -0.0239 -0.0126 -0.0172 34  LEU AAA C   
327 O O   . LEU A 36 ? 0.1724 0.1436 0.1191 -0.0298 -0.0082 -0.0310 34  LEU AAA O   
328 C CB  . LEU A 36 ? 0.1383 0.1417 0.1130 -0.0295 -0.0141 -0.0069 34  LEU AAA CB  
329 C CG  . LEU A 36 ? 0.1415 0.1610 0.1345 -0.0409 -0.0191 0.0023  34  LEU AAA CG  
330 C CD1 . LEU A 36 ? 0.1429 0.2129 0.1771 -0.0531 -0.0048 0.0228  34  LEU AAA CD1 
331 C CD2 . LEU A 36 ? 0.1990 0.1840 0.1870 -0.0662 -0.0111 0.0087  34  LEU AAA CD2 
332 N N   . ASN A 37 ? 0.1434 0.1343 0.1023 -0.0249 0.0019  -0.0164 35  ASN AAA N   
333 C CA  . ASN A 37 ? 0.1539 0.1463 0.0977 -0.0210 0.0144  -0.0189 35  ASN AAA CA  
334 C C   . ASN A 37 ? 0.1412 0.1350 0.1018 -0.0191 0.0043  -0.0171 35  ASN AAA C   
335 O O   . ASN A 37 ? 0.1537 0.1404 0.1189 -0.0205 0.0239  -0.0203 35  ASN AAA O   
336 C CB  . ASN A 37 ? 0.1572 0.1706 0.1102 -0.0198 0.0050  -0.0084 35  ASN AAA CB  
337 C CG  . ASN A 37 ? 0.1616 0.1928 0.1085 -0.0355 -0.0008 -0.0178 35  ASN AAA CG  
338 O OD1 . ASN A 37 ? 0.1838 0.1945 0.1447 -0.0349 0.0146  0.0184  35  ASN AAA OD1 
339 N ND2 . ASN A 37 ? 0.2193 0.2644 0.1163 -0.0920 0.0280  -0.0321 35  ASN AAA ND2 
340 N N   . SER A 38 ? 0.1446 0.1445 0.1099 -0.0269 0.0147  -0.0282 36  SER AAA N   
341 C CA  . SER A 38 ? 0.1361 0.1496 0.1182 -0.0285 0.0107  -0.0328 36  SER AAA CA  
342 C C   . SER A 38 ? 0.1583 0.1569 0.1208 -0.0347 0.0167  -0.0334 36  SER AAA C   
343 O O   . SER A 38 ? 0.1842 0.1944 0.1303 -0.0710 0.0098  -0.0203 36  SER AAA O   
344 C CB  . SER A 38 ? 0.1419 0.1716 0.1616 -0.0292 0.0020  -0.0288 36  SER AAA CB  
345 O OG  . SER A 38 ? 0.1539 0.1832 0.2268 -0.0155 0.0224  -0.0509 36  SER AAA OG  
346 N N   . THR A 39 ? 0.1706 0.1422 0.1122 -0.0396 0.0153  -0.0300 37  THR AAA N   
347 C CA  . THR A 39 ? 0.1917 0.1532 0.1021 -0.0311 0.0259  -0.0314 37  THR AAA CA  
348 C C   . THR A 39 ? 0.2034 0.1396 0.1150 -0.0404 0.0224  -0.0369 37  THR AAA C   
349 O O   . THR A 39 ? 0.2259 0.1587 0.1115 -0.0629 0.0265  -0.0355 37  THR AAA O   
350 C CB  . THR A 39 ? 0.2098 0.1347 0.1165 -0.0509 0.0241  -0.0386 37  THR AAA CB  
351 O OG1 . THR A 39 ? 0.2075 0.1624 0.1211 -0.0436 0.0049  -0.0066 37  THR AAA OG1 
352 C CG2 . THR A 39 ? 0.2389 0.1495 0.1055 -0.0554 0.0229  -0.0344 37  THR AAA CG2 
353 N N   . ASN A 40 ? 0.2146 0.1362 0.1201 -0.0309 0.0235  -0.0218 38  ASN AAA N   
354 C CA  . ASN A 40 ? 0.2157 0.1529 0.1154 -0.0318 0.0246  -0.0154 38  ASN AAA CA  
355 C C   . ASN A 40 ? 0.2016 0.1374 0.1150 -0.0320 0.0204  -0.0228 38  ASN AAA C   
356 O O   . ASN A 40 ? 0.2173 0.1543 0.1374 -0.0461 0.0114  -0.0148 38  ASN AAA O   
357 C CB  . ASN A 40 ? 0.2228 0.1673 0.1199 -0.0216 0.0014  -0.0088 38  ASN AAA CB  
358 C CG  . ASN A 40 ? 0.2428 0.1557 0.1276 -0.0128 0.0004  -0.0024 38  ASN AAA CG  
359 O OD1 . ASN A 40 ? 0.2936 0.1536 0.2378 -0.0368 -0.0651 -0.0150 38  ASN AAA OD1 
360 N ND2 . ASN A 40 ? 0.3039 0.2595 0.2046 0.0384  -0.0104 -0.0476 38  ASN AAA ND2 
361 N N   . LYS A 41 ? 0.2028 0.2132 0.1300 -0.0549 0.0260  -0.0190 39  LYS AAA N   
362 C CA  . LYS A 41 ? 0.1919 0.2408 0.1543 -0.0527 0.0277  -0.0197 39  LYS AAA CA  
363 C C   . LYS A 41 ? 0.1831 0.2177 0.1522 -0.0602 0.0051  -0.0075 39  LYS AAA C   
364 O O   . LYS A 41 ? 0.2099 0.2334 0.1537 -0.0436 0.0133  -0.0150 39  LYS AAA O   
365 C CB  . LYS A 41 ? 0.2251 0.3270 0.1859 -0.0834 0.0363  -0.0262 39  LYS AAA CB  
366 C CG  . LYS A 41 ? 0.3000 0.3303 0.2637 -0.0878 0.0913  -0.0046 39  LYS AAA CG  
367 C CD  . LYS A 41 ? 0.3943 0.4021 0.3385 -0.1681 0.1377  0.0293  39  LYS AAA CD  
368 C CE  . LYS A 41 ? 0.4625 0.4393 0.3223 -0.1477 0.0748  0.0108  39  LYS AAA CE  
369 N NZ  . LYS A 41 ? 0.5100 0.5385 0.4595 -0.0657 0.1242  -0.0862 39  LYS AAA NZ  
370 N N   A ASP A 42 ? 0.2012 0.1786 0.1632 -0.0585 0.0162  -0.0047 40  ASP AAA N   
371 N N   B ASP A 42 ? 0.2161 0.1477 0.0791 -0.0841 0.0064  -0.0908 40  ASP AAA N   
372 C CA  A ASP A 42 ? 0.1892 0.1738 0.1630 -0.0579 0.0239  -0.0100 40  ASP AAA CA  
373 C CA  B ASP A 42 ? 0.3049 0.1293 0.0638 -0.0822 0.0533  -0.0843 40  ASP AAA CA  
374 C C   A ASP A 42 ? 0.1551 0.1256 0.1582 -0.0427 0.0074  -0.0067 40  ASP AAA C   
375 C C   B ASP A 42 ? 0.2299 0.1184 0.0857 -0.0297 0.0326  -0.0592 40  ASP AAA C   
376 O O   A ASP A 42 ? 0.1551 0.1434 0.1505 -0.0308 0.0129  0.0039  40  ASP AAA O   
377 O O   B ASP A 42 ? 0.2459 0.1191 0.0940 -0.0367 -0.0026 -0.0961 40  ASP AAA O   
378 C CB  A ASP A 42 ? 0.3089 0.1399 0.1673 -0.0723 0.0515  -0.0030 40  ASP AAA CB  
379 C CB  B ASP A 42 ? 0.3514 0.0962 0.0914 -0.1251 0.0485  -0.0501 40  ASP AAA CB  
380 C CG  A ASP A 42 ? 0.4083 0.1130 0.2357 -0.1685 0.0060  -0.0671 40  ASP AAA CG  
381 C CG  B ASP A 42 ? 0.3979 0.1892 0.1439 -0.0686 0.0409  -0.1092 40  ASP AAA CG  
382 O OD1 A ASP A 42 ? 0.3484 0.2263 0.3933 -0.0598 0.1310  0.0016  40  ASP AAA OD1 
383 O OD1 B ASP A 42 ? 0.4396 0.3248 0.2686 -0.0342 -0.0213 0.0247  40  ASP AAA OD1 
384 O OD2 A ASP A 42 ? 0.7028 0.5831 0.1811 -0.0253 -0.1547 -0.0382 40  ASP AAA OD2 
385 O OD2 B ASP A 42 ? 0.4356 0.3633 0.3311 -0.0092 -0.0416 0.0107  40  ASP AAA OD2 
386 N N   . TRP A 43 ? 0.1744 0.1541 0.1195 -0.0452 0.0183  -0.0079 41  TRP AAA N   
387 C CA  . TRP A 43 ? 0.1558 0.1319 0.1233 -0.0264 -0.0020 -0.0077 41  TRP AAA CA  
388 C C   . TRP A 43 ? 0.1416 0.1391 0.1042 -0.0162 0.0071  -0.0128 41  TRP AAA C   
389 O O   . TRP A 43 ? 0.1813 0.1474 0.1073 -0.0175 0.0074  -0.0069 41  TRP AAA O   
390 C CB  . TRP A 43 ? 0.1761 0.1523 0.1606 -0.0155 -0.0142 -0.0129 41  TRP AAA CB  
391 C CG  . TRP A 43 ? 0.1815 0.1373 0.1821 -0.0067 -0.0142 -0.0009 41  TRP AAA CG  
392 C CD1 . TRP A 43 ? 0.2154 0.1486 0.2031 -0.0074 0.0008  0.0051  41  TRP AAA CD1 
393 C CD2 . TRP A 43 ? 0.1676 0.1269 0.1835 -0.0181 -0.0233 -0.0090 41  TRP AAA CD2 
394 N NE1 . TRP A 43 ? 0.2109 0.1454 0.2398 -0.0128 -0.0051 0.0176  41  TRP AAA NE1 
395 C CE2 . TRP A 43 ? 0.1875 0.1467 0.2028 0.0067  -0.0151 -0.0224 41  TRP AAA CE2 
396 C CE3 . TRP A 43 ? 0.1580 0.1598 0.1752 -0.0094 -0.0313 -0.0241 41  TRP AAA CE3 
397 C CZ2 . TRP A 43 ? 0.2206 0.1690 0.2334 0.0115  -0.0142 -0.0322 41  TRP AAA CZ2 
398 C CZ3 . TRP A 43 ? 0.1661 0.2103 0.1756 -0.0266 -0.0194 -0.0041 41  TRP AAA CZ3 
399 C CH2 . TRP A 43 ? 0.1767 0.2213 0.2050 -0.0002 -0.0066 -0.0434 41  TRP AAA CH2 
400 N N   . TRP A 44 ? 0.1292 0.1227 0.1000 -0.0211 0.0077  -0.0165 42  TRP AAA N   
401 C CA  . TRP A 44 ? 0.1226 0.1220 0.1013 -0.0189 0.0050  -0.0186 42  TRP AAA CA  
402 C C   . TRP A 44 ? 0.1216 0.1247 0.1017 -0.0153 -0.0021 -0.0130 42  TRP AAA C   
403 O O   . TRP A 44 ? 0.1194 0.1399 0.1077 -0.0194 0.0015  -0.0196 42  TRP AAA O   
404 C CB  . TRP A 44 ? 0.1223 0.1275 0.1123 -0.0200 0.0039  -0.0203 42  TRP AAA CB  
405 C CG  . TRP A 44 ? 0.1183 0.1297 0.1250 -0.0179 0.0061  -0.0222 42  TRP AAA CG  
406 C CD1 . TRP A 44 ? 0.1256 0.1390 0.1154 -0.0287 0.0063  -0.0244 42  TRP AAA CD1 
407 C CD2 . TRP A 44 ? 0.1182 0.1499 0.1409 -0.0120 0.0030  -0.0202 42  TRP AAA CD2 
408 N NE1 . TRP A 44 ? 0.1292 0.1583 0.1355 -0.0351 0.0231  -0.0269 42  TRP AAA NE1 
409 C CE2 . TRP A 44 ? 0.1313 0.1529 0.1558 -0.0192 0.0174  -0.0208 42  TRP AAA CE2 
410 C CE3 . TRP A 44 ? 0.1298 0.1577 0.1715 -0.0010 -0.0018 -0.0039 42  TRP AAA CE3 
411 C CZ2 . TRP A 44 ? 0.1135 0.2022 0.1964 -0.0094 0.0188  -0.0177 42  TRP AAA CZ2 
412 C CZ3 . TRP A 44 ? 0.1383 0.1982 0.1985 0.0056  -0.0095 0.0065  42  TRP AAA CZ3 
413 C CH2 . TRP A 44 ? 0.1212 0.2078 0.2420 -0.0075 0.0038  0.0099  42  TRP AAA CH2 
414 N N   . LYS A 45 ? 0.1205 0.1237 0.1028 -0.0205 0.0056  -0.0152 43  LYS AAA N   
415 C CA  . LYS A 45 ? 0.1179 0.1237 0.1114 -0.0166 -0.0011 -0.0074 43  LYS AAA CA  
416 C C   . LYS A 45 ? 0.1159 0.1238 0.1023 -0.0263 -0.0042 -0.0108 43  LYS AAA C   
417 O O   . LYS A 45 ? 0.1218 0.1243 0.1159 -0.0134 0.0009  -0.0099 43  LYS AAA O   
418 C CB  . LYS A 45 ? 0.1410 0.1321 0.1199 -0.0330 -0.0228 0.0004  43  LYS AAA CB  
419 C CG  . LYS A 45 ? 0.1493 0.2146 0.1551 -0.0539 -0.0368 0.0358  43  LYS AAA CG  
420 C CD  . LYS A 45 ? 0.1927 0.2520 0.2003 -0.0700 -0.0588 0.0411  43  LYS AAA CD  
421 C CE  . LYS A 45 ? 0.2203 0.2894 0.3733 -0.1040 0.1133  0.0566  43  LYS AAA CE  
422 N NZ  . LYS A 45 ? 0.4794 0.4352 0.2763 -0.1444 0.0301  -0.0796 43  LYS AAA NZ  
423 N N   . VAL A 46 ? 0.1068 0.1255 0.1097 -0.0146 -0.0031 -0.0025 44  VAL AAA N   
424 C CA  . VAL A 46 ? 0.1082 0.1355 0.1153 -0.0172 -0.0041 0.0026  44  VAL AAA CA  
425 C C   . VAL A 46 ? 0.1207 0.1353 0.1220 -0.0124 0.0065  0.0014  44  VAL AAA C   
426 O O   . VAL A 46 ? 0.1146 0.1422 0.1502 -0.0196 0.0062  0.0121  44  VAL AAA O   
427 C CB  . VAL A 46 ? 0.1336 0.1398 0.1216 -0.0070 -0.0122 -0.0023 44  VAL AAA CB  
428 C CG1 . VAL A 46 ? 0.1375 0.1447 0.1329 -0.0301 -0.0310 0.0112  44  VAL AAA CG1 
429 C CG2 . VAL A 46 ? 0.1647 0.1614 0.1198 -0.0052 -0.0136 -0.0108 44  VAL AAA CG2 
430 N N   . GLU A 47 ? 0.1254 0.1458 0.1518 -0.0201 0.0110  0.0136  45  GLU AAA N   
431 C CA  . GLU A 47 ? 0.1362 0.1533 0.1464 -0.0348 -0.0006 0.0163  45  GLU AAA CA  
432 C C   . GLU A 47 ? 0.1479 0.1485 0.1656 -0.0320 0.0022  0.0184  45  GLU AAA C   
433 O O   . GLU A 47 ? 0.1610 0.1772 0.1559 -0.0142 0.0025  0.0242  45  GLU AAA O   
434 C CB  . GLU A 47 ? 0.1588 0.1642 0.1830 -0.0381 -0.0083 0.0052  45  GLU AAA CB  
435 C CG  . GLU A 47 ? 0.2134 0.1673 0.2193 -0.0676 -0.0192 0.0121  45  GLU AAA CG  
436 C CD  . GLU A 47 ? 0.2608 0.1846 0.3626 -0.0574 -0.0599 -0.0159 45  GLU AAA CD  
437 O OE1 . GLU A 47 ? 0.3651 0.2517 0.4273 -0.0153 -0.0472 -0.0425 45  GLU AAA OE1 
438 O OE2 . GLU A 47 ? 0.3118 0.2730 0.3892 -0.0349 -0.0633 -0.0739 45  GLU AAA OE2 
439 N N   . PHE A 48 ? 0.1484 0.1714 0.1522 -0.0271 0.0129  0.0184  46  PHE AAA N   
440 C CA  . PHE A 48 ? 0.1825 0.1776 0.1559 -0.0427 0.0073  0.0289  46  PHE AAA CA  
441 C C   . PHE A 48 ? 0.2262 0.1865 0.1613 -0.0692 0.0113  0.0316  46  PHE AAA C   
442 O O   . PHE A 48 ? 0.1697 0.2469 0.1954 -0.0425 0.0348  0.0225  46  PHE AAA O   
443 C CB  . PHE A 48 ? 0.1831 0.2114 0.1625 -0.0475 0.0257  0.0237  46  PHE AAA CB  
444 C CG  . PHE A 48 ? 0.2082 0.2260 0.1568 -0.0573 0.0237  0.0111  46  PHE AAA CG  
445 C CD1 . PHE A 48 ? 0.2231 0.2444 0.1665 -0.0423 0.0073  0.0446  46  PHE AAA CD1 
446 C CD2 . PHE A 48 ? 0.2614 0.2654 0.1642 -0.0139 -0.0009 0.0011  46  PHE AAA CD2 
447 C CE1 . PHE A 48 ? 0.2554 0.2941 0.1695 -0.0332 0.0034  0.0603  46  PHE AAA CE1 
448 C CE2 . PHE A 48 ? 0.3257 0.3183 0.2040 -0.0292 -0.0016 -0.0372 46  PHE AAA CE2 
449 C CZ  . PHE A 48 ? 0.3331 0.3507 0.1482 -0.0441 -0.0076 0.0241  46  PHE AAA CZ  
450 N N   . ASN A 49 ? 0.2598 0.2495 0.2337 -0.0981 0.0000  0.0827  47  ASN AAA N   
451 C CA  . ASN A 49 ? 0.2254 0.3480 0.2856 -0.1455 0.0054  0.0526  47  ASN AAA CA  
452 C C   . ASN A 49 ? 0.2582 0.2335 0.2643 -0.0784 0.0569  0.0330  47  ASN AAA C   
453 O O   . ASN A 49 ? 0.2531 0.3076 0.2913 -0.0909 0.0646  0.0155  47  ASN AAA O   
454 C CB  . ASN A 49 ? 0.2511 0.4708 0.2601 -0.1489 0.0742  0.0940  47  ASN AAA CB  
455 C CG  . ASN A 49 ? 0.3439 0.4637 0.2734 -0.0869 0.0345  0.0731  47  ASN AAA CG  
456 O OD1 . ASN A 49 ? 0.3853 0.5337 0.3620 -0.0359 0.0077  0.1929  47  ASN AAA OD1 
457 N ND2 . ASN A 49 ? 0.4420 0.5542 0.3128 -0.1502 0.0260  -0.0029 47  ASN AAA ND2 
458 N N   . ASP A 50 ? 0.3508 0.2022 0.2191 -0.1172 0.0198  -0.0081 48  ASP AAA N   
459 C CA  . ASP A 50 ? 0.3130 0.2164 0.2766 -0.0649 0.0240  -0.0402 48  ASP AAA CA  
460 C C   . ASP A 50 ? 0.1724 0.2453 0.1893 -0.0537 0.0490  -0.0290 48  ASP AAA C   
461 O O   . ASP A 50 ? 0.1716 0.2548 0.3016 -0.0564 0.0051  -0.0226 48  ASP AAA O   
462 C CB  . ASP A 50 ? 0.3113 0.5038 0.4239 0.0187  -0.0207 -0.1260 48  ASP AAA CB  
463 C CG  . ASP A 50 ? 0.4003 0.5433 0.4675 0.0486  -0.0311 0.0617  48  ASP AAA CG  
464 O OD1 . ASP A 50 ? 0.5316 0.4607 0.5786 0.1332  -0.0080 -0.0221 48  ASP AAA OD1 
465 O OD2 . ASP A 50 ? 0.5217 0.3981 0.6482 -0.1666 -0.0001 0.0786  48  ASP AAA OD2 
466 N N   A ARG A 51 ? 0.1237 0.2229 0.1984 -0.0496 0.0442  0.0093  49  ARG AAA N   
467 N N   B ARG A 51 ? 0.1148 0.2320 0.1812 -0.0397 0.0227  0.0058  49  ARG AAA N   
468 C CA  A ARG A 51 ? 0.1175 0.2073 0.2102 -0.0244 0.0281  0.0057  49  ARG AAA CA  
469 C CA  B ARG A 51 ? 0.0987 0.2233 0.2030 -0.0131 0.0112  0.0075  49  ARG AAA CA  
470 C C   A ARG A 51 ? 0.1092 0.1954 0.1814 -0.0194 0.0201  -0.0046 49  ARG AAA C   
471 C C   B ARG A 51 ? 0.0832 0.2032 0.1876 -0.0087 0.0085  -0.0040 49  ARG AAA C   
472 O O   A ARG A 51 ? 0.1310 0.1702 0.1988 -0.0337 0.0268  -0.0104 49  ARG AAA O   
473 O O   B ARG A 51 ? 0.0929 0.2004 0.1527 -0.0202 0.0096  0.0180  49  ARG AAA O   
474 C CB  A ARG A 51 ? 0.1550 0.2216 0.2004 -0.0261 0.0572  0.0170  49  ARG AAA CB  
475 C CB  B ARG A 51 ? 0.1643 0.2222 0.2055 -0.0036 0.0397  0.0126  49  ARG AAA CB  
476 C CG  A ARG A 51 ? 0.1726 0.2660 0.2554 -0.0801 0.0957  -0.0341 49  ARG AAA CG  
477 C CG  B ARG A 51 ? 0.1835 0.2964 0.2451 -0.0026 0.0480  -0.0364 49  ARG AAA CG  
478 C CD  A ARG A 51 ? 0.2428 0.2979 0.2553 -0.0650 0.0940  -0.0406 49  ARG AAA CD  
479 C CD  B ARG A 51 ? 0.1889 0.2644 0.2787 0.0020  0.0443  -0.0287 49  ARG AAA CD  
480 N NE  A ARG A 51 ? 0.2431 0.3333 0.1846 0.0104  -0.0039 -0.0173 49  ARG AAA NE  
481 N NE  B ARG A 51 ? 0.2819 0.2943 0.2938 -0.0171 -0.0188 -0.0236 49  ARG AAA NE  
482 C CZ  A ARG A 51 ? 0.2159 0.2857 0.2184 -0.0015 -0.0190 -0.0282 49  ARG AAA CZ  
483 C CZ  B ARG A 51 ? 0.2415 0.2796 0.2579 -0.0645 0.0435  -0.0277 49  ARG AAA CZ  
484 N NH1 A ARG A 51 ? 0.3021 0.3423 0.2107 -0.0562 0.0206  -0.0222 49  ARG AAA NH1 
485 N NH1 B ARG A 51 ? 0.1650 0.3050 0.3250 -0.0757 0.1277  -0.0452 49  ARG AAA NH1 
486 N NH2 A ARG A 51 ? 0.2913 0.2862 0.2344 0.0612  0.0752  0.0484  49  ARG AAA NH2 
487 N NH2 B ARG A 51 ? 0.4217 0.2932 0.3142 0.0196  -0.0384 -0.0136 49  ARG AAA NH2 
488 N N   . GLN A 52 ? 0.1016 0.1620 0.1844 -0.0346 0.0148  -0.0097 50  GLN AAA N   
489 C CA  . GLN A 52 ? 0.1094 0.1530 0.1566 -0.0356 0.0127  -0.0107 50  GLN AAA CA  
490 C C   . GLN A 52 ? 0.1075 0.1524 0.1501 -0.0286 0.0002  -0.0148 50  GLN AAA C   
491 O O   . GLN A 52 ? 0.1024 0.1590 0.2156 -0.0272 -0.0060 -0.0195 50  GLN AAA O   
492 C CB  . GLN A 52 ? 0.1424 0.1498 0.1818 -0.0450 -0.0011 -0.0212 50  GLN AAA CB  
493 C CG  . GLN A 52 ? 0.1523 0.1526 0.2111 -0.0517 0.0132  -0.0322 50  GLN AAA CG  
494 C CD  . GLN A 52 ? 0.2403 0.1837 0.2550 -0.0470 -0.0246 -0.0503 50  GLN AAA CD  
495 O OE1 . GLN A 52 ? 0.3678 0.2470 0.2491 -0.0214 -0.0327 -0.0643 50  GLN AAA OE1 
496 N NE2 . GLN A 52 ? 0.3663 0.2044 0.2883 -0.0191 0.0020  -0.0552 50  GLN AAA NE2 
497 N N   . GLY A 53 ? 0.1006 0.1382 0.1432 -0.0304 0.0033  -0.0110 51  GLY AAA N   
498 C CA  . GLY A 53 ? 0.1050 0.1363 0.1377 -0.0178 0.0042  -0.0070 51  GLY AAA CA  
499 C C   . GLY A 53 ? 0.0919 0.1361 0.1301 -0.0158 0.0005  -0.0065 51  GLY AAA C   
500 O O   . GLY A 53 ? 0.1090 0.1332 0.1668 -0.0164 0.0096  0.0035  51  GLY AAA O   
501 N N   . PHE A 54 ? 0.0992 0.1298 0.1360 -0.0197 -0.0025 -0.0176 52  PHE AAA N   
502 C CA  . PHE A 54 ? 0.1039 0.1296 0.1235 -0.0209 -0.0062 -0.0147 52  PHE AAA CA  
503 C C   . PHE A 54 ? 0.0955 0.1297 0.1218 -0.0179 0.0029  -0.0114 52  PHE AAA C   
504 O O   . PHE A 54 ? 0.1088 0.1432 0.1340 -0.0150 0.0038  -0.0186 52  PHE AAA O   
505 C CB  . PHE A 54 ? 0.1238 0.1383 0.1379 -0.0243 -0.0078 -0.0061 52  PHE AAA CB  
506 C CG  . PHE A 54 ? 0.1811 0.1469 0.1360 -0.0188 -0.0308 0.0192  52  PHE AAA CG  
507 C CD1 . PHE A 54 ? 0.2461 0.1505 0.1163 0.0000  -0.0009 0.0127  52  PHE AAA CD1 
508 C CD2 . PHE A 54 ? 0.2019 0.2218 0.1873 -0.0441 -0.0783 0.0054  52  PHE AAA CD2 
509 C CE1 . PHE A 54 ? 0.3174 0.1666 0.1390 -0.0001 0.0028  0.0137  52  PHE AAA CE1 
510 C CE2 . PHE A 54 ? 0.2803 0.2390 0.1897 -0.0603 -0.1073 0.0191  52  PHE AAA CE2 
511 C CZ  . PHE A 54 ? 0.3572 0.2134 0.1525 -0.0458 -0.0615 0.0043  52  PHE AAA CZ  
512 N N   . VAL A 55 ? 0.0990 0.1288 0.1112 -0.0211 -0.0029 -0.0175 53  VAL AAA N   
513 C CA  . VAL A 55 ? 0.1017 0.1313 0.1120 -0.0175 -0.0050 -0.0235 53  VAL AAA CA  
514 C C   . VAL A 55 ? 0.1074 0.1262 0.1094 -0.0229 -0.0070 -0.0214 53  VAL AAA C   
515 O O   . VAL A 55 ? 0.1136 0.1281 0.1153 -0.0252 -0.0014 -0.0212 53  VAL AAA O   
516 C CB  . VAL A 55 ? 0.1106 0.1435 0.1140 -0.0168 -0.0030 -0.0164 53  VAL AAA CB  
517 C CG1 . VAL A 55 ? 0.1329 0.1563 0.1248 -0.0163 -0.0108 -0.0075 53  VAL AAA CG1 
518 C CG2 . VAL A 55 ? 0.1321 0.1632 0.1316 -0.0234 0.0001  -0.0058 53  VAL AAA CG2 
519 N N   . PRO A 56 ? 0.1119 0.1252 0.1169 -0.0287 -0.0004 -0.0241 54  PRO AAA N   
520 C CA  . PRO A 56 ? 0.1169 0.1282 0.1229 -0.0299 -0.0096 -0.0224 54  PRO AAA CA  
521 C C   . PRO A 56 ? 0.1111 0.1353 0.1186 -0.0316 -0.0090 -0.0169 54  PRO AAA C   
522 O O   . PRO A 56 ? 0.1176 0.1363 0.1230 -0.0286 -0.0068 -0.0152 54  PRO AAA O   
523 C CB  . PRO A 56 ? 0.1283 0.1378 0.1499 -0.0273 -0.0109 -0.0249 54  PRO AAA CB  
524 C CG  . PRO A 56 ? 0.1415 0.1411 0.1534 -0.0293 -0.0055 -0.0331 54  PRO AAA CG  
525 C CD  . PRO A 56 ? 0.1397 0.1437 0.1316 -0.0261 0.0089  -0.0391 54  PRO AAA CD  
526 N N   . ALA A 57 ? 0.1240 0.1332 0.1169 -0.0296 -0.0066 -0.0120 55  ALA AAA N   
527 C CA  . ALA A 57 ? 0.1261 0.1258 0.1321 -0.0221 -0.0021 -0.0178 55  ALA AAA CA  
528 C C   . ALA A 57 ? 0.1168 0.1213 0.1428 -0.0252 0.0024  -0.0198 55  ALA AAA C   
529 O O   . ALA A 57 ? 0.1246 0.1366 0.1668 -0.0159 -0.0035 -0.0220 55  ALA AAA O   
530 C CB  . ALA A 57 ? 0.1407 0.1670 0.1363 -0.0238 0.0016  -0.0333 55  ALA AAA CB  
531 N N   . ALA A 58 ? 0.1129 0.1181 0.1561 -0.0320 -0.0112 -0.0185 56  ALA AAA N   
532 C CA  . ALA A 58 ? 0.1092 0.1371 0.1727 -0.0273 -0.0249 -0.0277 56  ALA AAA CA  
533 C C   . ALA A 58 ? 0.1280 0.1321 0.1549 -0.0225 -0.0222 -0.0203 56  ALA AAA C   
534 O O   . ALA A 58 ? 0.1299 0.1760 0.1880 -0.0302 -0.0481 -0.0163 56  ALA AAA O   
535 C CB  . ALA A 58 ? 0.1592 0.1476 0.1882 -0.0504 -0.0200 -0.0321 56  ALA AAA CB  
536 N N   . TYR A 59 ? 0.1225 0.1272 0.1432 -0.0249 -0.0227 -0.0186 57  TYR AAA N   
537 C CA  . TYR A 59 ? 0.1336 0.1384 0.1310 -0.0218 -0.0332 -0.0123 57  TYR AAA CA  
538 C C   . TYR A 59 ? 0.1317 0.1430 0.1403 -0.0134 -0.0323 -0.0170 57  TYR AAA C   
539 O O   . TYR A 59 ? 0.1647 0.1580 0.1413 -0.0021 -0.0303 0.0017  57  TYR AAA O   
540 C CB  . TYR A 59 ? 0.1486 0.1280 0.1193 -0.0213 -0.0215 -0.0149 57  TYR AAA CB  
541 C CG  . TYR A 59 ? 0.1333 0.1332 0.1285 -0.0194 -0.0273 -0.0140 57  TYR AAA CG  
542 C CD1 . TYR A 59 ? 0.1670 0.1382 0.1409 -0.0068 -0.0098 -0.0164 57  TYR AAA CD1 
543 C CD2 . TYR A 59 ? 0.1557 0.1493 0.1190 -0.0249 -0.0376 -0.0275 57  TYR AAA CD2 
544 C CE1 . TYR A 59 ? 0.1593 0.1433 0.1484 -0.0129 -0.0219 0.0002  57  TYR AAA CE1 
545 C CE2 . TYR A 59 ? 0.1722 0.1610 0.1248 -0.0207 -0.0275 -0.0360 57  TYR AAA CE2 
546 C CZ  . TYR A 59 ? 0.1427 0.1368 0.1415 -0.0243 -0.0310 -0.0377 57  TYR AAA CZ  
547 O OH  . TYR A 59 ? 0.1821 0.1453 0.1566 -0.0153 -0.0336 -0.0334 57  TYR AAA OH  
548 N N   . LEU A 60 ? 0.1276 0.1327 0.1487 -0.0188 -0.0279 -0.0136 58  LEU AAA N   
549 C CA  . LEU A 60 ? 0.1299 0.1314 0.1456 -0.0194 -0.0236 -0.0015 58  LEU AAA CA  
550 C C   . LEU A 60 ? 0.1240 0.1570 0.1670 -0.0209 -0.0360 -0.0010 58  LEU AAA C   
551 O O   . LEU A 60 ? 0.1395 0.1558 0.2197 -0.0048 -0.0111 0.0049  58  LEU AAA O   
552 C CB  . LEU A 60 ? 0.1270 0.1241 0.1469 -0.0118 -0.0190 -0.0114 58  LEU AAA CB  
553 C CG  . LEU A 60 ? 0.1282 0.1222 0.1496 -0.0193 -0.0165 -0.0161 58  LEU AAA CG  
554 C CD1 . LEU A 60 ? 0.1295 0.1277 0.1589 -0.0215 -0.0183 -0.0229 58  LEU AAA CD1 
555 C CD2 . LEU A 60 ? 0.1372 0.1828 0.1670 -0.0167 -0.0125 0.0024  58  LEU AAA CD2 
556 N N   . LYS A 61 ? 0.1315 0.1377 0.1739 -0.0058 -0.0234 -0.0076 59  LYS AAA N   
557 C CA  . LYS A 61 ? 0.1319 0.1510 0.1921 -0.0030 -0.0333 -0.0085 59  LYS AAA CA  
558 C C   . LYS A 61 ? 0.1292 0.1384 0.1653 0.0039  -0.0276 -0.0082 59  LYS AAA C   
559 O O   . LYS A 61 ? 0.1571 0.1461 0.1588 -0.0084 -0.0271 -0.0149 59  LYS AAA O   
560 C CB  . LYS A 61 ? 0.1672 0.1688 0.1901 0.0028  -0.0567 -0.0251 59  LYS AAA CB  
561 C CG  . LYS A 61 ? 0.1631 0.2012 0.1997 0.0008  -0.0610 -0.0181 59  LYS AAA CG  
562 C CD  . LYS A 61 ? 0.1817 0.1963 0.3170 -0.0263 -0.0055 -0.0201 59  LYS AAA CD  
563 C CE  . LYS A 61 ? 0.1813 0.2373 0.2974 -0.0248 -0.0431 -0.0199 59  LYS AAA CE  
564 N NZ  . LYS A 61 ? 0.2198 0.2978 0.2504 -0.0396 0.0109  -0.0049 59  LYS AAA NZ  
565 N N   . LYS A 62 ? 0.1384 0.1696 0.1730 -0.0212 -0.0247 -0.0082 60  LYS AAA N   
566 C CA  . LYS A 62 ? 0.1384 0.1760 0.1537 -0.0036 -0.0149 -0.0134 60  LYS AAA CA  
567 C C   . LYS A 62 ? 0.1328 0.1754 0.1748 0.0072  -0.0219 -0.0277 60  LYS AAA C   
568 O O   . LYS A 62 ? 0.1379 0.1868 0.2442 -0.0001 -0.0507 -0.0115 60  LYS AAA O   
569 C CB  . LYS A 62 ? 0.1958 0.2082 0.1640 -0.0034 -0.0097 -0.0120 60  LYS AAA CB  
570 C CG  . LYS A 62 ? 0.2280 0.2298 0.1603 0.0007  0.0069  -0.0181 60  LYS AAA CG  
571 C CD  . LYS A 62 ? 0.2624 0.3089 0.1478 -0.0082 -0.0111 -0.0169 60  LYS AAA CD  
572 C CE  . LYS A 62 ? 0.3702 0.4466 0.1632 0.0121  -0.0081 -0.0445 60  LYS AAA CE  
573 N NZ  . LYS A 62 ? 0.4376 0.6333 0.2561 -0.0243 0.0360  0.0397  60  LYS AAA NZ  
574 N N   . LEU A 63 ? 0.1600 0.1640 0.1720 -0.0025 -0.0498 -0.0207 61  LEU AAA N   
575 C CA  . LEU A 63 ? 0.1707 0.1598 0.1795 0.0134  -0.0697 -0.0319 61  LEU AAA CA  
576 C C   . LEU A 63 ? 0.2088 0.1734 0.2567 0.0340  -0.0585 -0.0467 61  LEU AAA C   
577 O O   . LEU A 63 ? 0.2738 0.2319 0.3253 0.0475  -0.0967 -0.0739 61  LEU AAA O   
578 C CB  . LEU A 63 ? 0.1765 0.1526 0.1729 -0.0024 -0.0613 -0.0203 61  LEU AAA CB  
579 C CG  . LEU A 63 ? 0.1873 0.1499 0.1508 0.0000  -0.0557 -0.0107 61  LEU AAA CG  
580 C CD1 . LEU A 63 ? 0.1819 0.1684 0.1627 -0.0096 -0.0475 0.0101  61  LEU AAA CD1 
581 C CD2 . LEU A 63 ? 0.1888 0.1784 0.1838 -0.0005 -0.0632 -0.0328 61  LEU AAA CD2 
582 N N   . ASP A 64 ? 0.3007 0.3781 0.3622 -0.0183 -0.1499 0.0080  62  ASP AAA N   
583 C CA  . ASP A 64 ? 0.2678 0.7608 0.6554 0.0544  0.2671  -0.0263 62  ASP AAA CA  
584 C C   . ASP A 64 ? 0.6729 0.8812 0.6758 -0.0023 0.0281  0.0137  62  ASP AAA C   
585 O O   . ASP A 64 ? 1.0567 1.1183 0.9670 -0.3302 -0.0511 -0.3151 62  ASP AAA O   
586 C CB  . ASP A 64 ? 0.2923 1.1563 1.0114 -0.0911 0.5114  -0.0768 62  ASP AAA CB  
587 C CG  . ASP A 64 ? 0.9094 0.8915 2.4562 -0.0231 0.1445  -0.6700 62  ASP AAA CG  
588 O OD1 . ASP A 64 ? 0.8846 0.9321 0.6653 0.2759  0.1046  -0.2093 62  ASP AAA OD1 
589 O OD2 . ASP A 64 ? 0.6169 0.8300 0.6991 -0.1625 0.3326  0.0342  62  ASP AAA OD2 
590 S S   . SO4 B .  ? 0.2578 0.2871 0.3290 -0.0170 0.0186  0.0058  101 SO4 AAA S   
591 O O1  . SO4 B .  ? 0.4015 0.2484 0.4311 -0.0169 -0.0460 -0.0041 101 SO4 AAA O1  
592 O O2  . SO4 B .  ? 0.5052 0.4752 0.3097 -0.0132 0.0777  0.0739  101 SO4 AAA O2  
593 O O3  . SO4 B .  ? 0.1580 0.2861 0.2868 -0.0150 -0.0596 0.0154  101 SO4 AAA O3  
594 O O4  . SO4 B .  ? 0.2607 0.3110 0.4773 -0.0808 -0.0503 -0.0017 101 SO4 AAA O4  
595 S S   . SO4 C .  ? 1.0279 0.3802 0.8419 -0.5263 0.3970  -0.3721 102 SO4 AAA S   
596 O O1  . SO4 C .  ? 1.6651 0.9435 0.5634 -0.0701 -0.3030 0.2755  102 SO4 AAA O1  
597 O O2  . SO4 C .  ? 0.9895 1.6215 1.3840 -0.3169 -0.7827 0.2695  102 SO4 AAA O2  
598 O O3  . SO4 C .  ? 0.7482 0.4081 0.9957 -0.1697 -0.0932 0.1176  102 SO4 AAA O3  
599 O O4  . SO4 C .  ? 0.5872 0.3555 0.6453 0.0232  0.1932  -0.0154 102 SO4 AAA O4  
600 O O   . HOH D .  ? 0.6550 0.1789 0.7451 0.1005  -0.0070 -0.1165 201 HOH AAA O   
601 O O   . HOH D .  ? 0.7059 0.6331 0.5540 0.1084  -0.0455 0.1602  202 HOH AAA O   
602 O O   . HOH D .  ? 0.4514 0.4218 0.9599 0.0226  -0.0214 -0.1391 203 HOH AAA O   
603 O O   . HOH D .  ? 0.3135 0.6935 0.4980 0.0347  0.0465  -0.0242 204 HOH AAA O   
604 O O   . HOH D .  ? 0.2551 0.2552 0.4186 -0.0327 -0.0953 -0.0174 205 HOH AAA O   
605 O O   . HOH D .  ? 0.5234 0.5308 0.4948 0.0522  -0.0667 0.1822  206 HOH AAA O   
606 O O   . HOH D .  ? 0.4817 0.5292 0.3721 -0.1976 0.1574  0.0311  207 HOH AAA O   
607 O O   . HOH D .  ? 0.2774 0.2484 0.4082 -0.0565 0.0365  0.0128  208 HOH AAA O   
608 O O   . HOH D .  ? 0.3418 0.3952 0.2939 0.1195  0.0362  0.1199  209 HOH AAA O   
609 O O   . HOH D .  ? 0.5989 0.5958 0.5313 -0.0485 0.0535  -0.0086 210 HOH AAA O   
610 O O   . HOH D .  ? 0.2746 0.2824 0.3520 0.0820  -0.0784 -0.0325 211 HOH AAA O   
611 O O   . HOH D .  ? 0.3884 0.6029 0.3117 0.1640  0.0339  0.1112  212 HOH AAA O   
612 O O   . HOH D .  ? 0.2839 0.2072 0.1929 -0.0606 -0.0479 -0.0262 213 HOH AAA O   
613 O O   . HOH D .  ? 0.4474 0.5729 0.4647 0.0654  -0.0416 -0.0027 214 HOH AAA O   
614 O O   . HOH D .  ? 0.1494 0.2405 0.4181 -0.0145 -0.0363 -0.0110 215 HOH AAA O   
615 O O   . HOH D .  ? 0.3559 0.3597 0.2605 -0.0064 0.0862  0.0091  216 HOH AAA O   
616 O O   . HOH D .  ? 0.3162 0.3537 0.2661 0.0206  0.0498  0.0125  217 HOH AAA O   
617 O O   . HOH D .  ? 0.3268 0.3877 0.5385 -0.0249 -0.1053 0.0834  218 HOH AAA O   
618 O O   . HOH D .  ? 0.3726 0.2970 0.5184 0.0432  -0.0997 -0.0529 219 HOH AAA O   
619 O O   . HOH D .  ? 0.3598 0.4868 0.5224 -0.1027 -0.0554 0.0151  220 HOH AAA O   
620 O O   . HOH D .  ? 0.3482 0.3261 0.3088 -0.0740 0.0104  0.1042  221 HOH AAA O   
621 O O   . HOH D .  ? 0.5294 0.4785 0.3421 -0.1472 0.0802  0.0263  222 HOH AAA O   
622 O O   . HOH D .  ? 0.4832 0.2348 0.3670 -0.0387 0.0227  -0.0289 223 HOH AAA O   
623 O O   . HOH D .  ? 0.2578 0.2107 0.1955 -0.0019 -0.0188 -0.0553 224 HOH AAA O   
624 O O   . HOH D .  ? 0.3378 0.2407 0.2955 -0.0537 -0.0018 -0.0611 225 HOH AAA O   
625 O O   . HOH D .  ? 0.6587 0.5826 0.5077 0.0300  0.1514  0.1179  226 HOH AAA O   
626 O O   . HOH D .  ? 0.5988 0.2816 0.2816 -0.1213 -0.0686 0.0676  227 HOH AAA O   
627 O O   . HOH D .  ? 0.5931 0.6178 0.6751 0.0458  0.0222  0.0105  228 HOH AAA O   
628 O O   . HOH D .  ? 0.3649 0.4538 0.3853 -0.1732 0.0363  -0.0179 229 HOH AAA O   
629 O O   . HOH D .  ? 0.2372 0.3144 0.3824 0.0426  -0.0555 -0.0799 230 HOH AAA O   
630 O O   . HOH D .  ? 0.2696 0.1702 0.1962 0.0040  -0.0547 -0.0322 231 HOH AAA O   
631 O O   . HOH D .  ? 0.2358 0.1802 0.1330 -0.0173 0.0169  -0.0241 232 HOH AAA O   
632 O O   . HOH D .  ? 0.3412 0.2367 0.2321 0.0295  -0.0580 -0.0315 233 HOH AAA O   
633 O O   . HOH D .  ? 0.3898 0.5236 0.5026 -0.1033 0.0964  -0.1223 234 HOH AAA O   
634 O O   . HOH D .  ? 0.3395 0.4126 0.2419 -0.0221 0.0349  -0.1235 235 HOH AAA O   
635 O O   . HOH D .  ? 0.4658 0.4161 0.3022 -0.0133 0.0570  0.0611  236 HOH AAA O   
636 O O   . HOH D .  ? 0.2186 0.3917 0.2157 -0.0080 -0.0335 -0.0369 237 HOH AAA O   
637 O O   . HOH D .  ? 0.4943 0.2456 0.3041 -0.0491 0.0192  -0.0241 238 HOH AAA O   
638 O O   . HOH D .  ? 0.2843 0.3418 0.2979 -0.0345 -0.0075 -0.0424 239 HOH AAA O   
639 O O   . HOH D .  ? 0.4991 0.4354 0.2095 0.0046  0.0087  0.0046  240 HOH AAA O   
640 O O   . HOH D .  ? 0.5440 0.4082 0.3799 -0.1297 -0.0434 -0.0063 241 HOH AAA O   
641 O O   . HOH D .  ? 0.5736 0.5525 0.3760 -0.2448 0.0191  0.0134  242 HOH AAA O   
642 O O   . HOH D .  ? 0.1835 0.2888 0.2768 0.0080  -0.0016 -0.0160 243 HOH AAA O   
643 O O   . HOH D .  ? 0.1792 0.1674 0.2224 -0.0462 -0.0239 -0.0148 244 HOH AAA O   
644 O O   . HOH D .  ? 0.2687 0.2363 0.2720 0.0012  -0.0595 -0.0555 245 HOH AAA O   
645 O O   . HOH D .  ? 0.3540 0.3337 0.3373 -0.0474 0.1330  -0.0631 246 HOH AAA O   
646 O O   . HOH D .  ? 0.4875 0.4074 0.2981 -0.0002 -0.0047 0.0308  247 HOH AAA O   
647 O O   . HOH D .  ? 0.3752 0.5464 0.4984 -0.1558 0.1476  -0.0985 248 HOH AAA O   
648 O O   . HOH D .  ? 0.6763 0.4889 0.6328 0.0302  -0.0944 0.0903  249 HOH AAA O   
649 O O   . HOH D .  ? 0.7852 0.7145 0.8163 0.2115  0.0379  -0.0351 250 HOH AAA O   
650 O O   . HOH D .  ? 0.2386 0.3090 0.3744 -0.0234 -0.0528 -0.0041 251 HOH AAA O   
651 O O   . HOH D .  ? 0.2455 0.2271 0.2373 -0.0222 -0.0430 -0.0519 252 HOH AAA O   
652 O O   . HOH D .  ? 0.7266 0.2425 0.4280 -0.0404 -0.1488 0.0342  253 HOH AAA O   
653 O O   . HOH D .  ? 0.3613 0.3028 0.2409 0.0547  -0.0928 -0.0248 254 HOH AAA O   
654 O O   . HOH D .  ? 0.5516 0.5230 0.3404 -0.1711 -0.0264 0.0017  255 HOH AAA O   
655 O O   . HOH D .  ? 0.4492 0.5813 0.3566 -0.1411 -0.1258 0.0725  256 HOH AAA O   
656 O O   . HOH D .  ? 0.5417 0.3990 0.8304 0.0224  -0.0813 -0.0982 257 HOH AAA O   
657 O O   . HOH D .  ? 0.3773 0.7774 0.3713 -0.0870 -0.0126 0.0666  258 HOH AAA O   
658 O O   . HOH D .  ? 0.4267 0.3589 0.3974 0.0097  0.0758  -0.0704 259 HOH AAA O   
659 O O   . HOH D .  ? 0.4440 0.2799 0.4801 0.0526  0.2148  0.0585  260 HOH AAA O   
660 O O   . HOH D .  ? 0.2687 0.3568 0.3795 -0.0206 0.1295  0.0286  261 HOH AAA O   
661 O O   . HOH D .  ? 0.3901 0.2882 0.2216 -0.0739 0.0166  0.0624  262 HOH AAA O   
662 O O   . HOH D .  ? 0.3108 0.3597 0.3395 -0.0242 -0.0605 -0.0272 263 HOH AAA O   
663 O O   . HOH D .  ? 0.2977 0.2895 0.3447 -0.1047 0.0152  -0.0296 264 HOH AAA O   
664 O O   . HOH D .  ? 0.3204 0.7476 0.5900 0.0098  0.0124  -0.1282 265 HOH AAA O   
665 O O   . HOH D .  ? 0.4633 0.4745 0.2982 -0.0061 -0.0026 -0.1107 266 HOH AAA O   
666 O O   . HOH D .  ? 0.3855 0.7343 0.4852 -0.0921 -0.0124 -0.0919 267 HOH AAA O   
667 O O   . HOH D .  ? 0.4095 0.3522 0.4423 0.0010  -0.0343 0.0152  268 HOH AAA O   
668 O O   . HOH D .  ? 0.2549 0.3812 0.4638 0.0155  -0.0182 0.0850  269 HOH AAA O   
669 O O   . HOH D .  ? 0.6303 0.6578 0.3859 0.0168  0.1064  0.0304  270 HOH AAA O   
670 O O   . HOH D .  ? 0.3167 0.3773 0.2920 0.0417  -0.0034 -0.0328 271 HOH AAA O   
671 O O   . HOH D .  ? 0.5318 0.6397 0.6965 -0.0525 -0.0008 -0.0168 272 HOH AAA O   
672 O O   . HOH D .  ? 0.4259 0.4332 0.5669 -0.1032 -0.0592 0.0856  273 HOH AAA O   
673 O O   . HOH D .  ? 0.7388 0.8409 0.4873 -0.2410 -0.1737 0.1778  274 HOH AAA O   
674 O O   . HOH D .  ? 0.3045 0.3275 0.5360 -0.0154 -0.0401 -0.1118 275 HOH AAA O   
675 O O   . HOH D .  ? 0.4293 0.5204 0.3784 -0.1255 -0.0820 0.1364  276 HOH AAA O   
676 O O   . HOH D .  ? 0.2998 0.2520 0.3172 0.0004  -0.0357 -0.0307 277 HOH AAA O   
677 O O   . HOH D .  ? 0.6978 0.5404 0.7628 -0.1409 -0.0856 -0.1783 278 HOH AAA O   
678 O O   . HOH D .  ? 0.4187 0.7394 0.4169 0.0751  0.0804  0.1860  279 HOH AAA O   
679 O O   . HOH D .  ? 0.6085 0.4974 0.6712 -0.1906 -0.0431 -0.0527 280 HOH AAA O   
680 O O   . HOH D .  ? 0.7297 0.5713 0.5420 -0.0679 0.2189  0.0195  281 HOH AAA O   
681 O O   . HOH D .  ? 0.5170 0.5063 0.5506 -0.0467 -0.0790 -0.0901 282 HOH AAA O   
682 O O   . HOH D .  ? 0.6646 0.4079 0.6115 0.0029  -0.2010 0.0107  283 HOH AAA O   
683 O O   . HOH D .  ? 0.6979 0.5130 0.2921 0.1921  0.0916  -0.0126 284 HOH AAA O   
684 O O   . HOH D .  ? 0.3518 0.4505 0.8207 -0.0323 0.0132  0.0922  285 HOH AAA O   
685 O O   . HOH D .  ? 0.2206 0.7878 0.5756 -0.0549 0.0685  0.1538  286 HOH AAA O   
686 O O   . HOH D .  ? 0.5530 0.5043 0.6427 0.2213  -0.0707 -0.1129 287 HOH AAA O   
687 O O   . HOH D .  ? 0.6155 0.2751 0.5994 -0.0541 -0.1042 0.0093  288 HOH AAA O   
688 O O   . HOH D .  ? 0.2549 0.5075 0.3276 -0.1261 0.0015  0.1111  289 HOH AAA O   
689 O O   . HOH D .  ? 0.5041 0.6324 0.5005 0.1103  -0.0432 -0.0630 290 HOH AAA O   
690 O O   . HOH D .  ? 0.4999 0.5899 0.3482 -0.0853 0.0409  0.0054  291 HOH AAA O   
691 O O   . HOH D .  ? 0.4804 0.2796 0.4170 -0.0220 -0.0313 -0.0568 292 HOH AAA O   
692 O O   . HOH D .  ? 0.3172 0.5428 0.5670 -0.0129 -0.0215 -0.0887 293 HOH AAA O   
693 O O   . HOH D .  ? 0.8904 0.8026 0.9190 0.0765  -0.0058 -0.3720 294 HOH AAA O   
694 O O   . HOH D .  ? 0.7871 0.7019 0.4160 -0.0885 0.1134  -0.0202 295 HOH AAA O   
695 O O   . HOH D .  ? 0.5910 0.3597 0.4243 0.0308  -0.0723 -0.0268 296 HOH AAA O   
696 O O   . HOH D .  ? 0.5446 0.3712 0.6312 0.1177  -0.0805 -0.0042 297 HOH AAA O   
697 O O   . HOH D .  ? 0.5410 0.7006 0.5563 -0.2115 0.1427  -0.1050 298 HOH AAA O   
698 O O   . HOH D .  ? 0.5315 0.3814 0.6260 0.1307  -0.0520 0.0610  299 HOH AAA O   
699 O O   . HOH D .  ? 0.7082 0.5543 0.4945 0.1457  0.1412  -0.0513 300 HOH AAA O   
700 O O   . HOH D .  ? 0.6383 0.6361 0.7626 -0.1669 -0.0050 0.1266  301 HOH AAA O   
701 O O   . HOH D .  ? 0.7229 0.6379 0.7202 0.0838  -0.0330 -0.0752 302 HOH AAA O   
702 O O   . HOH D .  ? 1.2965 0.6393 0.4622 -0.0025 0.2021  0.1483  303 HOH AAA O   
# 
